data_3FL8
#
_entry.id   3FL8
#
_cell.length_a   68.178
_cell.length_b   135.920
_cell.length_c   168.652
_cell.angle_alpha   90.00
_cell.angle_beta   90.00
_cell.angle_gamma   90.00
#
_symmetry.space_group_name_H-M   'P 21 21 21'
#
loop_
_entity.id
_entity.type
_entity.pdbx_description
1 polymer 'Dihydrofolate reductase'
2 non-polymer 'CALCIUM ION'
3 non-polymer 5-(3,4-dimethoxy-5-{(1E)-3-oxo-3-[(1S)-1-propylphthalazin-2(1H)-yl]prop-1-en-1-yl}benzyl)pyrimidine-2,4-diamine
4 water water
#
_entity_poly.entity_id   1
_entity_poly.type   'polypeptide(L)'
_entity_poly.pdbx_seq_one_letter_code
;MIVSFMVAMDENRVIGKDNNLPWRLPSELQYVKKTTMGHPLIMGRKNYEAIGRPLPGRRNIIVTRNEGYHVEGCEVAHSV
EEVFELCKNEEEIFIFGGAQIYDLFLPYVDKLYITKIHHAFEGDTFFPEMDMTNWKEVFVEKGLTDEKNPYTYYYHVYEK
QQLVPR
;
_entity_poly.pdbx_strand_id   A,B,C,D,E,F,G,H
#
# COMPACT_ATOMS: atom_id res chain seq x y z
N MET A 1 -10.12 55.64 0.07
CA MET A 1 -10.86 54.38 -0.08
C MET A 1 -10.95 53.69 1.27
N ILE A 2 -12.01 52.93 1.48
CA ILE A 2 -12.19 52.16 2.70
C ILE A 2 -11.53 50.79 2.57
N VAL A 3 -10.56 50.51 3.43
CA VAL A 3 -9.91 49.22 3.44
C VAL A 3 -10.56 48.32 4.47
N SER A 4 -11.23 47.27 4.02
CA SER A 4 -12.00 46.41 4.91
C SER A 4 -11.47 44.98 4.97
N PHE A 5 -11.37 44.44 6.19
CA PHE A 5 -11.06 43.01 6.35
C PHE A 5 -12.36 42.21 6.32
N MET A 6 -12.39 41.16 5.52
CA MET A 6 -13.53 40.26 5.51
C MET A 6 -13.03 38.93 6.02
N VAL A 7 -13.56 38.47 7.15
CA VAL A 7 -13.04 37.24 7.73
C VAL A 7 -14.10 36.40 8.46
N ALA A 8 -13.94 35.09 8.36
CA ALA A 8 -14.72 34.18 9.17
C ALA A 8 -13.74 33.35 9.97
N MET A 9 -13.94 33.28 11.27
CA MET A 9 -12.99 32.60 12.16
C MET A 9 -13.66 31.96 13.35
N ASP A 10 -13.01 30.97 13.94
CA ASP A 10 -13.62 30.27 15.08
C ASP A 10 -13.18 30.88 16.41
N GLU A 11 -13.43 30.17 17.50
CA GLU A 11 -13.19 30.68 18.85
C GLU A 11 -11.71 30.96 19.09
N ASN A 12 -10.85 30.29 18.35
CA ASN A 12 -9.40 30.46 18.50
C ASN A 12 -8.78 31.13 17.27
N ARG A 13 -9.61 31.81 16.48
CA ARG A 13 -9.15 32.58 15.33
C ARG A 13 -8.70 31.71 14.17
N VAL A 14 -9.05 30.44 14.20
CA VAL A 14 -8.79 29.61 13.04
C VAL A 14 -9.54 30.15 11.83
N ILE A 15 -8.82 30.26 10.71
CA ILE A 15 -9.44 30.69 9.46
C ILE A 15 -9.21 29.67 8.36
N GLY A 16 -8.50 28.59 8.67
CA GLY A 16 -8.21 27.58 7.68
C GLY A 16 -7.60 26.29 8.22
N LYS A 17 -7.80 25.21 7.48
CA LYS A 17 -7.18 23.92 7.78
C LYS A 17 -6.85 23.25 6.46
N ASP A 18 -5.60 22.85 6.29
CA ASP A 18 -5.16 22.20 5.07
C ASP A 18 -5.30 23.12 3.86
N ASN A 19 -5.91 24.29 4.08
CA ASN A 19 -6.11 25.27 3.03
C ASN A 19 -7.59 25.60 2.82
N ASN A 20 -8.46 24.71 3.28
CA ASN A 20 -9.88 24.91 3.15
C ASN A 20 -10.50 25.38 4.46
N LEU A 21 -11.81 25.63 4.43
CA LEU A 21 -12.54 26.01 5.62
C LEU A 21 -12.90 24.75 6.39
N PRO A 22 -12.62 24.73 7.70
CA PRO A 22 -12.94 23.57 8.55
C PRO A 22 -14.43 23.37 8.67
N TRP A 23 -15.20 24.38 8.28
CA TRP A 23 -16.64 24.34 8.41
C TRP A 23 -17.31 24.55 7.06
N ARG A 24 -18.59 24.21 6.97
CA ARG A 24 -19.34 24.48 5.76
C ARG A 24 -20.58 25.23 6.14
N LEU A 25 -20.59 26.52 5.87
CA LEU A 25 -21.72 27.36 6.19
C LEU A 25 -22.15 28.17 4.97
N PRO A 26 -22.94 27.56 4.07
CA PRO A 26 -23.41 28.20 2.84
C PRO A 26 -24.01 29.58 3.12
N SER A 27 -24.77 29.71 4.20
CA SER A 27 -25.39 30.97 4.53
C SER A 27 -24.35 32.05 4.85
N GLU A 28 -23.26 31.67 5.51
CA GLU A 28 -22.16 32.61 5.77
C GLU A 28 -21.60 33.14 4.44
N LEU A 29 -21.30 32.23 3.51
CA LEU A 29 -20.77 32.60 2.21
C LEU A 29 -21.72 33.51 1.44
N GLN A 30 -23.03 33.31 1.61
CA GLN A 30 -24.03 34.16 0.98
C GLN A 30 -23.97 35.55 1.58
N TYR A 31 -23.66 35.63 2.87
CA TYR A 31 -23.43 36.93 3.51
C TYR A 31 -22.21 37.61 2.89
N VAL A 32 -21.13 36.86 2.72
CA VAL A 32 -19.94 37.38 2.08
C VAL A 32 -20.32 37.95 0.70
N LYS A 33 -21.04 37.16 -0.09
CA LYS A 33 -21.42 37.58 -1.43
C LYS A 33 -22.25 38.86 -1.41
N LYS A 34 -23.23 38.93 -0.51
CA LYS A 34 -24.08 40.10 -0.40
C LYS A 34 -23.27 41.34 -0.03
N THR A 35 -22.38 41.18 0.94
CA THR A 35 -21.64 42.31 1.49
C THR A 35 -20.60 42.88 0.52
N THR A 36 -19.95 42.01 -0.25
CA THR A 36 -18.83 42.44 -1.09
C THR A 36 -19.24 42.76 -2.53
N MET A 37 -20.55 42.77 -2.78
CA MET A 37 -21.08 42.98 -4.12
C MET A 37 -20.68 44.34 -4.69
N GLY A 38 -20.01 44.32 -5.84
CA GLY A 38 -19.57 45.55 -6.50
C GLY A 38 -18.31 46.18 -5.92
N HIS A 39 -17.57 45.39 -5.15
CA HIS A 39 -16.31 45.84 -4.58
C HIS A 39 -15.24 44.81 -4.85
N PRO A 40 -13.99 45.26 -4.97
CA PRO A 40 -12.86 44.35 -5.19
C PRO A 40 -12.66 43.38 -4.04
N LEU A 41 -12.29 42.15 -4.38
CA LEU A 41 -11.86 41.15 -3.41
C LEU A 41 -10.36 40.99 -3.51
N ILE A 42 -9.65 41.20 -2.40
CA ILE A 42 -8.21 41.11 -2.43
C ILE A 42 -7.79 39.84 -1.70
N MET A 43 -7.08 38.95 -2.38
CA MET A 43 -6.70 37.69 -1.73
C MET A 43 -5.34 37.19 -2.15
N GLY A 44 -4.68 36.47 -1.26
CA GLY A 44 -3.41 35.83 -1.59
C GLY A 44 -3.63 34.69 -2.56
N ARG A 45 -2.55 34.24 -3.21
CA ARG A 45 -2.65 33.17 -4.18
C ARG A 45 -3.19 31.87 -3.57
N LYS A 46 -2.63 31.43 -2.46
CA LYS A 46 -3.11 30.21 -1.79
C LYS A 46 -4.62 30.28 -1.52
N ASN A 47 -5.04 31.44 -1.02
CA ASN A 47 -6.44 31.66 -0.68
C ASN A 47 -7.30 31.55 -1.93
N TYR A 48 -6.84 32.16 -3.02
CA TYR A 48 -7.61 32.09 -4.27
C TYR A 48 -7.70 30.67 -4.79
N GLU A 49 -6.61 29.92 -4.65
CA GLU A 49 -6.57 28.56 -5.18
C GLU A 49 -7.43 27.63 -4.34
N ALA A 50 -7.57 27.94 -3.05
CA ALA A 50 -8.46 27.18 -2.17
C ALA A 50 -9.93 27.34 -2.55
N ILE A 51 -10.28 28.49 -3.12
CA ILE A 51 -11.64 28.78 -3.55
C ILE A 51 -11.93 28.20 -4.93
N GLY A 52 -10.90 28.07 -5.77
CA GLY A 52 -11.04 27.38 -7.04
C GLY A 52 -11.39 28.24 -8.26
N ARG A 53 -12.28 29.20 -8.10
CA ARG A 53 -12.76 29.97 -9.24
C ARG A 53 -12.83 31.46 -8.92
N PRO A 54 -12.81 32.32 -9.97
CA PRO A 54 -13.09 33.73 -9.73
C PRO A 54 -14.50 33.88 -9.22
N LEU A 55 -14.67 34.62 -8.13
CA LEU A 55 -15.99 34.89 -7.61
C LEU A 55 -16.65 35.97 -8.47
N PRO A 56 -17.69 35.57 -9.23
CA PRO A 56 -18.33 36.43 -10.23
C PRO A 56 -18.85 37.73 -9.63
N GLY A 57 -18.88 38.79 -10.44
CA GLY A 57 -19.47 40.05 -10.03
C GLY A 57 -18.54 40.98 -9.26
N ARG A 58 -17.29 40.57 -9.12
CA ARG A 58 -16.30 41.40 -8.41
C ARG A 58 -14.96 41.38 -9.14
N ARG A 59 -14.20 42.47 -8.96
CA ARG A 59 -12.80 42.46 -9.34
C ARG A 59 -12.09 41.53 -8.38
N ASN A 60 -11.63 40.40 -8.88
CA ASN A 60 -10.81 39.51 -8.08
C ASN A 60 -9.36 39.90 -8.28
N ILE A 61 -8.73 40.38 -7.22
CA ILE A 61 -7.34 40.79 -7.29
C ILE A 61 -6.50 39.85 -6.46
N ILE A 62 -5.58 39.14 -7.13
CA ILE A 62 -4.75 38.15 -6.45
C ILE A 62 -3.37 38.72 -6.17
N VAL A 63 -2.95 38.59 -4.92
CA VAL A 63 -1.70 39.17 -4.45
C VAL A 63 -0.63 38.11 -4.36
N THR A 64 0.44 38.27 -5.16
CA THR A 64 1.56 37.34 -5.13
C THR A 64 2.87 38.01 -5.51
N ARG A 65 3.95 37.56 -4.88
CA ARG A 65 5.29 38.05 -5.16
C ARG A 65 5.75 37.63 -6.57
N ASN A 66 5.14 36.57 -7.09
CA ASN A 66 5.51 35.99 -8.37
C ASN A 66 5.10 36.85 -9.57
N GLU A 67 6.09 37.50 -10.19
CA GLU A 67 5.84 38.42 -11.29
C GLU A 67 5.26 37.75 -12.53
N GLY A 68 5.41 36.43 -12.63
CA GLY A 68 4.92 35.69 -13.77
C GLY A 68 3.51 35.14 -13.62
N TYR A 69 3.00 35.15 -12.40
CA TYR A 69 1.68 34.61 -12.12
C TYR A 69 0.57 35.32 -12.87
N HIS A 70 -0.25 34.55 -13.57
CA HIS A 70 -1.44 35.07 -14.22
C HIS A 70 -2.59 34.08 -14.13
N VAL A 71 -3.81 34.59 -14.09
CA VAL A 71 -4.99 33.72 -14.10
C VAL A 71 -6.20 34.41 -14.72
N GLU A 72 -6.85 33.70 -15.62
CA GLU A 72 -7.99 34.18 -16.36
C GLU A 72 -9.06 34.82 -15.47
N GLY A 73 -9.53 36.00 -15.86
CA GLY A 73 -10.63 36.64 -15.16
C GLY A 73 -10.23 37.30 -13.85
N CYS A 74 -8.94 37.30 -13.56
CA CYS A 74 -8.41 37.94 -12.35
C CYS A 74 -7.29 38.94 -12.67
N GLU A 75 -7.17 39.97 -11.85
CA GLU A 75 -6.01 40.83 -11.93
C GLU A 75 -4.98 40.34 -10.93
N VAL A 76 -3.72 40.68 -11.14
CA VAL A 76 -2.66 40.29 -10.23
C VAL A 76 -1.84 41.50 -9.76
N ALA A 77 -1.66 41.58 -8.45
CA ALA A 77 -0.81 42.61 -7.85
C ALA A 77 0.32 41.93 -7.09
N HIS A 78 1.43 42.63 -6.93
CA HIS A 78 2.62 42.03 -6.34
C HIS A 78 3.04 42.75 -5.06
N SER A 79 2.23 43.69 -4.61
CA SER A 79 2.53 44.50 -3.43
C SER A 79 1.32 45.30 -3.02
N VAL A 80 1.36 45.82 -1.80
CA VAL A 80 0.31 46.69 -1.31
C VAL A 80 0.19 47.90 -2.23
N GLU A 81 1.34 48.50 -2.54
CA GLU A 81 1.41 49.65 -3.43
C GLU A 81 0.64 49.38 -4.72
N GLU A 82 0.88 48.22 -5.33
CA GLU A 82 0.19 47.89 -6.58
C GLU A 82 -1.31 47.72 -6.38
N VAL A 83 -1.71 47.15 -5.24
CA VAL A 83 -3.13 46.99 -4.94
C VAL A 83 -3.81 48.34 -4.83
N PHE A 84 -3.19 49.27 -4.09
CA PHE A 84 -3.77 50.60 -3.95
C PHE A 84 -3.82 51.34 -5.28
N GLU A 85 -2.81 51.13 -6.12
CA GLU A 85 -2.81 51.71 -7.46
C GLU A 85 -3.99 51.17 -8.26
N LEU A 86 -4.12 49.85 -8.29
CA LEU A 86 -5.21 49.20 -9.00
C LEU A 86 -6.59 49.66 -8.53
N CYS A 87 -6.75 49.89 -7.22
CA CYS A 87 -8.04 50.26 -6.66
C CYS A 87 -8.13 51.77 -6.41
N LYS A 88 -7.25 52.49 -7.10
CA LYS A 88 -7.19 53.94 -7.13
C LYS A 88 -8.54 54.62 -6.89
N ASN A 89 -9.54 54.21 -7.66
CA ASN A 89 -10.84 54.89 -7.64
C ASN A 89 -11.95 54.20 -6.82
N GLU A 90 -11.60 53.09 -6.17
CA GLU A 90 -12.59 52.30 -5.46
C GLU A 90 -13.07 52.97 -4.17
N GLU A 91 -14.34 52.80 -3.88
CA GLU A 91 -14.94 53.31 -2.65
C GLU A 91 -14.55 52.43 -1.44
N GLU A 92 -14.47 51.11 -1.66
CA GLU A 92 -14.19 50.16 -0.60
C GLU A 92 -13.64 48.86 -1.19
N ILE A 93 -12.62 48.30 -0.53
CA ILE A 93 -12.08 47.01 -0.95
C ILE A 93 -12.07 46.04 0.23
N PHE A 94 -12.12 44.75 -0.08
CA PHE A 94 -12.21 43.72 0.93
C PHE A 94 -11.01 42.80 0.91
N ILE A 95 -10.18 42.89 1.93
CA ILE A 95 -9.06 42.01 2.08
C ILE A 95 -9.64 40.67 2.49
N PHE A 96 -9.49 39.67 1.63
CA PHE A 96 -10.26 38.43 1.76
C PHE A 96 -9.46 37.36 2.43
N GLY A 97 -8.22 37.69 2.75
CA GLY A 97 -7.45 36.78 3.55
C GLY A 97 -6.31 36.05 2.88
N GLY A 98 -5.83 35.07 3.64
CA GLY A 98 -4.44 34.74 3.71
C GLY A 98 -4.04 35.49 4.97
N ALA A 99 -3.68 34.76 6.02
CA ALA A 99 -3.17 35.40 7.24
C ALA A 99 -2.14 36.48 6.89
N GLN A 100 -1.21 36.14 5.98
CA GLN A 100 -0.12 37.03 5.60
C GLN A 100 -0.64 38.26 4.86
N ILE A 101 -1.71 38.08 4.09
CA ILE A 101 -2.36 39.18 3.38
C ILE A 101 -3.03 40.16 4.36
N TYR A 102 -3.60 39.63 5.45
CA TYR A 102 -4.17 40.49 6.48
C TYR A 102 -3.04 41.29 7.09
N ASP A 103 -1.90 40.64 7.34
CA ASP A 103 -0.77 41.32 7.96
C ASP A 103 -0.28 42.46 7.08
N LEU A 104 -0.22 42.24 5.78
CA LEU A 104 0.21 43.29 4.85
C LEU A 104 -0.69 44.52 4.89
N PHE A 105 -1.99 44.33 5.08
CA PHE A 105 -2.92 45.45 5.00
C PHE A 105 -3.31 46.04 6.36
N LEU A 106 -2.79 45.43 7.41
CA LEU A 106 -3.05 45.86 8.79
C LEU A 106 -2.84 47.37 9.02
N PRO A 107 -1.77 47.95 8.44
CA PRO A 107 -1.51 49.36 8.73
C PRO A 107 -2.55 50.30 8.11
N TYR A 108 -3.38 49.76 7.21
CA TYR A 108 -4.29 50.59 6.44
C TYR A 108 -5.77 50.29 6.71
N VAL A 109 -6.04 49.26 7.51
CA VAL A 109 -7.40 48.76 7.67
C VAL A 109 -8.31 49.80 8.34
N ASP A 110 -9.51 49.96 7.82
CA ASP A 110 -10.48 50.93 8.34
C ASP A 110 -11.74 50.29 8.93
N LYS A 111 -12.05 49.09 8.48
CA LYS A 111 -13.31 48.46 8.81
C LYS A 111 -13.15 46.94 8.90
N LEU A 112 -13.76 46.33 9.91
CA LEU A 112 -13.66 44.90 10.10
C LEU A 112 -15.01 44.20 9.98
N TYR A 113 -15.11 43.28 9.03
CA TYR A 113 -16.27 42.41 8.93
C TYR A 113 -15.86 41.03 9.38
N ILE A 114 -16.21 40.69 10.61
CA ILE A 114 -15.74 39.46 11.23
C ILE A 114 -16.87 38.53 11.61
N THR A 115 -16.90 37.35 11.00
CA THR A 115 -17.85 36.32 11.39
C THR A 115 -17.20 35.46 12.46
N LYS A 116 -17.80 35.42 13.64
CA LYS A 116 -17.26 34.61 14.74
C LYS A 116 -18.06 33.32 14.92
N ILE A 117 -17.43 32.19 14.64
CA ILE A 117 -18.09 30.89 14.76
C ILE A 117 -17.85 30.31 16.14
N HIS A 118 -18.93 30.05 16.87
CA HIS A 118 -18.84 29.58 18.26
C HIS A 118 -18.53 28.08 18.39
N HIS A 119 -17.33 27.70 17.95
CA HIS A 119 -16.90 26.32 17.98
C HIS A 119 -15.38 26.28 17.83
N ALA A 120 -14.77 25.19 18.28
CA ALA A 120 -13.33 25.04 18.17
C ALA A 120 -12.98 23.97 17.15
N PHE A 121 -12.48 24.38 15.99
CA PHE A 121 -12.10 23.45 14.94
C PHE A 121 -10.62 23.12 14.99
N GLU A 122 -10.24 22.17 14.16
CA GLU A 122 -8.85 21.87 13.89
C GLU A 122 -8.39 22.82 12.79
N GLY A 123 -7.36 23.62 13.05
CA GLY A 123 -6.88 24.55 12.04
C GLY A 123 -5.37 24.71 12.06
N ASP A 124 -4.82 25.27 10.99
CA ASP A 124 -3.38 25.48 10.91
C ASP A 124 -3.01 26.93 10.55
N THR A 125 -4.02 27.75 10.30
CA THR A 125 -3.78 29.14 9.99
C THR A 125 -4.78 30.03 10.74
N PHE A 126 -4.34 31.22 11.14
CA PHE A 126 -5.11 32.04 12.07
C PHE A 126 -5.27 33.51 11.68
N PHE A 127 -6.36 34.12 12.13
CA PHE A 127 -6.54 35.54 11.97
C PHE A 127 -5.68 36.22 13.02
N PRO A 128 -4.72 37.04 12.58
CA PRO A 128 -3.76 37.67 13.50
C PRO A 128 -4.46 38.42 14.63
N GLU A 129 -3.85 38.44 15.80
CA GLU A 129 -4.40 39.17 16.94
C GLU A 129 -4.61 40.64 16.58
N MET A 130 -5.62 41.27 17.18
CA MET A 130 -5.81 42.70 17.00
C MET A 130 -6.25 43.32 18.30
N ASP A 131 -5.75 44.53 18.57
CA ASP A 131 -6.17 45.29 19.74
C ASP A 131 -7.54 45.91 19.48
N MET A 132 -8.58 45.28 20.02
CA MET A 132 -9.95 45.69 19.71
C MET A 132 -10.39 46.94 20.47
N THR A 133 -9.56 47.44 21.38
CA THR A 133 -9.95 48.64 22.12
C THR A 133 -9.89 49.85 21.21
N ASN A 134 -9.25 49.69 20.06
CA ASN A 134 -9.25 50.74 19.03
C ASN A 134 -10.48 50.67 18.13
N TRP A 135 -11.30 49.63 18.34
CA TRP A 135 -12.42 49.36 17.45
C TRP A 135 -13.78 49.46 18.12
N LYS A 136 -14.79 49.83 17.35
CA LYS A 136 -16.13 50.02 17.86
C LYS A 136 -17.12 49.20 17.05
N GLU A 137 -17.95 48.41 17.72
CA GLU A 137 -18.95 47.62 17.01
C GLU A 137 -20.09 48.50 16.50
N VAL A 138 -20.36 48.46 15.22
CA VAL A 138 -21.46 49.23 14.63
C VAL A 138 -22.63 48.34 14.19
N PHE A 139 -22.39 47.03 14.07
CA PHE A 139 -23.44 46.10 13.69
C PHE A 139 -23.13 44.70 14.16
N VAL A 140 -24.17 43.98 14.57
CA VAL A 140 -24.05 42.59 14.93
C VAL A 140 -25.32 41.86 14.50
N GLU A 141 -25.18 40.59 14.11
CA GLU A 141 -26.34 39.79 13.73
C GLU A 141 -26.04 38.31 13.86
N LYS A 142 -26.94 37.57 14.50
CA LYS A 142 -26.80 36.12 14.63
C LYS A 142 -27.04 35.46 13.29
N GLY A 143 -26.10 34.61 12.90
CA GLY A 143 -26.20 33.92 11.64
C GLY A 143 -27.27 32.86 11.70
N LEU A 144 -27.68 32.38 10.52
CA LEU A 144 -28.69 31.35 10.41
C LEU A 144 -28.07 29.99 10.70
N THR A 145 -28.55 29.34 11.76
CA THR A 145 -28.12 27.99 12.11
C THR A 145 -29.24 26.99 11.82
N ASP A 146 -28.93 25.98 11.00
CA ASP A 146 -29.92 24.99 10.57
C ASP A 146 -29.25 23.73 10.00
N GLU A 147 -30.01 22.90 9.29
CA GLU A 147 -29.50 21.63 8.76
C GLU A 147 -28.23 21.81 7.91
N LYS A 148 -28.25 22.83 7.06
CA LYS A 148 -27.14 23.14 6.16
C LYS A 148 -26.05 24.01 6.80
N ASN A 149 -26.34 24.62 7.94
CA ASN A 149 -25.40 25.48 8.62
C ASN A 149 -25.34 25.11 10.09
N PRO A 150 -24.61 24.04 10.40
CA PRO A 150 -24.77 23.35 11.70
C PRO A 150 -24.36 24.22 12.88
N TYR A 151 -23.32 25.02 12.72
CA TYR A 151 -22.77 25.77 13.83
C TYR A 151 -23.49 27.07 14.17
N THR A 152 -23.21 27.58 15.35
CA THR A 152 -23.71 28.86 15.78
C THR A 152 -22.64 29.90 15.49
N TYR A 153 -23.04 31.03 14.94
CA TYR A 153 -22.07 32.03 14.50
C TYR A 153 -22.75 33.37 14.32
N TYR A 154 -21.94 34.43 14.35
CA TYR A 154 -22.42 35.81 14.40
C TYR A 154 -21.62 36.72 13.44
N TYR A 155 -22.34 37.58 12.71
CA TYR A 155 -21.69 38.61 11.88
C TYR A 155 -21.43 39.81 12.76
N HIS A 156 -20.17 40.26 12.80
CA HIS A 156 -19.83 41.49 13.50
C HIS A 156 -19.15 42.46 12.55
N VAL A 157 -19.43 43.75 12.71
CA VAL A 157 -18.77 44.82 11.95
C VAL A 157 -18.24 45.89 12.88
N TYR A 158 -16.95 46.21 12.69
CA TYR A 158 -16.26 47.19 13.53
C TYR A 158 -15.69 48.35 12.71
N GLU A 159 -15.84 49.56 13.26
CA GLU A 159 -15.14 50.74 12.75
C GLU A 159 -14.17 51.25 13.83
N LYS A 160 -13.30 52.19 13.45
CA LYS A 160 -12.28 52.69 14.35
C LYS A 160 -12.85 53.53 15.49
N GLN A 161 -12.33 53.31 16.69
CA GLN A 161 -12.72 54.07 17.86
C GLN A 161 -12.16 55.46 17.60
N GLN A 162 -12.96 56.48 17.83
CA GLN A 162 -12.57 57.83 17.44
C GLN A 162 -11.54 58.53 18.36
N LEU A 163 -11.67 58.32 19.67
CA LEU A 163 -10.76 58.95 20.65
C LEU A 163 -11.06 60.43 21.02
N VAL A 164 -11.31 60.65 22.30
CA VAL A 164 -11.61 61.98 22.82
C VAL A 164 -10.34 62.64 23.36
N PRO A 165 -9.96 63.79 22.79
CA PRO A 165 -8.72 64.52 23.15
C PRO A 165 -8.62 64.90 24.63
N ARG A 166 -7.39 65.01 25.12
CA ARG A 166 -7.15 65.38 26.51
C ARG A 166 -7.34 66.88 26.69
N MET B 1 -6.16 -8.07 -11.32
CA MET B 1 -6.02 -6.66 -11.03
C MET B 1 -4.58 -6.29 -10.67
N ILE B 2 -3.99 -5.43 -11.48
CA ILE B 2 -2.65 -4.93 -11.19
C ILE B 2 -2.73 -3.75 -10.24
N VAL B 3 -2.14 -3.90 -9.05
CA VAL B 3 -2.07 -2.79 -8.10
C VAL B 3 -0.74 -2.05 -8.26
N SER B 4 -0.81 -0.79 -8.69
CA SER B 4 0.39 -0.02 -9.01
C SER B 4 0.57 1.19 -8.11
N PHE B 5 1.77 1.38 -7.60
CA PHE B 5 2.08 2.62 -6.91
C PHE B 5 2.53 3.66 -7.94
N MET B 6 1.98 4.86 -7.86
CA MET B 6 2.42 5.97 -8.69
C MET B 6 3.00 7.01 -7.76
N VAL B 7 4.30 7.27 -7.88
CA VAL B 7 4.92 8.20 -6.95
C VAL B 7 6.03 9.06 -7.55
N ALA B 8 6.13 10.28 -7.06
CA ALA B 8 7.25 11.14 -7.39
C ALA B 8 7.91 11.52 -6.08
N MET B 9 9.23 11.34 -5.98
CA MET B 9 9.93 11.59 -4.73
C MET B 9 11.35 12.08 -4.97
N ASP B 10 11.93 12.72 -3.95
CA ASP B 10 13.28 13.23 -4.08
C ASP B 10 14.33 12.23 -3.56
N GLU B 11 15.55 12.70 -3.39
CA GLU B 11 16.67 11.85 -3.01
C GLU B 11 16.46 11.21 -1.65
N ASN B 12 15.63 11.83 -0.82
CA ASN B 12 15.38 11.33 0.53
C ASN B 12 13.94 10.84 0.69
N ARG B 13 13.28 10.58 -0.44
CA ARG B 13 11.92 10.01 -0.45
C ARG B 13 10.86 11.01 -0.03
N VAL B 14 11.21 12.29 -0.06
CA VAL B 14 10.21 13.29 0.20
C VAL B 14 9.14 13.23 -0.89
N ILE B 15 7.87 13.23 -0.48
CA ILE B 15 6.77 13.23 -1.44
C ILE B 15 5.84 14.43 -1.20
N GLY B 16 6.12 15.18 -0.15
CA GLY B 16 5.29 16.33 0.16
C GLY B 16 5.88 17.28 1.18
N LYS B 17 5.46 18.52 1.08
CA LYS B 17 5.81 19.53 2.09
C LYS B 17 4.57 20.31 2.41
N ASP B 18 4.29 20.34 3.72
CA ASP B 18 3.02 20.77 4.27
C ASP B 18 1.92 19.89 3.68
N ASN B 19 1.58 20.12 2.42
CA ASN B 19 0.54 19.35 1.77
C ASN B 19 0.59 19.56 0.27
N ASN B 20 1.69 20.11 -0.20
CA ASN B 20 1.90 20.26 -1.62
C ASN B 20 3.23 19.64 -2.06
N LEU B 21 3.49 19.68 -3.36
CA LEU B 21 4.75 19.22 -3.90
C LEU B 21 5.80 20.32 -3.74
N PRO B 22 6.96 19.99 -3.19
CA PRO B 22 8.06 20.95 -3.00
C PRO B 22 8.61 21.45 -4.34
N TRP B 23 8.27 20.75 -5.42
CA TRP B 23 8.80 21.08 -6.73
C TRP B 23 7.65 21.33 -7.69
N ARG B 24 7.95 21.97 -8.82
CA ARG B 24 6.94 22.15 -9.85
C ARG B 24 7.47 21.60 -11.15
N LEU B 25 6.97 20.44 -11.54
CA LEU B 25 7.44 19.81 -12.77
C LEU B 25 6.25 19.43 -13.64
N PRO B 26 5.74 20.39 -14.42
CA PRO B 26 4.58 20.19 -15.29
C PRO B 26 4.74 18.94 -16.16
N SER B 27 5.95 18.74 -16.65
CA SER B 27 6.20 17.61 -17.51
C SER B 27 6.03 16.28 -16.77
N GLU B 28 6.43 16.23 -15.50
CA GLU B 28 6.25 15.04 -14.67
C GLU B 28 4.76 14.72 -14.54
N LEU B 29 3.96 15.72 -14.22
CA LEU B 29 2.50 15.57 -14.11
C LEU B 29 1.86 15.12 -15.41
N GLN B 30 2.41 15.55 -16.54
CA GLN B 30 1.93 15.11 -17.84
C GLN B 30 2.24 13.63 -18.05
N TYR B 31 3.35 13.18 -17.49
CA TYR B 31 3.67 11.76 -17.51
C TYR B 31 2.64 10.99 -16.67
N VAL B 32 2.36 11.49 -15.48
CA VAL B 32 1.32 10.91 -14.65
C VAL B 32 0.02 10.78 -15.43
N LYS B 33 -0.38 11.85 -16.10
CA LYS B 33 -1.64 11.86 -16.83
C LYS B 33 -1.64 10.82 -17.94
N LYS B 34 -0.55 10.77 -18.71
CA LYS B 34 -0.45 9.81 -19.78
C LYS B 34 -0.51 8.37 -19.25
N THR B 35 0.21 8.11 -18.17
CA THR B 35 0.36 6.75 -17.66
C THR B 35 -0.93 6.21 -17.05
N THR B 36 -1.67 7.09 -16.36
CA THR B 36 -2.86 6.66 -15.62
C THR B 36 -4.17 6.80 -16.40
N MET B 37 -4.11 7.16 -17.67
CA MET B 37 -5.32 7.38 -18.45
C MET B 37 -6.17 6.11 -18.62
N GLY B 38 -7.42 6.20 -18.18
CA GLY B 38 -8.34 5.08 -18.29
C GLY B 38 -8.23 4.09 -17.14
N HIS B 39 -7.55 4.50 -16.07
CA HIS B 39 -7.41 3.66 -14.89
C HIS B 39 -7.74 4.46 -13.64
N PRO B 40 -8.28 3.79 -12.62
CA PRO B 40 -8.61 4.44 -11.36
C PRO B 40 -7.41 5.05 -10.65
N LEU B 41 -7.62 6.22 -10.07
CA LEU B 41 -6.64 6.84 -9.19
C LEU B 41 -7.12 6.67 -7.77
N ILE B 42 -6.30 6.05 -6.93
CA ILE B 42 -6.67 5.84 -5.54
C ILE B 42 -5.85 6.78 -4.65
N MET B 43 -6.52 7.68 -3.92
CA MET B 43 -5.80 8.61 -3.07
C MET B 43 -6.47 8.87 -1.73
N GLY B 44 -5.66 9.21 -0.74
CA GLY B 44 -6.20 9.61 0.54
C GLY B 44 -6.88 10.97 0.44
N ARG B 45 -7.68 11.30 1.45
CA ARG B 45 -8.41 12.56 1.44
C ARG B 45 -7.47 13.78 1.40
N LYS B 46 -6.49 13.84 2.29
CA LYS B 46 -5.50 14.94 2.30
C LYS B 46 -4.86 15.14 0.93
N ASN B 47 -4.41 14.02 0.34
CA ASN B 47 -3.82 14.05 -0.99
C ASN B 47 -4.77 14.62 -2.04
N TYR B 48 -6.03 14.20 -2.00
CA TYR B 48 -7.00 14.71 -2.96
C TYR B 48 -7.23 16.20 -2.77
N GLU B 49 -7.31 16.64 -1.51
CA GLU B 49 -7.54 18.04 -1.24
C GLU B 49 -6.35 18.92 -1.63
N ALA B 50 -5.15 18.36 -1.57
CA ALA B 50 -3.94 19.05 -2.01
C ALA B 50 -3.96 19.33 -3.50
N ILE B 51 -4.61 18.44 -4.25
CA ILE B 51 -4.71 18.55 -5.71
C ILE B 51 -5.84 19.49 -6.12
N GLY B 52 -6.87 19.57 -5.29
CA GLY B 52 -7.93 20.55 -5.49
C GLY B 52 -9.13 20.11 -6.30
N ARG B 53 -8.92 19.35 -7.37
CA ARG B 53 -10.01 19.00 -8.27
C ARG B 53 -9.95 17.53 -8.66
N PRO B 54 -11.09 16.96 -9.09
CA PRO B 54 -11.04 15.63 -9.69
C PRO B 54 -10.20 15.68 -10.96
N LEU B 55 -9.27 14.75 -11.10
CA LEU B 55 -8.46 14.66 -12.32
C LEU B 55 -9.31 13.98 -13.38
N PRO B 56 -9.68 14.75 -14.41
CA PRO B 56 -10.62 14.32 -15.45
C PRO B 56 -10.13 13.07 -16.17
N GLY B 57 -11.07 12.26 -16.64
CA GLY B 57 -10.75 11.10 -17.45
C GLY B 57 -10.42 9.85 -16.65
N ARG B 58 -10.53 9.92 -15.34
CA ARG B 58 -10.28 8.75 -14.50
C ARG B 58 -11.30 8.64 -13.37
N ARG B 59 -11.56 7.41 -12.93
CA ARG B 59 -12.27 7.19 -11.68
C ARG B 59 -11.36 7.69 -10.57
N ASN B 60 -11.79 8.77 -9.91
CA ASN B 60 -11.10 9.26 -8.75
C ASN B 60 -11.73 8.62 -7.51
N ILE B 61 -10.97 7.78 -6.83
CA ILE B 61 -11.47 7.09 -5.65
C ILE B 61 -10.72 7.62 -4.43
N ILE B 62 -11.47 8.23 -3.52
CA ILE B 62 -10.88 8.84 -2.34
C ILE B 62 -11.05 7.92 -1.14
N VAL B 63 -9.96 7.67 -0.43
CA VAL B 63 -9.95 6.74 0.67
C VAL B 63 -9.95 7.49 2.00
N THR B 64 -10.99 7.29 2.80
CA THR B 64 -11.10 7.93 4.10
C THR B 64 -11.92 7.09 5.05
N ARG B 65 -11.56 7.16 6.33
CA ARG B 65 -12.25 6.45 7.38
C ARG B 65 -13.63 7.07 7.65
N ASN B 66 -13.78 8.34 7.28
CA ASN B 66 -14.99 9.11 7.52
C ASN B 66 -16.17 8.67 6.63
N GLU B 67 -17.16 8.01 7.26
CA GLU B 67 -18.30 7.43 6.54
C GLU B 67 -19.24 8.46 5.95
N GLY B 68 -19.13 9.70 6.42
CA GLY B 68 -19.95 10.78 5.89
C GLY B 68 -19.33 11.56 4.74
N TYR B 69 -18.02 11.39 4.52
CA TYR B 69 -17.32 12.11 3.48
C TYR B 69 -17.87 11.85 2.08
N HIS B 70 -18.19 12.94 1.37
CA HIS B 70 -18.57 12.86 -0.04
C HIS B 70 -18.02 14.04 -0.82
N VAL B 71 -17.75 13.82 -2.10
CA VAL B 71 -17.30 14.90 -2.97
C VAL B 71 -17.70 14.62 -4.42
N GLU B 72 -18.36 15.59 -5.03
CA GLU B 72 -18.91 15.41 -6.37
C GLU B 72 -17.83 14.91 -7.34
N GLY B 73 -18.24 14.05 -8.26
CA GLY B 73 -17.34 13.58 -9.30
C GLY B 73 -16.33 12.56 -8.83
N CYS B 74 -16.37 12.24 -7.53
CA CYS B 74 -15.47 11.24 -6.95
C CYS B 74 -16.24 10.11 -6.27
N GLU B 75 -15.65 8.92 -6.25
CA GLU B 75 -16.19 7.86 -5.41
C GLU B 75 -15.42 7.81 -4.10
N VAL B 76 -16.04 7.30 -3.05
CA VAL B 76 -15.38 7.23 -1.76
C VAL B 76 -15.33 5.80 -1.22
N ALA B 77 -14.15 5.38 -0.79
CA ALA B 77 -13.97 4.09 -0.14
C ALA B 77 -13.43 4.30 1.27
N HIS B 78 -13.74 3.36 2.16
CA HIS B 78 -13.38 3.51 3.57
C HIS B 78 -12.42 2.43 4.04
N SER B 79 -11.94 1.62 3.11
CA SER B 79 -11.04 0.53 3.44
C SER B 79 -10.48 -0.10 2.17
N VAL B 80 -9.41 -0.87 2.34
CA VAL B 80 -8.81 -1.57 1.23
C VAL B 80 -9.85 -2.47 0.56
N GLU B 81 -10.57 -3.21 1.40
CA GLU B 81 -11.64 -4.10 0.96
C GLU B 81 -12.63 -3.36 0.04
N GLU B 82 -13.08 -2.19 0.47
CA GLU B 82 -14.01 -1.41 -0.36
C GLU B 82 -13.38 -0.97 -1.68
N VAL B 83 -12.10 -0.61 -1.64
CA VAL B 83 -11.40 -0.24 -2.87
C VAL B 83 -11.38 -1.42 -3.84
N PHE B 84 -11.04 -2.59 -3.32
CA PHE B 84 -10.94 -3.77 -4.20
C PHE B 84 -12.31 -4.16 -4.73
N GLU B 85 -13.35 -3.95 -3.93
CA GLU B 85 -14.72 -4.18 -4.37
C GLU B 85 -15.05 -3.22 -5.49
N LEU B 86 -14.81 -1.93 -5.25
CA LEU B 86 -15.08 -0.92 -6.26
C LEU B 86 -14.36 -1.15 -7.58
N CYS B 87 -13.12 -1.66 -7.51
CA CYS B 87 -12.29 -1.86 -8.69
C CYS B 87 -12.31 -3.31 -9.16
N LYS B 88 -13.33 -4.01 -8.70
CA LYS B 88 -13.63 -5.40 -9.03
C LYS B 88 -13.18 -5.80 -10.42
N ASN B 89 -13.55 -4.99 -11.41
CA ASN B 89 -13.33 -5.35 -12.81
C ASN B 89 -12.15 -4.65 -13.49
N GLU B 90 -11.42 -3.85 -12.73
CA GLU B 90 -10.33 -3.07 -13.30
C GLU B 90 -9.10 -3.89 -13.65
N GLU B 91 -8.46 -3.53 -14.75
CA GLU B 91 -7.24 -4.19 -15.20
C GLU B 91 -6.04 -3.71 -14.37
N GLU B 92 -6.03 -2.43 -14.00
CA GLU B 92 -4.94 -1.83 -13.24
C GLU B 92 -5.39 -0.57 -12.48
N ILE B 93 -4.96 -0.45 -11.23
CA ILE B 93 -5.26 0.75 -10.45
C ILE B 93 -3.97 1.40 -9.93
N PHE B 94 -4.03 2.70 -9.71
CA PHE B 94 -2.87 3.46 -9.31
C PHE B 94 -3.05 4.09 -7.94
N ILE B 95 -2.34 3.56 -6.96
CA ILE B 95 -2.30 4.15 -5.65
C ILE B 95 -1.52 5.46 -5.75
N PHE B 96 -2.21 6.57 -5.52
CA PHE B 96 -1.68 7.86 -5.90
C PHE B 96 -1.06 8.56 -4.71
N GLY B 97 -1.14 7.92 -3.57
CA GLY B 97 -0.42 8.44 -2.43
C GLY B 97 -1.22 9.07 -1.29
N GLY B 98 -0.44 9.68 -0.43
CA GLY B 98 -0.68 9.66 0.99
C GLY B 98 0.27 8.56 1.40
N ALA B 99 1.30 8.91 2.17
CA ALA B 99 2.19 7.91 2.73
C ALA B 99 1.39 6.76 3.34
N GLN B 100 0.38 7.11 4.13
CA GLN B 100 -0.44 6.11 4.83
C GLN B 100 -1.19 5.21 3.85
N ILE B 101 -1.63 5.79 2.74
CA ILE B 101 -2.34 5.05 1.70
C ILE B 101 -1.39 4.04 1.03
N TYR B 102 -0.13 4.44 0.81
CA TYR B 102 0.84 3.50 0.28
C TYR B 102 0.99 2.35 1.26
N ASP B 103 1.07 2.66 2.55
CA ASP B 103 1.24 1.61 3.55
C ASP B 103 0.08 0.62 3.54
N LEU B 104 -1.14 1.14 3.36
CA LEU B 104 -2.32 0.27 3.31
C LEU B 104 -2.27 -0.71 2.15
N PHE B 105 -1.73 -0.29 1.01
CA PHE B 105 -1.74 -1.14 -0.18
C PHE B 105 -0.45 -1.95 -0.40
N LEU B 106 0.53 -1.74 0.47
CA LEU B 106 1.83 -2.40 0.39
C LEU B 106 1.73 -3.93 0.24
N PRO B 107 0.79 -4.57 0.97
CA PRO B 107 0.74 -6.03 0.87
C PRO B 107 0.24 -6.52 -0.50
N TYR B 108 -0.27 -5.61 -1.32
CA TYR B 108 -0.92 -6.01 -2.57
C TYR B 108 -0.22 -5.47 -3.81
N VAL B 109 0.83 -4.69 -3.62
CA VAL B 109 1.37 -3.93 -4.73
C VAL B 109 2.08 -4.86 -5.73
N ASP B 110 1.85 -4.62 -7.02
CA ASP B 110 2.44 -5.45 -8.07
C ASP B 110 3.45 -4.71 -8.95
N LYS B 111 3.35 -3.39 -8.98
CA LYS B 111 4.08 -2.60 -9.96
C LYS B 111 4.39 -1.23 -9.39
N LEU B 112 5.61 -0.75 -9.60
CA LEU B 112 6.03 0.55 -9.08
C LEU B 112 6.36 1.52 -10.20
N TYR B 113 5.65 2.65 -10.23
CA TYR B 113 5.98 3.75 -11.12
C TYR B 113 6.55 4.86 -10.26
N ILE B 114 7.87 5.00 -10.26
CA ILE B 114 8.55 5.91 -9.36
C ILE B 114 9.36 6.94 -10.13
N THR B 115 9.01 8.22 -9.96
CA THR B 115 9.82 9.30 -10.47
C THR B 115 10.81 9.74 -9.39
N LYS B 116 12.10 9.66 -9.71
CA LYS B 116 13.14 10.01 -8.75
C LYS B 116 13.74 11.34 -9.13
N ILE B 117 13.54 12.34 -8.28
CA ILE B 117 14.05 13.68 -8.54
C ILE B 117 15.38 13.84 -7.85
N HIS B 118 16.41 14.19 -8.62
CA HIS B 118 17.79 14.28 -8.13
C HIS B 118 18.07 15.60 -7.42
N HIS B 119 17.42 15.81 -6.31
CA HIS B 119 17.58 17.02 -5.51
C HIS B 119 17.03 16.76 -4.11
N ALA B 120 17.46 17.56 -3.14
CA ALA B 120 17.03 17.40 -1.76
C ALA B 120 16.17 18.58 -1.34
N PHE B 121 14.87 18.34 -1.23
CA PHE B 121 13.94 19.40 -0.85
C PHE B 121 13.67 19.37 0.64
N GLU B 122 12.93 20.38 1.08
CA GLU B 122 12.37 20.43 2.42
C GLU B 122 11.03 19.69 2.35
N GLY B 123 10.88 18.62 3.14
CA GLY B 123 9.62 17.89 3.16
C GLY B 123 9.22 17.39 4.53
N ASP B 124 7.96 16.99 4.67
CA ASP B 124 7.46 16.50 5.96
C ASP B 124 6.79 15.15 5.84
N THR B 125 6.65 14.65 4.61
CA THR B 125 6.07 13.34 4.40
C THR B 125 6.88 12.53 3.37
N PHE B 126 6.94 11.22 3.55
CA PHE B 126 7.89 10.39 2.82
C PHE B 126 7.32 9.11 2.22
N PHE B 127 7.92 8.68 1.12
CA PHE B 127 7.55 7.42 0.51
C PHE B 127 8.20 6.32 1.35
N PRO B 128 7.38 5.45 1.95
CA PRO B 128 7.91 4.43 2.88
C PRO B 128 9.02 3.61 2.25
N GLU B 129 9.96 3.16 3.06
CA GLU B 129 11.05 2.32 2.60
C GLU B 129 10.53 1.05 1.94
N MET B 130 11.26 0.56 0.94
CA MET B 130 10.91 -0.70 0.31
C MET B 130 12.14 -1.52 0.00
N ASP B 131 12.04 -2.83 0.20
CA ASP B 131 13.13 -3.73 -0.14
C ASP B 131 13.11 -3.94 -1.65
N MET B 132 14.02 -3.26 -2.34
CA MET B 132 14.01 -3.27 -3.79
C MET B 132 14.65 -4.52 -4.40
N THR B 133 15.23 -5.36 -3.57
CA THR B 133 15.80 -6.61 -4.08
C THR B 133 14.69 -7.56 -4.57
N ASN B 134 13.46 -7.27 -4.17
CA ASN B 134 12.31 -8.03 -4.64
C ASN B 134 11.79 -7.50 -5.97
N TRP B 135 12.38 -6.39 -6.42
CA TRP B 135 11.87 -5.70 -7.59
C TRP B 135 12.84 -5.67 -8.76
N LYS B 136 12.30 -5.61 -9.97
CA LYS B 136 13.10 -5.58 -11.18
C LYS B 136 12.71 -4.40 -12.07
N GLU B 137 13.70 -3.62 -12.48
CA GLU B 137 13.46 -2.49 -13.36
C GLU B 137 13.14 -2.96 -14.78
N VAL B 138 12.00 -2.51 -15.31
CA VAL B 138 11.58 -2.90 -16.65
C VAL B 138 11.58 -1.73 -17.59
N PHE B 139 11.66 -0.51 -17.05
CA PHE B 139 11.72 0.68 -17.87
C PHE B 139 12.33 1.83 -17.08
N VAL B 140 13.10 2.67 -17.78
CA VAL B 140 13.68 3.87 -17.23
C VAL B 140 13.72 4.94 -18.31
N GLU B 141 13.59 6.20 -17.91
CA GLU B 141 13.65 7.30 -18.87
C GLU B 141 13.97 8.62 -18.16
N LYS B 142 14.94 9.35 -18.69
CA LYS B 142 15.27 10.65 -18.14
C LYS B 142 14.18 11.64 -18.47
N GLY B 143 13.74 12.36 -17.45
CA GLY B 143 12.69 13.33 -17.60
C GLY B 143 13.19 14.57 -18.30
N LEU B 144 12.25 15.38 -18.78
CA LEU B 144 12.58 16.62 -19.49
C LEU B 144 12.96 17.70 -18.49
N THR B 145 14.20 18.17 -18.58
CA THR B 145 14.66 19.24 -17.73
C THR B 145 14.81 20.50 -18.58
N ASP B 146 14.11 21.57 -18.21
CA ASP B 146 14.16 22.84 -18.95
C ASP B 146 13.70 24.02 -18.09
N GLU B 147 13.36 25.15 -18.73
CA GLU B 147 12.92 26.34 -18.00
C GLU B 147 11.74 26.07 -17.05
N LYS B 148 10.78 25.30 -17.54
CA LYS B 148 9.58 24.99 -16.77
C LYS B 148 9.75 23.80 -15.84
N ASN B 149 10.80 23.02 -16.04
CA ASN B 149 11.06 21.83 -15.23
C ASN B 149 12.52 21.81 -14.76
N PRO B 150 12.80 22.61 -13.73
CA PRO B 150 14.19 22.98 -13.40
C PRO B 150 15.07 21.82 -13.00
N TYR B 151 14.52 20.83 -12.33
CA TYR B 151 15.39 19.83 -11.72
C TYR B 151 15.68 18.68 -12.66
N THR B 152 16.69 17.87 -12.32
CA THR B 152 16.96 16.61 -13.01
C THR B 152 16.19 15.44 -12.36
N TYR B 153 15.50 14.63 -13.16
CA TYR B 153 14.66 13.57 -12.62
C TYR B 153 14.48 12.47 -13.65
N TYR B 154 14.26 11.25 -13.16
CA TYR B 154 14.14 10.06 -14.00
C TYR B 154 12.85 9.31 -13.67
N TYR B 155 12.19 8.80 -14.71
CA TYR B 155 11.05 7.89 -14.57
C TYR B 155 11.59 6.47 -14.50
N HIS B 156 11.23 5.74 -13.44
CA HIS B 156 11.53 4.31 -13.33
C HIS B 156 10.23 3.48 -13.18
N VAL B 157 10.17 2.32 -13.85
CA VAL B 157 9.07 1.37 -13.68
C VAL B 157 9.61 0.04 -13.22
N TYR B 158 8.99 -0.53 -12.17
CA TYR B 158 9.44 -1.80 -11.58
C TYR B 158 8.35 -2.86 -11.45
N GLU B 159 8.73 -4.11 -11.68
CA GLU B 159 7.86 -5.25 -11.42
C GLU B 159 8.53 -6.25 -10.46
N LYS B 160 7.76 -7.22 -10.01
CA LYS B 160 8.32 -8.20 -9.10
C LYS B 160 9.35 -9.05 -9.78
N GLN B 161 10.43 -9.31 -9.06
CA GLN B 161 11.42 -10.28 -9.49
C GLN B 161 10.74 -11.63 -9.49
N GLN B 162 10.82 -12.37 -10.58
CA GLN B 162 10.19 -13.68 -10.58
C GLN B 162 11.05 -14.63 -9.74
N LEU B 163 10.40 -15.56 -9.05
CA LEU B 163 11.13 -16.60 -8.31
C LEU B 163 11.69 -17.66 -9.26
N VAL B 164 13.00 -17.87 -9.23
CA VAL B 164 13.60 -19.10 -9.74
C VAL B 164 13.70 -20.09 -8.58
N PRO B 165 13.02 -21.24 -8.67
CA PRO B 165 12.96 -22.19 -7.55
C PRO B 165 14.31 -22.84 -7.18
N ARG B 166 14.48 -23.09 -5.88
CA ARG B 166 15.65 -23.80 -5.38
C ARG B 166 15.44 -25.30 -5.54
N MET C 1 -30.87 18.35 2.99
CA MET C 1 -31.07 16.98 3.47
C MET C 1 -32.50 16.84 3.95
N ILE C 2 -33.10 15.68 3.68
CA ILE C 2 -34.43 15.38 4.15
C ILE C 2 -34.37 14.82 5.57
N VAL C 3 -34.98 15.52 6.50
CA VAL C 3 -35.05 15.05 7.88
C VAL C 3 -36.36 14.31 8.10
N SER C 4 -36.27 13.01 8.33
CA SER C 4 -37.47 12.17 8.42
C SER C 4 -37.67 11.56 9.80
N PHE C 5 -38.89 11.64 10.32
CA PHE C 5 -39.21 10.90 11.53
C PHE C 5 -39.64 9.47 11.16
N MET C 6 -39.10 8.48 11.86
CA MET C 6 -39.51 7.11 11.65
C MET C 6 -40.10 6.66 12.98
N VAL C 7 -41.38 6.35 12.98
CA VAL C 7 -42.00 6.00 14.25
C VAL C 7 -43.12 4.97 14.13
N ALA C 8 -43.22 4.13 15.14
CA ALA C 8 -44.34 3.21 15.28
C ALA C 8 -45.01 3.53 16.61
N MET C 9 -46.31 3.76 16.57
CA MET C 9 -47.04 4.15 17.77
C MET C 9 -48.46 3.62 17.83
N ASP C 10 -49.03 3.51 19.03
CA ASP C 10 -50.38 2.98 19.15
C ASP C 10 -51.44 4.09 19.10
N GLU C 11 -52.66 3.76 19.49
CA GLU C 11 -53.79 4.66 19.37
C GLU C 11 -53.62 5.90 20.23
N ASN C 12 -52.82 5.78 21.28
CA ASN C 12 -52.57 6.89 22.19
C ASN C 12 -51.14 7.43 22.10
N ARG C 13 -50.46 7.11 20.99
CA ARG C 13 -49.11 7.59 20.71
C ARG C 13 -48.06 6.95 21.59
N VAL C 14 -48.40 5.84 22.24
CA VAL C 14 -47.38 5.10 22.95
C VAL C 14 -46.29 4.63 21.96
N ILE C 15 -45.03 4.83 22.34
CA ILE C 15 -43.92 4.36 21.52
C ILE C 15 -42.98 3.48 22.33
N GLY C 16 -43.27 3.29 23.60
CA GLY C 16 -42.41 2.50 24.46
C GLY C 16 -43.03 2.21 25.80
N LYS C 17 -42.61 1.08 26.39
CA LYS C 17 -42.99 0.71 27.74
C LYS C 17 -41.72 0.22 28.40
N ASP C 18 -41.39 0.90 29.49
CA ASP C 18 -40.07 0.87 30.05
C ASP C 18 -39.15 1.27 28.89
N ASN C 19 -38.26 0.39 28.45
CA ASN C 19 -37.42 0.74 27.33
C ASN C 19 -37.91 0.14 25.99
N ASN C 20 -38.73 -0.91 26.08
CA ASN C 20 -39.00 -1.76 24.92
C ASN C 20 -40.31 -1.44 24.20
N LEU C 21 -40.55 -2.14 23.09
CA LEU C 21 -41.82 -2.04 22.38
C LEU C 21 -42.85 -2.92 23.07
N PRO C 22 -44.03 -2.36 23.36
CA PRO C 22 -45.12 -3.13 23.99
C PRO C 22 -45.66 -4.22 23.09
N TRP C 23 -45.33 -4.15 21.80
CA TRP C 23 -45.82 -5.10 20.79
C TRP C 23 -44.65 -5.79 20.11
N ARG C 24 -44.93 -6.90 19.44
CA ARG C 24 -43.91 -7.57 18.66
C ARG C 24 -44.41 -7.77 17.25
N LEU C 25 -43.93 -6.93 16.35
CA LEU C 25 -44.35 -6.96 14.97
C LEU C 25 -43.15 -7.07 14.04
N PRO C 26 -42.60 -8.28 13.88
CA PRO C 26 -41.45 -8.54 13.02
C PRO C 26 -41.62 -7.89 11.65
N SER C 27 -42.82 -7.98 11.10
CA SER C 27 -43.09 -7.43 9.77
C SER C 27 -42.92 -5.90 9.77
N GLU C 28 -43.36 -5.24 10.84
CA GLU C 28 -43.20 -3.79 10.98
C GLU C 28 -41.71 -3.42 10.93
N LEU C 29 -40.88 -4.18 11.67
CA LEU C 29 -39.45 -3.94 11.73
C LEU C 29 -38.77 -4.19 10.39
N GLN C 30 -39.30 -5.13 9.63
CA GLN C 30 -38.80 -5.39 8.27
C GLN C 30 -39.12 -4.17 7.37
N TYR C 31 -40.25 -3.53 7.62
CA TYR C 31 -40.60 -2.31 6.89
C TYR C 31 -39.59 -1.20 7.24
N VAL C 32 -39.31 -1.05 8.52
CA VAL C 32 -38.29 -0.13 8.95
C VAL C 32 -36.95 -0.40 8.22
N LYS C 33 -36.54 -1.66 8.19
CA LYS C 33 -35.28 -2.01 7.57
C LYS C 33 -35.28 -1.65 6.09
N LYS C 34 -36.36 -2.00 5.39
CA LYS C 34 -36.47 -1.71 3.97
C LYS C 34 -36.42 -0.20 3.71
N THR C 35 -37.16 0.55 4.49
CA THR C 35 -37.32 1.98 4.27
C THR C 35 -36.04 2.77 4.55
N THR C 36 -35.29 2.38 5.58
CA THR C 36 -34.12 3.16 6.01
C THR C 36 -32.81 2.70 5.38
N MET C 37 -32.90 1.81 4.40
CA MET C 37 -31.70 1.19 3.85
C MET C 37 -30.83 2.22 3.14
N GLY C 38 -29.57 2.32 3.56
CA GLY C 38 -28.66 3.27 2.95
C GLY C 38 -28.80 4.70 3.46
N HIS C 39 -29.47 4.86 4.60
CA HIS C 39 -29.62 6.16 5.22
C HIS C 39 -29.28 6.07 6.68
N PRO C 40 -28.74 7.14 7.24
CA PRO C 40 -28.41 7.21 8.66
C PRO C 40 -29.64 7.00 9.55
N LEU C 41 -29.44 6.32 10.68
CA LEU C 41 -30.42 6.21 11.72
C LEU C 41 -29.97 7.07 12.89
N ILE C 42 -30.80 8.01 13.30
CA ILE C 42 -30.45 8.87 14.42
C ILE C 42 -31.26 8.49 15.64
N MET C 43 -30.60 8.08 16.73
CA MET C 43 -31.33 7.66 17.92
C MET C 43 -30.69 8.08 19.22
N GLY C 44 -31.52 8.27 20.25
CA GLY C 44 -31.02 8.58 21.57
C GLY C 44 -30.31 7.37 22.16
N ARG C 45 -29.52 7.60 23.20
CA ARG C 45 -28.79 6.50 23.84
C ARG C 45 -29.74 5.42 24.38
N LYS C 46 -30.73 5.81 25.17
CA LYS C 46 -31.69 4.84 25.72
C LYS C 46 -32.30 3.99 24.61
N ASN C 47 -32.72 4.66 23.53
CA ASN C 47 -33.33 3.98 22.41
C ASN C 47 -32.36 2.98 21.78
N TYR C 48 -31.11 3.38 21.63
CA TYR C 48 -30.12 2.48 21.05
C TYR C 48 -29.88 1.29 21.96
N GLU C 49 -29.83 1.53 23.27
CA GLU C 49 -29.59 0.44 24.21
C GLU C 49 -30.77 -0.52 24.28
N ALA C 50 -31.98 -0.02 24.05
CA ALA C 50 -33.17 -0.87 24.03
C ALA C 50 -33.13 -1.84 22.85
N ILE C 51 -32.48 -1.43 21.77
CA ILE C 51 -32.36 -2.26 20.57
C ILE C 51 -31.22 -3.26 20.67
N GLY C 52 -30.18 -2.92 21.44
CA GLY C 52 -29.13 -3.87 21.77
C GLY C 52 -27.92 -3.88 20.86
N ARG C 53 -28.12 -3.74 19.56
CA ARG C 53 -27.02 -3.85 18.61
C ARG C 53 -27.08 -2.78 17.54
N PRO C 54 -25.94 -2.47 16.90
CA PRO C 54 -25.98 -1.61 15.72
C PRO C 54 -26.79 -2.28 14.64
N LEU C 55 -27.71 -1.55 14.05
CA LEU C 55 -28.50 -2.10 12.95
C LEU C 55 -27.65 -2.06 11.70
N PRO C 56 -27.27 -3.23 11.19
CA PRO C 56 -26.33 -3.37 10.07
C PRO C 56 -26.79 -2.65 8.83
N GLY C 57 -25.83 -2.19 8.01
CA GLY C 57 -26.13 -1.57 6.73
C GLY C 57 -26.48 -0.10 6.79
N ARG C 58 -26.41 0.51 7.97
CA ARG C 58 -26.69 1.93 8.12
C ARG C 58 -25.68 2.60 9.03
N ARG C 59 -25.45 3.90 8.81
CA ARG C 59 -24.77 4.70 9.81
C ARG C 59 -25.68 4.77 11.01
N ASN C 60 -25.24 4.19 12.12
CA ASN C 60 -25.95 4.36 13.37
C ASN C 60 -25.36 5.53 14.12
N ILE C 61 -26.12 6.58 14.28
CA ILE C 61 -25.66 7.75 14.99
C ILE C 61 -26.42 7.86 16.29
N ILE C 62 -25.69 7.79 17.40
CA ILE C 62 -26.29 7.88 18.72
C ILE C 62 -26.13 9.27 19.29
N VAL C 63 -27.23 9.83 19.78
CA VAL C 63 -27.27 11.19 20.28
C VAL C 63 -27.27 11.16 21.80
N THR C 64 -26.24 11.74 22.41
CA THR C 64 -26.15 11.84 23.87
C THR C 64 -25.35 13.07 24.32
N ARG C 65 -25.74 13.63 25.46
CA ARG C 65 -25.07 14.80 26.03
C ARG C 65 -23.68 14.43 26.54
N ASN C 66 -23.51 13.14 26.83
CA ASN C 66 -22.30 12.61 27.45
C ASN C 66 -21.11 12.57 26.49
N GLU C 67 -20.15 13.46 26.72
CA GLU C 67 -19.02 13.65 25.81
C GLU C 67 -18.10 12.43 25.78
N GLY C 68 -18.20 11.59 26.81
CA GLY C 68 -17.35 10.42 26.91
C GLY C 68 -17.93 9.15 26.30
N TYR C 69 -19.24 9.18 26.03
CA TYR C 69 -19.91 8.03 25.47
C TYR C 69 -19.36 7.54 24.13
N HIS C 70 -19.04 6.26 24.05
CA HIS C 70 -18.60 5.65 22.81
C HIS C 70 -19.13 4.24 22.70
N VAL C 71 -19.39 3.79 21.48
CA VAL C 71 -19.82 2.43 21.25
C VAL C 71 -19.42 1.93 19.87
N GLU C 72 -18.83 0.75 19.84
CA GLU C 72 -18.32 0.11 18.65
C GLU C 72 -19.31 0.09 17.51
N GLY C 73 -18.87 0.48 16.31
CA GLY C 73 -19.71 0.40 15.13
C GLY C 73 -20.74 1.51 15.00
N CYS C 74 -20.71 2.44 15.96
CA CYS C 74 -21.61 3.58 15.96
C CYS C 74 -20.87 4.91 16.04
N GLU C 75 -21.42 5.95 15.43
CA GLU C 75 -20.91 7.29 15.62
C GLU C 75 -21.71 7.96 16.74
N VAL C 76 -21.11 8.94 17.40
CA VAL C 76 -21.80 9.64 18.48
C VAL C 76 -21.85 11.14 18.22
N ALA C 77 -23.04 11.72 18.38
CA ALA C 77 -23.24 13.15 18.31
C ALA C 77 -23.80 13.66 19.64
N HIS C 78 -23.57 14.92 19.94
CA HIS C 78 -23.92 15.48 21.24
C HIS C 78 -24.89 16.62 21.12
N SER C 79 -25.38 16.86 19.90
CA SER C 79 -26.26 17.97 19.63
C SER C 79 -26.85 17.84 18.24
N VAL C 80 -27.92 18.56 17.98
CA VAL C 80 -28.49 18.68 16.64
C VAL C 80 -27.43 19.16 15.64
N GLU C 81 -26.73 20.22 16.02
CA GLU C 81 -25.65 20.77 15.21
C GLU C 81 -24.66 19.67 14.79
N GLU C 82 -24.22 18.87 15.74
CA GLU C 82 -23.26 17.82 15.42
C GLU C 82 -23.85 16.77 14.49
N VAL C 83 -25.13 16.46 14.67
CA VAL C 83 -25.79 15.51 13.78
C VAL C 83 -25.82 16.05 12.35
N PHE C 84 -26.20 17.32 12.21
CA PHE C 84 -26.26 17.93 10.89
C PHE C 84 -24.88 18.04 10.25
N GLU C 85 -23.86 18.26 11.06
CA GLU C 85 -22.49 18.27 10.58
C GLU C 85 -22.13 16.89 10.05
N LEU C 86 -22.38 15.86 10.86
CA LEU C 86 -22.10 14.47 10.51
C LEU C 86 -22.82 14.02 9.26
N CYS C 87 -24.04 14.52 9.05
CA CYS C 87 -24.85 14.10 7.91
C CYS C 87 -24.84 15.14 6.79
N LYS C 88 -23.82 15.99 6.86
CA LYS C 88 -23.51 17.02 5.89
C LYS C 88 -23.93 16.68 4.45
N ASN C 89 -23.54 15.50 3.99
CA ASN C 89 -23.75 15.12 2.60
C ASN C 89 -24.94 14.18 2.34
N GLU C 90 -25.66 13.81 3.39
CA GLU C 90 -26.74 12.83 3.29
C GLU C 90 -27.96 13.35 2.56
N GLU C 91 -28.57 12.48 1.77
CA GLU C 91 -29.80 12.80 1.06
C GLU C 91 -31.00 12.79 2.03
N GLU C 92 -30.99 11.88 3.00
CA GLU C 92 -32.11 11.73 3.93
C GLU C 92 -31.66 11.02 5.19
N ILE C 93 -32.11 11.50 6.35
CA ILE C 93 -31.83 10.84 7.62
C ILE C 93 -33.10 10.50 8.38
N PHE C 94 -33.03 9.48 9.24
CA PHE C 94 -34.20 9.00 9.95
C PHE C 94 -34.04 9.14 11.44
N ILE C 95 -34.80 10.07 12.01
CA ILE C 95 -34.83 10.23 13.46
C ILE C 95 -35.60 9.03 13.99
N PHE C 96 -34.91 8.21 14.76
CA PHE C 96 -35.42 6.88 15.06
C PHE C 96 -36.04 6.86 16.42
N GLY C 97 -35.96 7.99 17.10
CA GLY C 97 -36.70 8.10 18.33
C GLY C 97 -35.94 8.11 19.62
N GLY C 98 -36.74 7.99 20.68
CA GLY C 98 -36.54 8.70 21.91
C GLY C 98 -37.49 9.87 21.74
N ALA C 99 -38.52 9.94 22.58
CA ALA C 99 -39.43 11.07 22.55
C ALA C 99 -38.65 12.39 22.52
N GLN C 100 -37.62 12.48 23.37
CA GLN C 100 -36.85 13.69 23.50
C GLN C 100 -36.08 13.99 22.22
N ILE C 101 -35.65 12.93 21.53
CA ILE C 101 -34.93 13.07 20.27
C ILE C 101 -35.85 13.61 19.19
N TYR C 102 -37.09 13.14 19.17
CA TYR C 102 -38.07 13.68 18.24
C TYR C 102 -38.25 15.18 18.50
N ASP C 103 -38.35 15.57 19.78
CA ASP C 103 -38.52 16.97 20.14
C ASP C 103 -37.35 17.84 19.66
N LEU C 104 -36.13 17.32 19.78
CA LEU C 104 -34.96 18.04 19.28
C LEU C 104 -35.02 18.32 17.80
N PHE C 105 -35.52 17.38 17.02
CA PHE C 105 -35.51 17.54 15.56
C PHE C 105 -36.80 18.09 14.95
N LEU C 106 -37.78 18.33 15.81
CA LEU C 106 -39.07 18.86 15.40
C LEU C 106 -38.98 20.13 14.52
N PRO C 107 -38.07 21.07 14.85
CA PRO C 107 -38.00 22.29 14.02
C PRO C 107 -37.51 22.03 12.59
N TYR C 108 -36.99 20.83 12.33
CA TYR C 108 -36.32 20.57 11.07
C TYR C 108 -36.99 19.47 10.26
N VAL C 109 -38.03 18.88 10.81
CA VAL C 109 -38.59 17.68 10.20
C VAL C 109 -39.28 17.98 8.86
N ASP C 110 -39.02 17.14 7.87
CA ASP C 110 -39.58 17.33 6.54
C ASP C 110 -40.56 16.23 6.13
N LYS C 111 -40.46 15.06 6.76
CA LYS C 111 -41.17 13.90 6.28
C LYS C 111 -41.46 12.99 7.45
N LEU C 112 -42.67 12.44 7.48
CA LEU C 112 -43.11 11.58 8.58
C LEU C 112 -43.44 10.18 8.10
N TYR C 113 -42.75 9.19 8.67
CA TYR C 113 -43.05 7.79 8.42
C TYR C 113 -43.63 7.24 9.70
N ILE C 114 -44.95 7.11 9.75
CA ILE C 114 -45.65 6.77 10.99
C ILE C 114 -46.42 5.48 10.82
N THR C 115 -46.07 4.48 11.63
CA THR C 115 -46.84 3.26 11.69
C THR C 115 -47.86 3.42 12.82
N LYS C 116 -49.14 3.31 12.48
CA LYS C 116 -50.20 3.45 13.49
C LYS C 116 -50.77 2.09 13.82
N ILE C 117 -50.57 1.64 15.05
CA ILE C 117 -51.07 0.35 15.51
C ILE C 117 -52.42 0.54 16.18
N HIS C 118 -53.44 -0.13 15.66
CA HIS C 118 -54.82 0.01 16.12
C HIS C 118 -55.13 -0.78 17.38
N HIS C 119 -54.50 -0.39 18.47
CA HIS C 119 -54.66 -1.05 19.76
C HIS C 119 -54.14 -0.12 20.84
N ALA C 120 -54.58 -0.34 22.08
CA ALA C 120 -54.15 0.48 23.20
C ALA C 120 -53.29 -0.31 24.17
N PHE C 121 -51.99 -0.05 24.14
CA PHE C 121 -51.07 -0.77 25.01
C PHE C 121 -50.80 -0.01 26.30
N GLU C 122 -50.07 -0.65 27.19
CA GLU C 122 -49.53 -0.01 28.38
C GLU C 122 -48.20 0.61 27.99
N GLY C 123 -48.07 1.92 28.11
CA GLY C 123 -46.82 2.60 27.76
C GLY C 123 -46.45 3.71 28.72
N ASP C 124 -45.19 4.13 28.67
CA ASP C 124 -44.72 5.20 29.55
C ASP C 124 -44.02 6.34 28.78
N THR C 125 -43.93 6.18 27.47
CA THR C 125 -43.32 7.21 26.65
C THR C 125 -44.12 7.38 25.36
N PHE C 126 -44.18 8.62 24.85
CA PHE C 126 -45.13 8.95 23.79
C PHE C 126 -44.54 9.75 22.63
N PHE C 127 -45.10 9.56 21.44
CA PHE C 127 -44.77 10.38 20.31
C PHE C 127 -45.43 11.74 20.47
N PRO C 128 -44.63 12.81 20.54
CA PRO C 128 -45.16 14.14 20.86
C PRO C 128 -46.27 14.53 19.90
N GLU C 129 -47.23 15.31 20.38
CA GLU C 129 -48.33 15.78 19.55
C GLU C 129 -47.81 16.55 18.33
N MET C 130 -48.51 16.44 17.21
CA MET C 130 -48.16 17.24 16.04
C MET C 130 -49.42 17.78 15.36
N ASP C 131 -49.35 19.02 14.91
CA ASP C 131 -50.42 19.62 14.15
C ASP C 131 -50.37 19.05 12.73
N MET C 132 -51.28 18.13 12.44
CA MET C 132 -51.23 17.40 11.18
C MET C 132 -51.86 18.15 10.02
N THR C 133 -52.47 19.30 10.30
CA THR C 133 -53.02 20.14 9.23
C THR C 133 -51.92 20.75 8.36
N ASN C 134 -50.69 20.73 8.86
CA ASN C 134 -49.53 21.16 8.08
C ASN C 134 -49.00 20.03 7.19
N TRP C 135 -49.56 18.85 7.35
CA TRP C 135 -49.03 17.65 6.70
C TRP C 135 -50.00 17.00 5.70
N LYS C 136 -49.42 16.38 4.68
CA LYS C 136 -50.20 15.74 3.62
C LYS C 136 -49.80 14.27 3.45
N GLU C 137 -50.79 13.38 3.45
CA GLU C 137 -50.51 11.96 3.25
C GLU C 137 -50.13 11.64 1.80
N VAL C 138 -48.98 11.02 1.60
CA VAL C 138 -48.55 10.71 0.25
C VAL C 138 -48.52 9.21 0.00
N PHE C 139 -48.57 8.44 1.08
CA PHE C 139 -48.64 7.00 0.95
C PHE C 139 -49.26 6.35 2.19
N VAL C 140 -50.01 5.28 1.97
CA VAL C 140 -50.59 4.51 3.06
C VAL C 140 -50.57 3.04 2.64
N GLU C 141 -50.45 2.16 3.62
CA GLU C 141 -50.52 0.73 3.36
C GLU C 141 -50.84 -0.05 4.62
N LYS C 142 -51.76 -1.01 4.50
CA LYS C 142 -52.13 -1.83 5.63
C LYS C 142 -51.01 -2.83 5.88
N GLY C 143 -50.58 -2.91 7.13
CA GLY C 143 -49.53 -3.83 7.51
C GLY C 143 -50.02 -5.27 7.51
N LEU C 144 -49.07 -6.20 7.50
CA LEU C 144 -49.39 -7.62 7.50
C LEU C 144 -49.78 -8.09 8.91
N THR C 145 -51.02 -8.53 9.05
CA THR C 145 -51.48 -9.06 10.34
C THR C 145 -51.64 -10.57 10.21
N ASP C 146 -50.93 -11.30 11.07
CA ASP C 146 -50.97 -12.77 11.06
C ASP C 146 -50.51 -13.34 12.40
N GLU C 147 -50.18 -14.63 12.42
CA GLU C 147 -49.74 -15.33 13.62
C GLU C 147 -48.60 -14.61 14.33
N LYS C 148 -47.59 -14.19 13.58
CA LYS C 148 -46.42 -13.53 14.12
C LYS C 148 -46.61 -12.03 14.33
N ASN C 149 -47.65 -11.45 13.71
CA ASN C 149 -47.94 -10.02 13.80
C ASN C 149 -49.40 -9.78 14.19
N PRO C 150 -49.70 -9.92 15.49
CA PRO C 150 -51.08 -10.11 15.94
C PRO C 150 -51.96 -8.90 15.68
N TYR C 151 -51.43 -7.69 15.91
CA TYR C 151 -52.23 -6.48 15.84
C TYR C 151 -52.47 -6.00 14.42
N THR C 152 -53.45 -5.12 14.28
CA THR C 152 -53.77 -4.50 13.01
C THR C 152 -53.03 -3.15 12.95
N TYR C 153 -52.29 -2.89 11.87
CA TYR C 153 -51.53 -1.65 11.78
C TYR C 153 -51.33 -1.20 10.35
N TYR C 154 -51.07 0.10 10.18
CA TYR C 154 -50.95 0.71 8.86
C TYR C 154 -49.70 1.58 8.78
N TYR C 155 -49.01 1.54 7.63
CA TYR C 155 -47.90 2.45 7.39
C TYR C 155 -48.43 3.70 6.73
N HIS C 156 -48.05 4.82 7.28
CA HIS C 156 -48.42 6.11 6.75
C HIS C 156 -47.15 6.92 6.48
N VAL C 157 -47.10 7.53 5.30
CA VAL C 157 -46.04 8.47 4.98
C VAL C 157 -46.66 9.84 4.66
N TYR C 158 -46.07 10.90 5.19
CA TYR C 158 -46.55 12.29 5.01
C TYR C 158 -45.43 13.24 4.60
N GLU C 159 -45.75 14.16 3.69
CA GLU C 159 -44.91 15.32 3.42
C GLU C 159 -45.68 16.62 3.69
N LYS C 160 -44.97 17.75 3.65
CA LYS C 160 -45.57 19.03 4.03
C LYS C 160 -46.69 19.43 3.07
N GLN C 161 -47.85 19.77 3.61
CA GLN C 161 -48.94 20.29 2.82
C GLN C 161 -48.48 21.63 2.28
N GLN C 162 -48.43 21.81 0.96
CA GLN C 162 -48.13 23.14 0.44
C GLN C 162 -49.39 23.88 0.00
N LEU C 163 -49.50 25.12 0.49
CA LEU C 163 -50.69 25.95 0.26
C LEU C 163 -50.61 26.63 -1.09
N VAL C 164 -51.76 27.01 -1.61
CA VAL C 164 -51.83 27.81 -2.82
C VAL C 164 -51.99 29.28 -2.49
N PRO C 165 -51.13 30.12 -3.05
CA PRO C 165 -51.10 31.55 -2.69
C PRO C 165 -52.36 32.36 -3.02
N ARG C 166 -52.64 33.34 -2.15
CA ARG C 166 -53.23 34.62 -2.56
C ARG C 166 -54.30 34.54 -3.61
N MET D 1 33.36 19.72 -34.94
CA MET D 1 33.18 18.29 -35.15
C MET D 1 33.01 17.59 -33.83
N ILE D 2 31.94 16.81 -33.71
CA ILE D 2 31.72 16.02 -32.51
C ILE D 2 32.42 14.67 -32.65
N VAL D 3 33.35 14.41 -31.75
CA VAL D 3 34.04 13.12 -31.71
C VAL D 3 33.36 12.21 -30.67
N SER D 4 32.71 11.16 -31.16
CA SER D 4 31.93 10.29 -30.28
C SER D 4 32.49 8.87 -30.17
N PHE D 5 32.57 8.37 -28.94
CA PHE D 5 32.89 6.95 -28.76
C PHE D 5 31.60 6.12 -28.83
N MET D 6 31.61 5.08 -29.63
CA MET D 6 30.49 4.14 -29.65
C MET D 6 31.00 2.83 -29.13
N VAL D 7 30.45 2.36 -28.01
CA VAL D 7 30.98 1.15 -27.41
C VAL D 7 29.92 0.30 -26.73
N ALA D 8 30.13 -1.00 -26.77
CA ALA D 8 29.32 -1.92 -25.98
C ALA D 8 30.28 -2.75 -25.14
N MET D 9 30.02 -2.80 -23.83
CA MET D 9 30.94 -3.44 -22.91
C MET D 9 30.23 -4.08 -21.73
N ASP D 10 30.87 -5.07 -21.12
CA ASP D 10 30.24 -5.76 -20.00
C ASP D 10 30.61 -5.11 -18.64
N GLU D 11 30.33 -5.82 -17.55
CA GLU D 11 30.51 -5.28 -16.21
C GLU D 11 31.97 -4.98 -15.90
N ASN D 12 32.87 -5.63 -16.61
CA ASN D 12 34.31 -5.42 -16.41
C ASN D 12 34.98 -4.74 -17.60
N ARG D 13 34.16 -4.11 -18.44
CA ARG D 13 34.65 -3.33 -19.59
C ARG D 13 35.18 -4.20 -20.70
N VAL D 14 34.83 -5.48 -20.68
CA VAL D 14 35.19 -6.33 -21.81
C VAL D 14 34.49 -5.81 -23.06
N ILE D 15 35.23 -5.68 -24.15
CA ILE D 15 34.65 -5.28 -25.42
C ILE D 15 34.93 -6.31 -26.52
N GLY D 16 35.69 -7.36 -26.18
CA GLY D 16 36.02 -8.39 -27.15
C GLY D 16 36.56 -9.67 -26.52
N LYS D 17 36.30 -10.80 -27.17
CA LYS D 17 36.95 -12.06 -26.84
C LYS D 17 37.61 -12.51 -28.14
N ASP D 18 38.91 -12.73 -28.07
CA ASP D 18 39.80 -12.59 -29.23
C ASP D 18 39.30 -11.50 -30.19
N ASN D 19 38.84 -11.88 -31.37
CA ASN D 19 38.36 -10.89 -32.33
C ASN D 19 36.85 -10.96 -32.60
N ASN D 20 36.06 -11.23 -31.56
CA ASN D 20 34.61 -11.14 -31.68
C ASN D 20 33.93 -10.66 -30.40
N LEU D 21 32.62 -10.43 -30.48
CA LEU D 21 31.82 -10.08 -29.31
C LEU D 21 31.46 -11.35 -28.56
N PRO D 22 31.67 -11.35 -27.24
CA PRO D 22 31.35 -12.52 -26.40
C PRO D 22 29.85 -12.75 -26.32
N TRP D 23 29.07 -11.76 -26.75
CA TRP D 23 27.62 -11.83 -26.67
C TRP D 23 27.02 -11.66 -28.06
N ARG D 24 25.76 -12.04 -28.20
CA ARG D 24 25.06 -11.79 -29.45
C ARG D 24 23.78 -11.05 -29.15
N LEU D 25 23.79 -9.75 -29.43
CA LEU D 25 22.62 -8.93 -29.16
C LEU D 25 22.23 -8.17 -30.42
N PRO D 26 21.49 -8.81 -31.33
CA PRO D 26 21.03 -8.19 -32.58
C PRO D 26 20.41 -6.82 -32.35
N SER D 27 19.61 -6.70 -31.30
CA SER D 27 18.93 -5.46 -31.01
C SER D 27 19.93 -4.34 -30.70
N GLU D 28 21.01 -4.68 -30.00
CA GLU D 28 22.07 -3.71 -29.67
C GLU D 28 22.69 -3.19 -30.97
N LEU D 29 23.00 -4.10 -31.88
CA LEU D 29 23.58 -3.73 -33.17
C LEU D 29 22.63 -2.86 -34.00
N GLN D 30 21.34 -3.11 -33.87
CA GLN D 30 20.35 -2.27 -34.54
C GLN D 30 20.39 -0.86 -33.95
N TYR D 31 20.64 -0.76 -32.65
CA TYR D 31 20.80 0.56 -32.03
C TYR D 31 22.04 1.26 -32.60
N VAL D 32 23.14 0.52 -32.71
CA VAL D 32 24.33 1.05 -33.34
C VAL D 32 24.00 1.60 -34.74
N LYS D 33 23.31 0.80 -35.53
CA LYS D 33 22.98 1.19 -36.90
C LYS D 33 22.13 2.46 -36.93
N LYS D 34 21.10 2.50 -36.10
CA LYS D 34 20.24 3.69 -36.03
C LYS D 34 21.02 4.94 -35.62
N THR D 35 21.88 4.81 -34.61
CA THR D 35 22.55 5.96 -34.02
C THR D 35 23.60 6.53 -34.96
N THR D 36 24.33 5.66 -35.67
CA THR D 36 25.46 6.08 -36.51
C THR D 36 25.09 6.36 -37.96
N MET D 37 23.80 6.40 -38.26
CA MET D 37 23.32 6.60 -39.63
C MET D 37 23.73 7.95 -40.19
N GLY D 38 24.45 7.93 -41.31
CA GLY D 38 24.86 9.17 -41.96
C GLY D 38 26.08 9.82 -41.31
N HIS D 39 26.83 9.06 -40.53
CA HIS D 39 28.03 9.55 -39.90
C HIS D 39 29.15 8.53 -40.10
N PRO D 40 30.39 9.02 -40.18
CA PRO D 40 31.54 8.13 -40.37
C PRO D 40 31.73 7.20 -39.20
N LEU D 41 32.12 5.96 -39.50
CA LEU D 41 32.54 4.99 -38.51
C LEU D 41 34.04 4.89 -38.56
N ILE D 42 34.70 5.13 -37.44
CA ILE D 42 36.15 5.04 -37.39
C ILE D 42 36.53 3.77 -36.64
N MET D 43 37.25 2.87 -37.30
CA MET D 43 37.66 1.63 -36.61
C MET D 43 39.06 1.14 -36.98
N GLY D 44 39.68 0.43 -36.05
CA GLY D 44 40.97 -0.17 -36.29
C GLY D 44 40.82 -1.29 -37.29
N ARG D 45 41.94 -1.73 -37.87
CA ARG D 45 41.92 -2.81 -38.85
C ARG D 45 41.37 -4.11 -38.24
N LYS D 46 41.92 -4.54 -37.10
CA LYS D 46 41.44 -5.75 -36.45
C LYS D 46 39.91 -5.70 -36.26
N ASN D 47 39.44 -4.56 -35.76
CA ASN D 47 38.02 -4.38 -35.47
C ASN D 47 37.21 -4.53 -36.74
N TYR D 48 37.70 -3.93 -37.84
CA TYR D 48 36.98 -4.00 -39.09
C TYR D 48 36.96 -5.42 -39.63
N GLU D 49 38.08 -6.13 -39.47
CA GLU D 49 38.15 -7.50 -39.95
C GLU D 49 37.27 -8.43 -39.12
N ALA D 50 37.07 -8.10 -37.85
CA ALA D 50 36.18 -8.89 -36.98
C ALA D 50 34.72 -8.79 -37.45
N ILE D 51 34.38 -7.66 -38.04
CA ILE D 51 33.02 -7.40 -38.52
C ILE D 51 32.79 -8.00 -39.90
N GLY D 52 33.85 -8.14 -40.69
CA GLY D 52 33.78 -8.82 -41.97
C GLY D 52 33.47 -7.99 -43.20
N ARG D 53 32.55 -7.04 -43.09
CA ARG D 53 32.10 -6.29 -44.26
C ARG D 53 31.98 -4.80 -43.95
N PRO D 54 32.04 -3.95 -45.00
CA PRO D 54 31.72 -2.54 -44.79
C PRO D 54 30.28 -2.41 -44.35
N LEU D 55 30.06 -1.69 -43.26
CA LEU D 55 28.71 -1.42 -42.81
C LEU D 55 28.10 -0.37 -43.74
N PRO D 56 27.10 -0.80 -44.52
CA PRO D 56 26.47 0.04 -45.55
C PRO D 56 25.90 1.34 -44.98
N GLY D 57 25.86 2.38 -45.80
CA GLY D 57 25.22 3.62 -45.43
C GLY D 57 26.09 4.59 -44.63
N ARG D 58 27.36 4.23 -44.43
CA ARG D 58 28.29 5.08 -43.71
C ARG D 58 29.65 5.10 -44.38
N ARG D 59 30.37 6.21 -44.21
CA ARG D 59 31.78 6.23 -44.50
C ARG D 59 32.48 5.31 -43.51
N ASN D 60 33.00 4.20 -43.98
CA ASN D 60 33.80 3.35 -43.14
C ASN D 60 35.24 3.78 -43.28
N ILE D 61 35.82 4.27 -42.20
CA ILE D 61 37.21 4.69 -42.20
C ILE D 61 38.06 3.74 -41.33
N ILE D 62 39.02 3.07 -41.95
CA ILE D 62 39.81 2.10 -41.24
C ILE D 62 41.17 2.70 -40.89
N VAL D 63 41.54 2.59 -39.62
CA VAL D 63 42.75 3.20 -39.11
C VAL D 63 43.82 2.13 -38.98
N THR D 64 44.92 2.30 -39.73
CA THR D 64 46.06 1.39 -39.66
C THR D 64 47.39 2.09 -39.99
N ARG D 65 48.45 1.66 -39.32
CA ARG D 65 49.80 2.20 -39.54
C ARG D 65 50.33 1.80 -40.91
N ASN D 66 49.77 0.72 -41.45
CA ASN D 66 50.21 0.13 -42.70
C ASN D 66 49.83 0.98 -43.92
N GLU D 67 50.83 1.62 -44.52
CA GLU D 67 50.59 2.54 -45.64
C GLU D 67 50.07 1.85 -46.90
N GLY D 68 50.25 0.55 -46.97
CA GLY D 68 49.84 -0.21 -48.14
C GLY D 68 48.43 -0.78 -48.03
N TYR D 69 47.89 -0.78 -46.81
CA TYR D 69 46.57 -1.34 -46.58
C TYR D 69 45.46 -0.67 -47.39
N HIS D 70 44.68 -1.48 -48.10
CA HIS D 70 43.51 -1.00 -48.84
C HIS D 70 42.39 -2.01 -48.78
N VAL D 71 41.15 -1.51 -48.79
CA VAL D 71 40.00 -2.39 -48.83
C VAL D 71 38.79 -1.73 -49.48
N GLU D 72 38.20 -2.47 -50.42
CA GLU D 72 37.07 -2.02 -51.21
C GLU D 72 35.96 -1.39 -50.38
N GLY D 73 35.51 -0.22 -50.80
CA GLY D 73 34.35 0.41 -50.16
C GLY D 73 34.67 1.09 -48.85
N CYS D 74 35.95 1.11 -48.50
CA CYS D 74 36.41 1.76 -47.28
C CYS D 74 37.52 2.77 -47.57
N GLU D 75 37.57 3.82 -46.76
CA GLU D 75 38.71 4.71 -46.80
C GLU D 75 39.70 4.30 -45.72
N VAL D 76 40.97 4.63 -45.92
CA VAL D 76 42.00 4.27 -44.95
C VAL D 76 42.76 5.48 -44.45
N ALA D 77 42.90 5.57 -43.13
CA ALA D 77 43.69 6.62 -42.49
C ALA D 77 44.81 5.97 -41.68
N HIS D 78 45.90 6.70 -41.50
CA HIS D 78 47.08 6.13 -40.86
C HIS D 78 47.45 6.85 -39.59
N SER D 79 46.61 7.79 -39.19
CA SER D 79 46.86 8.62 -38.01
C SER D 79 45.60 9.40 -37.64
N VAL D 80 45.57 9.91 -36.40
CA VAL D 80 44.51 10.80 -35.96
C VAL D 80 44.39 11.99 -36.90
N GLU D 81 45.54 12.58 -37.21
CA GLU D 81 45.62 13.72 -38.10
C GLU D 81 44.89 13.43 -39.40
N GLU D 82 45.19 12.29 -40.02
CA GLU D 82 44.53 11.93 -41.28
C GLU D 82 43.03 11.71 -41.12
N VAL D 83 42.62 11.14 -39.99
CA VAL D 83 41.20 10.97 -39.75
C VAL D 83 40.51 12.34 -39.69
N PHE D 84 41.08 13.27 -38.93
CA PHE D 84 40.49 14.60 -38.81
C PHE D 84 40.49 15.35 -40.13
N GLU D 85 41.52 15.14 -40.94
CA GLU D 85 41.55 15.69 -42.30
C GLU D 85 40.41 15.13 -43.14
N LEU D 86 40.30 13.80 -43.15
CA LEU D 86 39.24 13.12 -43.89
C LEU D 86 37.84 13.56 -43.46
N CYS D 87 37.66 13.82 -42.16
CA CYS D 87 36.34 14.17 -41.63
C CYS D 87 36.23 15.67 -41.40
N LYS D 88 37.07 16.39 -42.11
CA LYS D 88 37.10 17.85 -42.16
C LYS D 88 35.73 18.50 -42.00
N ASN D 89 34.75 18.06 -42.78
CA ASN D 89 33.46 18.72 -42.83
C ASN D 89 32.35 18.01 -42.06
N GLU D 90 32.70 16.92 -41.36
CA GLU D 90 31.68 16.10 -40.69
C GLU D 90 31.12 16.79 -39.45
N GLU D 91 29.82 16.64 -39.23
CA GLU D 91 29.18 17.09 -38.01
C GLU D 91 29.63 16.24 -36.81
N GLU D 92 29.64 14.92 -36.98
CA GLU D 92 29.91 13.98 -35.88
C GLU D 92 30.51 12.68 -36.43
N ILE D 93 31.53 12.17 -35.75
CA ILE D 93 32.10 10.87 -36.11
C ILE D 93 32.05 9.90 -34.94
N PHE D 94 32.05 8.61 -35.24
CA PHE D 94 31.93 7.57 -34.23
C PHE D 94 33.16 6.66 -34.18
N ILE D 95 33.94 6.80 -33.13
CA ILE D 95 35.07 5.93 -32.92
C ILE D 95 34.50 4.60 -32.51
N PHE D 96 34.69 3.61 -33.37
CA PHE D 96 33.96 2.35 -33.27
C PHE D 96 34.77 1.28 -32.57
N GLY D 97 35.99 1.63 -32.19
CA GLY D 97 36.71 0.71 -31.35
C GLY D 97 37.90 0.00 -31.95
N GLY D 98 38.35 -0.98 -31.17
CA GLY D 98 39.74 -1.30 -31.02
C GLY D 98 40.07 -0.50 -29.76
N ALA D 99 40.43 -1.18 -28.68
CA ALA D 99 40.89 -0.51 -27.47
C ALA D 99 41.91 0.58 -27.80
N GLN D 100 42.88 0.24 -28.65
CA GLN D 100 43.96 1.15 -29.00
C GLN D 100 43.44 2.37 -29.74
N ILE D 101 42.41 2.17 -30.57
CA ILE D 101 41.79 3.25 -31.31
C ILE D 101 41.06 4.21 -30.36
N TYR D 102 40.41 3.66 -29.33
CA TYR D 102 39.83 4.52 -28.32
C TYR D 102 40.92 5.36 -27.67
N ASP D 103 42.05 4.74 -27.34
CA ASP D 103 43.15 5.46 -26.71
C ASP D 103 43.66 6.63 -27.55
N LEU D 104 43.78 6.40 -28.86
CA LEU D 104 44.22 7.45 -29.78
C LEU D 104 43.28 8.64 -29.79
N PHE D 105 41.98 8.40 -29.63
CA PHE D 105 41.03 9.51 -29.76
C PHE D 105 40.57 10.12 -28.43
N LEU D 106 41.07 9.54 -27.35
CA LEU D 106 40.73 9.97 -26.01
C LEU D 106 40.91 11.47 -25.78
N PRO D 107 41.99 12.08 -26.30
CA PRO D 107 42.19 13.52 -26.04
C PRO D 107 41.14 14.40 -26.71
N TYR D 108 40.36 13.83 -27.63
CA TYR D 108 39.48 14.61 -28.46
C TYR D 108 38.01 14.28 -28.25
N VAL D 109 37.74 13.28 -27.44
CA VAL D 109 36.37 12.77 -27.33
C VAL D 109 35.40 13.79 -26.70
N ASP D 110 34.22 13.93 -27.28
CA ASP D 110 33.23 14.89 -26.81
C ASP D 110 31.96 14.25 -26.28
N LYS D 111 31.71 13.02 -26.70
CA LYS D 111 30.44 12.39 -26.42
C LYS D 111 30.64 10.88 -26.32
N LEU D 112 29.97 10.25 -25.35
CA LEU D 112 30.09 8.81 -25.13
C LEU D 112 28.76 8.09 -25.32
N TYR D 113 28.74 7.14 -26.24
CA TYR D 113 27.59 6.25 -26.40
C TYR D 113 28.00 4.88 -25.92
N ILE D 114 27.62 4.56 -24.69
CA ILE D 114 28.08 3.35 -24.04
C ILE D 114 26.91 2.42 -23.71
N THR D 115 26.95 1.21 -24.28
CA THR D 115 26.00 0.18 -23.90
C THR D 115 26.66 -0.64 -22.82
N LYS D 116 26.00 -0.75 -21.67
CA LYS D 116 26.52 -1.49 -20.53
C LYS D 116 25.73 -2.78 -20.36
N ILE D 117 26.41 -3.90 -20.58
CA ILE D 117 25.78 -5.21 -20.48
C ILE D 117 26.00 -5.75 -19.07
N HIS D 118 24.90 -6.04 -18.37
CA HIS D 118 24.93 -6.50 -16.97
C HIS D 118 25.28 -7.97 -16.81
N HIS D 119 26.47 -8.35 -17.25
CA HIS D 119 26.94 -9.74 -17.14
C HIS D 119 28.46 -9.72 -17.24
N ALA D 120 29.09 -10.82 -16.79
CA ALA D 120 30.55 -10.95 -16.83
C ALA D 120 30.99 -12.03 -17.81
N PHE D 121 31.52 -11.60 -18.95
CA PHE D 121 31.94 -12.54 -19.98
C PHE D 121 33.43 -12.82 -19.90
N GLU D 122 33.90 -13.70 -20.79
CA GLU D 122 35.31 -14.01 -20.90
C GLU D 122 35.85 -13.17 -22.02
N GLY D 123 36.71 -12.23 -21.68
CA GLY D 123 37.25 -11.32 -22.68
C GLY D 123 38.74 -11.11 -22.59
N ASP D 124 39.32 -10.58 -23.66
CA ASP D 124 40.76 -10.34 -23.68
C ASP D 124 41.10 -8.89 -24.03
N THR D 125 40.08 -8.10 -24.31
CA THR D 125 40.30 -6.69 -24.65
C THR D 125 39.26 -5.81 -23.98
N PHE D 126 39.66 -4.62 -23.56
CA PHE D 126 38.83 -3.80 -22.66
C PHE D 126 38.66 -2.35 -23.08
N PHE D 127 37.54 -1.76 -22.67
CA PHE D 127 37.33 -0.35 -22.87
C PHE D 127 38.12 0.39 -21.81
N PRO D 128 39.07 1.24 -22.21
CA PRO D 128 39.99 1.86 -21.26
C PRO D 128 39.23 2.61 -20.17
N GLU D 129 39.80 2.65 -18.97
CA GLU D 129 39.21 3.38 -17.86
C GLU D 129 38.96 4.85 -18.24
N MET D 130 37.90 5.43 -17.70
CA MET D 130 37.67 6.87 -17.90
C MET D 130 37.15 7.50 -16.61
N ASP D 131 37.62 8.70 -16.32
CA ASP D 131 37.15 9.48 -15.18
C ASP D 131 35.79 10.06 -15.53
N MET D 132 34.74 9.43 -15.02
CA MET D 132 33.38 9.80 -15.41
C MET D 132 32.85 11.01 -14.66
N THR D 133 33.64 11.56 -13.73
CA THR D 133 33.20 12.77 -13.02
C THR D 133 33.25 13.97 -13.95
N ASN D 134 33.93 13.82 -15.08
CA ASN D 134 33.97 14.87 -16.10
C ASN D 134 32.77 14.78 -17.04
N TRP D 135 31.97 13.74 -16.86
CA TRP D 135 30.90 13.42 -17.80
C TRP D 135 29.51 13.49 -17.19
N LYS D 136 28.53 13.84 -18.02
CA LYS D 136 27.15 13.99 -17.59
C LYS D 136 26.20 13.16 -18.45
N GLU D 137 25.36 12.35 -17.81
CA GLU D 137 24.45 11.50 -18.55
C GLU D 137 23.29 12.33 -19.11
N VAL D 138 23.09 12.24 -20.42
CA VAL D 138 21.99 13.01 -21.04
C VAL D 138 20.87 12.10 -21.55
N PHE D 139 21.14 10.81 -21.61
CA PHE D 139 20.12 9.85 -22.03
C PHE D 139 20.43 8.44 -21.56
N VAL D 140 19.39 7.72 -21.17
CA VAL D 140 19.51 6.33 -20.76
C VAL D 140 18.30 5.54 -21.25
N GLU D 141 18.50 4.27 -21.54
CA GLU D 141 17.39 3.43 -22.01
C GLU D 141 17.73 1.96 -21.84
N LYS D 142 16.80 1.22 -21.24
CA LYS D 142 16.98 -0.20 -21.06
C LYS D 142 16.82 -0.88 -22.40
N GLY D 143 17.79 -1.73 -22.72
CA GLY D 143 17.78 -2.44 -23.98
C GLY D 143 16.72 -3.53 -23.97
N LEU D 144 16.39 -4.03 -25.15
CA LEU D 144 15.40 -5.08 -25.27
C LEU D 144 16.02 -6.42 -24.92
N THR D 145 15.50 -7.06 -23.87
CA THR D 145 15.96 -8.39 -23.49
C THR D 145 14.88 -9.43 -23.84
N ASP D 146 15.24 -10.43 -24.63
CA ASP D 146 14.28 -11.46 -25.07
C ASP D 146 15.00 -12.71 -25.56
N GLU D 147 14.29 -13.59 -26.26
CA GLU D 147 14.87 -14.83 -26.79
C GLU D 147 16.17 -14.59 -27.59
N LYS D 148 16.16 -13.59 -28.46
CA LYS D 148 17.28 -13.32 -29.34
C LYS D 148 18.32 -12.42 -28.67
N ASN D 149 17.95 -11.78 -27.55
CA ASN D 149 18.85 -10.88 -26.83
C ASN D 149 18.88 -11.22 -25.34
N PRO D 150 19.64 -12.26 -25.00
CA PRO D 150 19.44 -12.93 -23.70
C PRO D 150 19.78 -12.06 -22.49
N TYR D 151 20.84 -11.25 -22.57
CA TYR D 151 21.30 -10.50 -21.40
C TYR D 151 20.53 -9.21 -21.13
N THR D 152 20.76 -8.63 -19.96
CA THR D 152 20.22 -7.31 -19.63
C THR D 152 21.28 -6.24 -19.90
N TYR D 153 20.89 -5.16 -20.57
CA TYR D 153 21.85 -4.14 -20.94
C TYR D 153 21.14 -2.80 -21.07
N TYR D 154 21.89 -1.68 -21.07
CA TYR D 154 21.31 -0.34 -21.17
C TYR D 154 22.13 0.57 -22.09
N TYR D 155 21.46 1.35 -22.92
CA TYR D 155 22.12 2.38 -23.69
C TYR D 155 22.25 3.63 -22.82
N HIS D 156 23.47 4.18 -22.76
CA HIS D 156 23.72 5.41 -22.03
C HIS D 156 24.40 6.39 -22.97
N VAL D 157 23.98 7.65 -22.92
CA VAL D 157 24.68 8.70 -23.64
C VAL D 157 25.16 9.80 -22.71
N TYR D 158 26.48 10.05 -22.74
CA TYR D 158 27.12 11.03 -21.87
C TYR D 158 27.73 12.19 -22.68
N GLU D 159 27.66 13.39 -22.13
CA GLU D 159 28.23 14.57 -22.74
C GLU D 159 29.11 15.28 -21.72
N LYS D 160 29.95 16.20 -22.17
CA LYS D 160 30.90 16.83 -21.28
C LYS D 160 30.17 17.59 -20.17
N GLN D 161 30.59 17.37 -18.94
CA GLN D 161 30.08 18.13 -17.80
C GLN D 161 30.47 19.60 -17.94
N GLN D 162 29.47 20.47 -18.06
CA GLN D 162 29.75 21.88 -18.25
C GLN D 162 30.05 22.56 -16.92
N LEU D 163 31.12 23.36 -16.90
CA LEU D 163 31.55 24.06 -15.69
C LEU D 163 30.98 25.48 -15.63
N VAL D 164 30.40 25.80 -14.48
CA VAL D 164 30.17 27.20 -14.13
C VAL D 164 31.52 27.79 -13.76
N PRO D 165 31.84 28.99 -14.24
CA PRO D 165 33.17 29.51 -13.89
C PRO D 165 33.26 29.93 -12.41
N ARG D 166 34.45 30.31 -11.97
CA ARG D 166 34.66 30.81 -10.63
C ARG D 166 34.87 32.33 -10.67
N MET E 1 14.21 -18.94 -31.84
CA MET E 1 13.96 -20.27 -31.30
C MET E 1 12.49 -20.34 -30.89
N ILE E 2 11.90 -21.52 -31.05
CA ILE E 2 10.52 -21.77 -30.66
C ILE E 2 10.49 -22.25 -29.21
N VAL E 3 9.79 -21.52 -28.35
CA VAL E 3 9.66 -21.89 -26.95
C VAL E 3 8.35 -22.63 -26.79
N SER E 4 8.43 -23.92 -26.47
CA SER E 4 7.25 -24.78 -26.40
C SER E 4 6.98 -25.32 -25.00
N PHE E 5 5.73 -25.28 -24.59
CA PHE E 5 5.32 -25.92 -23.34
C PHE E 5 4.92 -27.36 -23.65
N MET E 6 5.42 -28.29 -22.87
CA MET E 6 5.06 -29.69 -23.03
C MET E 6 4.43 -30.07 -21.73
N VAL E 7 3.14 -30.39 -21.75
CA VAL E 7 2.44 -30.68 -20.51
C VAL E 7 1.36 -31.78 -20.64
N ALA E 8 1.21 -32.55 -19.57
CA ALA E 8 0.09 -33.47 -19.46
C ALA E 8 -0.68 -33.10 -18.20
N MET E 9 -1.98 -32.89 -18.35
CA MET E 9 -2.80 -32.43 -17.21
C MET E 9 -4.21 -33.01 -17.23
N ASP E 10 -4.84 -33.03 -16.07
CA ASP E 10 -6.19 -33.57 -16.00
C ASP E 10 -7.25 -32.49 -16.19
N GLU E 11 -8.51 -32.82 -15.90
CA GLU E 11 -9.64 -31.93 -16.11
C GLU E 11 -9.54 -30.65 -15.31
N ASN E 12 -8.80 -30.69 -14.22
CA ASN E 12 -8.64 -29.52 -13.35
C ASN E 12 -7.22 -28.98 -13.39
N ARG E 13 -6.48 -29.35 -14.42
CA ARG E 13 -5.10 -28.85 -14.65
C ARG E 13 -4.08 -29.43 -13.68
N VAL E 14 -4.43 -30.51 -13.01
CA VAL E 14 -3.46 -31.17 -12.17
C VAL E 14 -2.32 -31.71 -13.01
N ILE E 15 -1.09 -31.45 -12.60
CA ILE E 15 0.06 -31.96 -13.33
C ILE E 15 0.96 -32.80 -12.42
N GLY E 16 0.56 -32.93 -11.16
CA GLY E 16 1.36 -33.67 -10.20
C GLY E 16 0.68 -33.89 -8.86
N LYS E 17 1.11 -34.96 -8.19
CA LYS E 17 0.67 -35.26 -6.84
C LYS E 17 1.90 -35.76 -6.09
N ASP E 18 2.21 -35.10 -4.98
CA ASP E 18 3.51 -35.28 -4.37
C ASP E 18 4.45 -34.88 -5.50
N ASN E 19 5.58 -35.55 -5.67
CA ASN E 19 6.36 -35.25 -6.86
C ASN E 19 6.26 -36.40 -7.87
N ASN E 20 5.03 -36.81 -8.20
CA ASN E 20 4.82 -37.77 -9.27
C ASN E 20 3.54 -37.55 -10.08
N LEU E 21 3.38 -38.30 -11.16
CA LEU E 21 2.16 -38.26 -11.97
C LEU E 21 1.10 -39.12 -11.34
N PRO E 22 -0.10 -38.57 -11.15
CA PRO E 22 -1.20 -39.30 -10.51
C PRO E 22 -1.64 -40.46 -11.39
N TRP E 23 -1.19 -40.45 -12.63
CA TRP E 23 -1.63 -41.44 -13.60
C TRP E 23 -0.43 -42.16 -14.19
N ARG E 24 -0.66 -43.32 -14.80
CA ARG E 24 0.41 -44.01 -15.50
C ARG E 24 -0.02 -44.29 -16.93
N LEU E 25 0.50 -43.51 -17.86
CA LEU E 25 0.17 -43.66 -19.27
C LEU E 25 1.45 -43.78 -20.09
N PRO E 26 2.01 -44.99 -20.16
CA PRO E 26 3.24 -45.27 -20.92
C PRO E 26 3.15 -44.71 -22.34
N SER E 27 1.98 -44.82 -22.96
CA SER E 27 1.80 -44.35 -24.33
C SER E 27 1.94 -42.83 -24.43
N GLU E 28 1.42 -42.11 -23.43
CA GLU E 28 1.58 -40.65 -23.36
C GLU E 28 3.09 -40.30 -23.32
N LEU E 29 3.84 -40.98 -22.46
CA LEU E 29 5.28 -40.70 -22.31
C LEU E 29 6.03 -41.01 -23.60
N GLN E 30 5.55 -41.99 -24.34
CA GLN E 30 6.15 -42.31 -25.63
C GLN E 30 5.89 -41.18 -26.62
N TYR E 31 4.73 -40.55 -26.51
CA TYR E 31 4.46 -39.37 -27.33
C TYR E 31 5.42 -38.24 -26.96
N VAL E 32 5.64 -38.04 -25.67
CA VAL E 32 6.58 -37.04 -25.21
C VAL E 32 7.93 -37.31 -25.84
N LYS E 33 8.41 -38.54 -25.73
CA LYS E 33 9.70 -38.93 -26.28
C LYS E 33 9.79 -38.67 -27.78
N LYS E 34 8.77 -39.09 -28.53
CA LYS E 34 8.76 -38.86 -29.98
C LYS E 34 8.78 -37.37 -30.32
N THR E 35 7.98 -36.58 -29.62
CA THR E 35 7.83 -35.17 -29.94
C THR E 35 9.09 -34.37 -29.62
N THR E 36 9.76 -34.69 -28.52
CA THR E 36 10.87 -33.89 -28.04
C THR E 36 12.24 -34.39 -28.51
N MET E 37 12.22 -35.34 -29.42
CA MET E 37 13.45 -35.94 -29.92
C MET E 37 14.37 -34.92 -30.62
N GLY E 38 15.59 -34.77 -30.11
CA GLY E 38 16.56 -33.86 -30.69
C GLY E 38 16.37 -32.40 -30.30
N HIS E 39 15.61 -32.18 -29.23
CA HIS E 39 15.38 -30.84 -28.72
C HIS E 39 15.62 -30.81 -27.23
N PRO E 40 16.08 -29.68 -26.71
CA PRO E 40 16.33 -29.54 -25.28
C PRO E 40 15.06 -29.71 -24.45
N LEU E 41 15.20 -30.35 -23.30
CA LEU E 41 14.15 -30.42 -22.29
C LEU E 41 14.52 -29.47 -21.16
N ILE E 42 13.65 -28.53 -20.86
CA ILE E 42 13.92 -27.59 -19.78
C ILE E 42 13.04 -27.93 -18.60
N MET E 43 13.64 -28.24 -17.45
CA MET E 43 12.82 -28.60 -16.29
C MET E 43 13.36 -28.06 -14.98
N GLY E 44 12.48 -27.83 -14.01
CA GLY E 44 12.90 -27.45 -12.68
C GLY E 44 13.57 -28.62 -11.98
N ARG E 45 14.28 -28.33 -10.89
CA ARG E 45 14.98 -29.37 -10.16
C ARG E 45 14.02 -30.43 -9.61
N LYS E 46 12.97 -30.01 -8.91
CA LYS E 46 11.98 -30.97 -8.37
C LYS E 46 11.46 -31.90 -9.47
N ASN E 47 11.12 -31.32 -10.62
CA ASN E 47 10.58 -32.06 -11.75
C ASN E 47 11.61 -33.07 -12.24
N TYR E 48 12.86 -32.67 -12.32
CA TYR E 48 13.89 -33.59 -12.77
C TYR E 48 14.08 -34.74 -11.79
N GLU E 49 14.02 -34.42 -10.50
CA GLU E 49 14.23 -35.44 -9.47
C GLU E 49 13.07 -36.42 -9.41
N ALA E 50 11.87 -35.94 -9.76
CA ALA E 50 10.69 -36.80 -9.83
C ALA E 50 10.80 -37.85 -10.96
N ILE E 51 11.53 -37.49 -12.02
CA ILE E 51 11.75 -38.38 -13.15
C ILE E 51 12.89 -39.38 -12.90
N GLY E 52 13.85 -38.97 -12.08
CA GLY E 52 14.91 -39.87 -11.64
C GLY E 52 16.19 -39.91 -12.46
N ARG E 53 16.07 -39.85 -13.79
CA ARG E 53 17.24 -40.00 -14.65
C ARG E 53 17.23 -38.99 -15.78
N PRO E 54 18.41 -38.70 -16.36
CA PRO E 54 18.43 -37.91 -17.59
C PRO E 54 17.69 -38.67 -18.69
N LEU E 55 16.79 -38.00 -19.38
CA LEU E 55 16.10 -38.61 -20.49
C LEU E 55 17.04 -38.59 -21.69
N PRO E 56 17.50 -39.78 -22.09
CA PRO E 56 18.52 -39.97 -23.13
C PRO E 56 18.10 -39.32 -24.44
N GLY E 57 19.09 -38.89 -25.22
CA GLY E 57 18.84 -38.36 -26.55
C GLY E 57 18.45 -36.90 -26.62
N ARG E 58 18.46 -36.22 -25.48
CA ARG E 58 18.16 -34.79 -25.43
C ARG E 58 19.09 -34.06 -24.47
N ARG E 59 19.29 -32.77 -24.74
CA ARG E 59 19.92 -31.89 -23.77
C ARG E 59 18.93 -31.74 -22.63
N ASN E 60 19.30 -32.26 -21.47
CA ASN E 60 18.50 -32.05 -20.28
C ASN E 60 19.05 -30.83 -19.58
N ILE E 61 18.26 -29.76 -19.53
CA ILE E 61 18.68 -28.56 -18.86
C ILE E 61 17.84 -28.36 -17.61
N ILE E 62 18.50 -28.35 -16.46
CA ILE E 62 17.81 -28.23 -15.18
C ILE E 62 17.88 -26.79 -14.67
N VAL E 63 16.73 -26.25 -14.27
CA VAL E 63 16.64 -24.86 -13.86
C VAL E 63 16.52 -24.76 -12.36
N THR E 64 17.51 -24.12 -11.72
CA THR E 64 17.52 -23.95 -10.28
C THR E 64 18.27 -22.69 -9.87
N ARG E 65 17.79 -22.08 -8.79
CA ARG E 65 18.42 -20.90 -8.22
C ARG E 65 19.76 -21.22 -7.57
N ASN E 66 19.92 -22.49 -7.19
CA ASN E 66 21.11 -22.96 -6.48
C ASN E 66 22.36 -23.01 -7.36
N GLU E 67 23.28 -22.07 -7.14
CA GLU E 67 24.50 -21.95 -7.96
C GLU E 67 25.44 -23.15 -7.84
N GLY E 68 25.28 -23.92 -6.76
CA GLY E 68 26.12 -25.08 -6.51
C GLY E 68 25.60 -26.37 -7.12
N TYR E 69 24.33 -26.38 -7.49
CA TYR E 69 23.69 -27.58 -8.05
C TYR E 69 24.37 -28.13 -9.32
N HIS E 70 24.70 -29.41 -9.30
CA HIS E 70 25.22 -30.10 -10.49
C HIS E 70 24.70 -31.52 -10.54
N VAL E 71 24.55 -32.05 -11.74
CA VAL E 71 24.15 -33.45 -11.90
C VAL E 71 24.64 -33.99 -13.23
N GLU E 72 25.30 -35.15 -13.18
CA GLU E 72 25.97 -35.69 -14.36
C GLU E 72 24.99 -35.81 -15.51
N GLY E 73 25.49 -35.62 -16.72
CA GLY E 73 24.69 -35.80 -17.91
C GLY E 73 23.65 -34.70 -18.15
N CYS E 74 23.61 -33.73 -17.25
CA CYS E 74 22.69 -32.60 -17.38
C CYS E 74 23.42 -31.26 -17.32
N GLU E 75 22.89 -30.28 -18.04
CA GLU E 75 23.37 -28.92 -17.88
C GLU E 75 22.48 -28.18 -16.87
N VAL E 76 23.02 -27.15 -16.24
CA VAL E 76 22.27 -26.41 -15.23
C VAL E 76 22.21 -24.92 -15.56
N ALA E 77 20.99 -24.37 -15.53
CA ALA E 77 20.77 -22.94 -15.68
C ALA E 77 20.11 -22.37 -14.43
N HIS E 78 20.32 -21.08 -14.18
CA HIS E 78 19.87 -20.47 -12.93
C HIS E 78 18.88 -19.33 -13.20
N SER E 79 18.50 -19.18 -14.46
CA SER E 79 17.62 -18.09 -14.86
C SER E 79 17.16 -18.29 -16.30
N VAL E 80 16.09 -17.60 -16.67
CA VAL E 80 15.59 -17.62 -18.03
C VAL E 80 16.70 -17.17 -18.99
N GLU E 81 17.33 -16.07 -18.63
CA GLU E 81 18.46 -15.54 -19.39
C GLU E 81 19.49 -16.63 -19.69
N GLU E 82 19.90 -17.37 -18.67
CA GLU E 82 20.89 -18.42 -18.87
C GLU E 82 20.37 -19.53 -19.78
N VAL E 83 19.08 -19.86 -19.64
CA VAL E 83 18.49 -20.86 -20.53
C VAL E 83 18.54 -20.41 -21.99
N PHE E 84 18.18 -19.15 -22.23
CA PHE E 84 18.17 -18.64 -23.59
C PHE E 84 19.59 -18.55 -24.16
N GLU E 85 20.55 -18.26 -23.29
CA GLU E 85 21.96 -18.27 -23.67
C GLU E 85 22.37 -19.69 -24.08
N LEU E 86 22.12 -20.64 -23.20
CA LEU E 86 22.42 -22.05 -23.47
C LEU E 86 21.80 -22.58 -24.76
N CYS E 87 20.57 -22.18 -25.05
CA CYS E 87 19.85 -22.67 -26.22
C CYS E 87 19.89 -21.66 -27.36
N LYS E 88 20.91 -20.81 -27.29
CA LYS E 88 21.24 -19.82 -28.32
C LYS E 88 20.89 -20.24 -29.75
N ASN E 89 21.34 -21.44 -30.14
CA ASN E 89 21.23 -21.88 -31.52
C ASN E 89 20.10 -22.88 -31.78
N GLU E 90 19.34 -23.22 -30.75
CA GLU E 90 18.29 -24.23 -30.88
C GLU E 90 17.10 -23.78 -31.71
N GLU E 91 16.55 -24.72 -32.46
CA GLU E 91 15.37 -24.45 -33.28
C GLU E 91 14.09 -24.43 -32.41
N GLU E 92 14.04 -25.30 -31.42
CA GLU E 92 12.88 -25.41 -30.53
C GLU E 92 13.26 -26.05 -29.21
N ILE E 93 12.74 -25.49 -28.11
CA ILE E 93 12.96 -26.06 -26.78
C ILE E 93 11.63 -26.38 -26.12
N PHE E 94 11.66 -27.33 -25.18
CA PHE E 94 10.45 -27.79 -24.51
C PHE E 94 10.52 -27.54 -23.02
N ILE E 95 9.71 -26.59 -22.56
CA ILE E 95 9.58 -26.36 -21.13
C ILE E 95 8.81 -27.54 -20.57
N PHE E 96 9.46 -28.32 -19.72
CA PHE E 96 8.95 -29.63 -19.35
C PHE E 96 8.27 -29.58 -18.02
N GLY E 97 8.26 -28.42 -17.41
CA GLY E 97 7.44 -28.25 -16.25
C GLY E 97 8.11 -28.12 -14.91
N GLY E 98 7.26 -28.21 -13.90
CA GLY E 98 7.38 -27.43 -12.70
C GLY E 98 6.39 -26.32 -13.01
N ALA E 99 5.30 -26.23 -12.26
CA ALA E 99 4.38 -25.10 -12.39
C ALA E 99 5.14 -23.77 -12.46
N GLN E 100 6.07 -23.59 -11.54
CA GLN E 100 6.86 -22.36 -11.44
C GLN E 100 7.72 -22.13 -12.67
N ILE E 101 8.21 -23.22 -13.26
CA ILE E 101 8.99 -23.15 -14.49
C ILE E 101 8.13 -22.70 -15.67
N TYR E 102 6.88 -23.16 -15.73
CA TYR E 102 5.97 -22.68 -16.75
C TYR E 102 5.74 -21.19 -16.57
N ASP E 103 5.63 -20.74 -15.32
CA ASP E 103 5.38 -19.32 -15.07
C ASP E 103 6.55 -18.46 -15.52
N LEU E 104 7.77 -18.92 -15.27
CA LEU E 104 8.95 -18.21 -15.73
C LEU E 104 8.97 -18.03 -17.26
N PHE E 105 8.49 -19.02 -18.02
CA PHE E 105 8.64 -18.96 -19.47
C PHE E 105 7.41 -18.45 -20.20
N LEU E 106 6.36 -18.19 -19.42
CA LEU E 106 5.10 -17.70 -19.95
C LEU E 106 5.24 -16.50 -20.89
N PRO E 107 6.12 -15.54 -20.56
CA PRO E 107 6.20 -14.37 -21.44
C PRO E 107 6.80 -14.69 -22.81
N TYR E 108 7.36 -15.89 -22.98
CA TYR E 108 8.11 -16.20 -24.19
C TYR E 108 7.51 -17.36 -24.99
N VAL E 109 6.46 -17.96 -24.46
CA VAL E 109 5.96 -19.20 -25.03
C VAL E 109 5.37 -18.96 -26.43
N ASP E 110 5.66 -19.88 -27.35
CA ASP E 110 5.17 -19.76 -28.73
C ASP E 110 4.25 -20.90 -29.15
N LYS E 111 4.35 -22.02 -28.45
CA LYS E 111 3.68 -23.23 -28.89
C LYS E 111 3.32 -24.09 -27.69
N LEU E 112 2.10 -24.64 -27.69
CA LEU E 112 1.62 -25.45 -26.58
C LEU E 112 1.34 -26.88 -27.00
N TYR E 113 2.02 -27.82 -26.38
CA TYR E 113 1.73 -29.24 -26.54
C TYR E 113 1.09 -29.73 -25.26
N ILE E 114 -0.22 -29.87 -25.29
CA ILE E 114 -0.97 -30.16 -24.06
C ILE E 114 -1.74 -31.47 -24.20
N THR E 115 -1.44 -32.42 -23.34
CA THR E 115 -2.23 -33.64 -23.24
C THR E 115 -3.28 -33.44 -22.19
N LYS E 116 -4.55 -33.55 -22.57
CA LYS E 116 -5.67 -33.40 -21.66
C LYS E 116 -6.25 -34.74 -21.27
N ILE E 117 -6.11 -35.12 -20.02
CA ILE E 117 -6.62 -36.40 -19.54
C ILE E 117 -8.02 -36.20 -18.97
N HIS E 118 -8.98 -36.95 -19.51
CA HIS E 118 -10.39 -36.80 -19.14
C HIS E 118 -10.75 -37.53 -17.86
N HIS E 119 -10.18 -37.07 -16.76
CA HIS E 119 -10.42 -37.65 -15.45
C HIS E 119 -10.00 -36.64 -14.39
N ALA E 120 -10.53 -36.80 -13.19
CA ALA E 120 -10.21 -35.90 -12.08
C ALA E 120 -9.39 -36.63 -11.02
N PHE E 121 -8.10 -36.33 -10.96
CA PHE E 121 -7.23 -36.97 -10.01
C PHE E 121 -7.04 -36.14 -8.74
N GLU E 122 -6.36 -36.74 -7.78
CA GLU E 122 -5.91 -36.03 -6.60
C GLU E 122 -4.57 -35.40 -6.95
N GLY E 123 -4.45 -34.09 -6.85
CA GLY E 123 -3.19 -33.44 -7.13
C GLY E 123 -2.89 -32.26 -6.23
N ASP E 124 -1.64 -31.81 -6.23
CA ASP E 124 -1.25 -30.67 -5.40
C ASP E 124 -0.51 -29.58 -6.20
N THR E 125 -0.31 -29.82 -7.48
CA THR E 125 0.32 -28.82 -8.35
C THR E 125 -0.39 -28.74 -9.70
N PHE E 126 -0.43 -27.54 -10.28
CA PHE E 126 -1.32 -27.27 -11.41
C PHE E 126 -0.67 -26.53 -12.57
N PHE E 127 -1.15 -26.80 -13.76
CA PHE E 127 -0.75 -26.03 -14.93
C PHE E 127 -1.46 -24.69 -14.89
N PRO E 128 -0.68 -23.60 -14.80
CA PRO E 128 -1.26 -22.26 -14.61
C PRO E 128 -2.31 -21.94 -15.67
N GLU E 129 -3.32 -21.16 -15.29
CA GLU E 129 -4.36 -20.74 -16.22
C GLU E 129 -3.75 -20.02 -17.42
N MET E 130 -4.37 -20.16 -18.58
CA MET E 130 -3.96 -19.42 -19.76
C MET E 130 -5.18 -18.95 -20.55
N ASP E 131 -5.10 -17.74 -21.08
CA ASP E 131 -6.13 -17.22 -21.95
C ASP E 131 -5.98 -17.86 -23.32
N MET E 132 -6.83 -18.84 -23.62
CA MET E 132 -6.70 -19.62 -24.83
C MET E 132 -7.27 -18.93 -26.07
N THR E 133 -7.90 -17.77 -25.88
CA THR E 133 -8.41 -17.02 -27.03
C THR E 133 -7.27 -16.44 -27.85
N ASN E 134 -6.07 -16.42 -27.28
CA ASN E 134 -4.88 -16.02 -28.02
C ASN E 134 -4.27 -17.18 -28.80
N TRP E 135 -4.80 -18.37 -28.60
CA TRP E 135 -4.23 -19.58 -29.16
C TRP E 135 -5.12 -20.30 -30.18
N LYS E 136 -4.49 -20.95 -31.14
CA LYS E 136 -5.19 -21.67 -32.20
C LYS E 136 -4.75 -23.13 -32.26
N GLU E 137 -5.72 -24.04 -32.26
CA GLU E 137 -5.41 -25.47 -32.34
C GLU E 137 -4.95 -25.82 -33.75
N VAL E 138 -3.77 -26.43 -33.84
CA VAL E 138 -3.27 -26.85 -35.15
C VAL E 138 -3.24 -28.36 -35.32
N PHE E 139 -3.33 -29.07 -34.21
CA PHE E 139 -3.37 -30.52 -34.24
C PHE E 139 -4.06 -31.10 -33.01
N VAL E 140 -4.81 -32.19 -33.22
CA VAL E 140 -5.45 -32.92 -32.13
C VAL E 140 -5.45 -34.41 -32.46
N GLU E 141 -5.33 -35.24 -31.45
CA GLU E 141 -5.34 -36.68 -31.63
C GLU E 141 -5.72 -37.38 -30.33
N LYS E 142 -6.67 -38.32 -30.44
CA LYS E 142 -7.07 -39.12 -29.28
C LYS E 142 -5.97 -40.11 -28.96
N GLY E 143 -5.57 -40.13 -27.69
CA GLY E 143 -4.53 -41.01 -27.24
C GLY E 143 -5.02 -42.43 -27.17
N LEU E 144 -4.08 -43.37 -27.07
CA LEU E 144 -4.38 -44.78 -27.00
C LEU E 144 -4.85 -45.15 -25.60
N THR E 145 -6.09 -45.62 -25.49
CA THR E 145 -6.63 -46.08 -24.21
C THR E 145 -6.77 -47.60 -24.22
N ASP E 146 -6.11 -48.29 -23.28
CA ASP E 146 -6.10 -49.75 -23.24
C ASP E 146 -5.72 -50.24 -21.85
N GLU E 147 -5.36 -51.52 -21.74
CA GLU E 147 -5.00 -52.13 -20.46
C GLU E 147 -3.92 -51.35 -19.71
N LYS E 148 -2.86 -50.96 -20.43
CA LYS E 148 -1.74 -50.26 -19.86
C LYS E 148 -1.95 -48.74 -19.78
N ASN E 149 -2.98 -48.23 -20.45
CA ASN E 149 -3.27 -46.80 -20.46
C ASN E 149 -4.74 -46.54 -20.18
N PRO E 150 -5.12 -46.67 -18.91
CA PRO E 150 -6.53 -46.83 -18.55
C PRO E 150 -7.45 -45.66 -18.92
N TYR E 151 -6.96 -44.42 -18.91
CA TYR E 151 -7.83 -43.27 -19.07
C TYR E 151 -8.04 -42.84 -20.50
N THR E 152 -8.99 -41.94 -20.70
CA THR E 152 -9.22 -41.33 -21.98
C THR E 152 -8.46 -40.00 -22.01
N TYR E 153 -7.66 -39.78 -23.06
CA TYR E 153 -6.87 -38.57 -23.15
C TYR E 153 -6.59 -38.18 -24.58
N TYR E 154 -6.25 -36.90 -24.74
CA TYR E 154 -6.12 -36.29 -26.05
C TYR E 154 -4.86 -35.45 -26.14
N TYR E 155 -4.11 -35.62 -27.23
CA TYR E 155 -3.00 -34.74 -27.55
C TYR E 155 -3.55 -33.48 -28.20
N HIS E 156 -3.09 -32.34 -27.72
CA HIS E 156 -3.41 -31.06 -28.33
C HIS E 156 -2.15 -30.27 -28.63
N VAL E 157 -2.18 -29.58 -29.77
CA VAL E 157 -1.10 -28.71 -30.17
C VAL E 157 -1.68 -27.37 -30.61
N TYR E 158 -1.16 -26.31 -30.00
CA TYR E 158 -1.62 -24.96 -30.29
C TYR E 158 -0.45 -24.04 -30.69
N GLU E 159 -0.73 -23.10 -31.59
CA GLU E 159 0.20 -22.02 -31.92
C GLU E 159 -0.52 -20.66 -31.75
N LYS E 160 0.24 -19.56 -31.77
CA LYS E 160 -0.36 -18.24 -31.59
C LYS E 160 -1.43 -17.97 -32.64
N GLN E 161 -2.54 -17.41 -32.19
CA GLN E 161 -3.57 -16.97 -33.09
C GLN E 161 -3.01 -15.78 -33.84
N GLN E 162 -3.08 -15.80 -35.17
CA GLN E 162 -2.73 -14.59 -35.90
C GLN E 162 -3.93 -13.68 -36.10
N LEU E 163 -3.74 -12.43 -35.68
CA LEU E 163 -4.77 -11.42 -35.84
C LEU E 163 -4.68 -10.80 -37.22
N VAL E 164 -5.83 -10.58 -37.84
CA VAL E 164 -5.93 -9.77 -39.04
C VAL E 164 -6.01 -8.30 -38.60
N PRO E 165 -5.23 -7.41 -39.25
CA PRO E 165 -5.28 -5.98 -38.87
C PRO E 165 -6.65 -5.36 -39.11
N ARG E 166 -7.02 -4.42 -38.25
CA ARG E 166 -8.31 -3.72 -38.30
C ARG E 166 -8.52 -3.03 -39.65
N MET F 1 11.83 -6.20 13.61
CA MET F 1 11.59 -7.55 14.06
C MET F 1 10.14 -7.68 14.47
N ILE F 2 9.58 -8.87 14.27
CA ILE F 2 8.19 -9.16 14.66
C ILE F 2 8.14 -9.68 16.10
N VAL F 3 7.42 -8.97 16.96
CA VAL F 3 7.24 -9.36 18.34
C VAL F 3 5.91 -10.07 18.49
N SER F 4 5.96 -11.36 18.77
CA SER F 4 4.75 -12.16 18.81
C SER F 4 4.44 -12.71 20.20
N PHE F 5 3.18 -12.60 20.60
CA PHE F 5 2.72 -13.31 21.81
C PHE F 5 2.33 -14.74 21.45
N MET F 6 2.83 -15.70 22.22
CA MET F 6 2.42 -17.10 22.06
C MET F 6 1.72 -17.49 23.34
N VAL F 7 0.44 -17.81 23.25
CA VAL F 7 -0.28 -18.10 24.49
C VAL F 7 -1.36 -19.16 24.31
N ALA F 8 -1.55 -19.94 25.37
CA ALA F 8 -2.69 -20.83 25.44
C ALA F 8 -3.52 -20.49 26.68
N MET F 9 -4.82 -20.29 26.49
CA MET F 9 -5.65 -19.82 27.60
C MET F 9 -7.07 -20.38 27.54
N ASP F 10 -7.74 -20.40 28.68
CA ASP F 10 -9.10 -20.92 28.71
C ASP F 10 -10.16 -19.83 28.50
N GLU F 11 -11.43 -20.15 28.78
CA GLU F 11 -12.53 -19.23 28.54
C GLU F 11 -12.48 -17.96 29.38
N ASN F 12 -11.74 -18.02 30.49
CA ASN F 12 -11.55 -16.88 31.36
C ASN F 12 -10.10 -16.39 31.39
N ARG F 13 -9.34 -16.75 30.37
CA ARG F 13 -7.98 -16.24 30.19
C ARG F 13 -6.99 -16.85 31.16
N VAL F 14 -7.40 -17.91 31.83
CA VAL F 14 -6.46 -18.65 32.66
C VAL F 14 -5.30 -19.18 31.82
N ILE F 15 -4.06 -18.94 32.27
CA ILE F 15 -2.89 -19.44 31.57
C ILE F 15 -2.02 -20.30 32.49
N GLY F 16 -2.45 -20.44 33.74
CA GLY F 16 -1.67 -21.18 34.72
C GLY F 16 -2.41 -21.44 36.02
N LYS F 17 -2.00 -22.52 36.69
CA LYS F 17 -2.47 -22.85 38.02
C LYS F 17 -1.30 -23.42 38.81
N ASP F 18 -1.06 -22.87 39.99
CA ASP F 18 0.08 -23.28 40.83
C ASP F 18 1.39 -22.80 40.22
N ASN F 19 1.58 -23.12 38.94
CA ASN F 19 2.75 -22.80 38.14
C ASN F 19 2.85 -23.77 36.99
N ASN F 20 1.78 -24.52 36.78
CA ASN F 20 1.69 -25.42 35.65
C ASN F 20 0.43 -25.14 34.81
N LEU F 21 0.29 -25.87 33.72
CA LEU F 21 -0.91 -25.80 32.89
C LEU F 21 -2.01 -26.65 33.49
N PRO F 22 -3.21 -26.08 33.63
CA PRO F 22 -4.34 -26.80 34.22
C PRO F 22 -4.80 -27.94 33.32
N TRP F 23 -4.34 -27.93 32.07
CA TRP F 23 -4.76 -28.89 31.08
C TRP F 23 -3.55 -29.62 30.52
N ARG F 24 -3.79 -30.75 29.87
CA ARG F 24 -2.70 -31.46 29.21
C ARG F 24 -3.09 -31.71 27.78
N LEU F 25 -2.54 -30.91 26.88
CA LEU F 25 -2.83 -31.03 25.46
C LEU F 25 -1.53 -31.16 24.65
N PRO F 26 -0.97 -32.38 24.59
CA PRO F 26 0.25 -32.68 23.84
C PRO F 26 0.22 -32.11 22.43
N SER F 27 -0.93 -32.21 21.78
CA SER F 27 -1.07 -31.69 20.43
C SER F 27 -0.88 -30.17 20.37
N GLU F 28 -1.42 -29.45 21.36
CA GLU F 28 -1.24 -28.00 21.46
C GLU F 28 0.26 -27.67 21.56
N LEU F 29 0.98 -28.41 22.40
CA LEU F 29 2.40 -28.14 22.56
C LEU F 29 3.19 -28.41 21.30
N GLN F 30 2.73 -29.38 20.52
CA GLN F 30 3.35 -29.71 19.25
C GLN F 30 3.14 -28.54 18.26
N TYR F 31 2.01 -27.87 18.40
CA TYR F 31 1.75 -26.70 17.58
C TYR F 31 2.72 -25.60 17.98
N VAL F 32 2.88 -25.40 19.28
CA VAL F 32 3.86 -24.43 19.78
C VAL F 32 5.23 -24.73 19.19
N LYS F 33 5.64 -25.98 19.26
CA LYS F 33 6.95 -26.39 18.75
C LYS F 33 7.10 -26.10 17.25
N LYS F 34 6.09 -26.46 16.48
CA LYS F 34 6.13 -26.22 15.04
C LYS F 34 6.20 -24.72 14.71
N THR F 35 5.39 -23.94 15.42
CA THR F 35 5.26 -22.51 15.12
C THR F 35 6.52 -21.71 15.48
N THR F 36 7.14 -22.07 16.60
CA THR F 36 8.29 -21.31 17.12
C THR F 36 9.65 -21.83 16.67
N MET F 37 9.65 -22.76 15.73
CA MET F 37 10.90 -23.37 15.27
C MET F 37 11.82 -22.37 14.61
N GLY F 38 13.03 -22.23 15.15
CA GLY F 38 14.03 -21.34 14.57
C GLY F 38 13.87 -19.89 15.01
N HIS F 39 13.11 -19.67 16.07
CA HIS F 39 12.88 -18.34 16.58
C HIS F 39 13.08 -18.35 18.09
N PRO F 40 13.57 -17.24 18.65
CA PRO F 40 13.77 -17.11 20.09
C PRO F 40 12.47 -17.26 20.87
N LEU F 41 12.56 -17.91 22.02
CA LEU F 41 11.47 -17.99 22.97
C LEU F 41 11.80 -17.09 24.13
N ILE F 42 10.94 -16.13 24.42
CA ILE F 42 11.18 -15.22 25.53
C ILE F 42 10.26 -15.55 26.69
N MET F 43 10.84 -15.87 27.85
CA MET F 43 9.99 -16.24 28.98
C MET F 43 10.51 -15.75 30.33
N GLY F 44 9.60 -15.51 31.26
CA GLY F 44 10.00 -15.16 32.61
C GLY F 44 10.63 -16.35 33.30
N ARG F 45 11.32 -16.10 34.41
CA ARG F 45 12.00 -17.16 35.16
C ARG F 45 11.02 -18.22 35.67
N LYS F 46 9.94 -17.79 36.35
CA LYS F 46 8.94 -18.73 36.84
C LYS F 46 8.43 -19.63 35.72
N ASN F 47 8.11 -19.01 34.58
CA ASN F 47 7.60 -19.73 33.42
C ASN F 47 8.60 -20.78 32.93
N TYR F 48 9.87 -20.40 32.87
CA TYR F 48 10.91 -21.32 32.43
C TYR F 48 11.07 -22.47 33.42
N GLU F 49 11.00 -22.17 34.71
CA GLU F 49 11.14 -23.20 35.73
C GLU F 49 9.94 -24.16 35.75
N ALA F 50 8.77 -23.67 35.36
CA ALA F 50 7.59 -24.52 35.25
C ALA F 50 7.72 -25.55 34.12
N ILE F 51 8.47 -25.19 33.09
CA ILE F 51 8.70 -26.07 31.95
C ILE F 51 9.82 -27.09 32.20
N GLY F 52 10.78 -26.71 33.05
CA GLY F 52 11.80 -27.64 33.51
C GLY F 52 13.10 -27.67 32.71
N ARG F 53 13.01 -27.59 31.39
CA ARG F 53 14.19 -27.76 30.55
C ARG F 53 14.23 -26.72 29.44
N PRO F 54 15.42 -26.45 28.90
CA PRO F 54 15.47 -25.64 27.68
C PRO F 54 14.73 -26.38 26.56
N LEU F 55 13.80 -25.71 25.90
CA LEU F 55 13.16 -26.27 24.73
C LEU F 55 14.15 -26.27 23.56
N PRO F 56 14.60 -27.45 23.13
CA PRO F 56 15.65 -27.63 22.11
C PRO F 56 15.30 -26.97 20.79
N GLY F 57 16.32 -26.53 20.05
CA GLY F 57 16.12 -25.97 18.72
C GLY F 57 15.77 -24.50 18.68
N ARG F 58 15.75 -23.84 19.84
CA ARG F 58 15.47 -22.41 19.91
C ARG F 58 16.39 -21.71 20.90
N ARG F 59 16.66 -20.44 20.63
CA ARG F 59 17.27 -19.58 21.63
C ARG F 59 16.26 -19.42 22.75
N ASN F 60 16.57 -19.98 23.91
CA ASN F 60 15.75 -19.77 25.07
C ASN F 60 16.28 -18.56 25.82
N ILE F 61 15.50 -17.49 25.86
CA ILE F 61 15.93 -16.28 26.56
C ILE F 61 15.06 -16.09 27.80
N ILE F 62 15.69 -16.13 28.96
CA ILE F 62 14.96 -16.00 30.22
C ILE F 62 15.06 -14.57 30.76
N VAL F 63 13.91 -14.01 31.11
CA VAL F 63 13.84 -12.62 31.55
C VAL F 63 13.68 -12.54 33.06
N THR F 64 14.67 -11.94 33.72
CA THR F 64 14.64 -11.79 35.17
C THR F 64 15.40 -10.54 35.61
N ARG F 65 14.92 -9.93 36.68
CA ARG F 65 15.56 -8.77 37.29
C ARG F 65 16.88 -9.14 37.96
N ASN F 66 17.01 -10.41 38.35
CA ASN F 66 18.16 -10.92 39.08
C ASN F 66 19.43 -10.99 38.20
N GLU F 67 20.36 -10.07 38.45
CA GLU F 67 21.59 -9.97 37.65
C GLU F 67 22.52 -11.17 37.80
N GLY F 68 22.33 -11.96 38.85
CA GLY F 68 23.15 -13.13 39.09
C GLY F 68 22.61 -14.41 38.45
N TYR F 69 21.35 -14.39 38.04
CA TYR F 69 20.70 -15.57 37.49
C TYR F 69 21.40 -16.10 36.24
N HIS F 70 21.73 -17.39 36.24
CA HIS F 70 22.25 -18.08 35.06
C HIS F 70 21.72 -19.50 34.98
N VAL F 71 21.56 -20.00 33.76
CA VAL F 71 21.15 -21.39 33.56
C VAL F 71 21.68 -21.93 32.23
N GLU F 72 22.40 -23.05 32.31
CA GLU F 72 23.11 -23.63 31.15
C GLU F 72 22.17 -23.93 29.99
N GLY F 73 22.56 -23.49 28.78
CA GLY F 73 21.77 -23.67 27.58
C GLY F 73 20.78 -22.55 27.32
N CYS F 74 20.75 -21.57 28.21
CA CYS F 74 19.85 -20.42 28.09
C CYS F 74 20.60 -19.10 28.15
N GLU F 75 20.08 -18.09 27.47
CA GLU F 75 20.58 -16.74 27.66
C GLU F 75 19.69 -16.01 28.65
N VAL F 76 20.23 -14.99 29.30
CA VAL F 76 19.48 -14.25 30.31
C VAL F 76 19.45 -12.75 30.00
N ALA F 77 18.24 -12.19 30.01
CA ALA F 77 18.06 -10.75 29.85
C ALA F 77 17.39 -10.19 31.10
N HIS F 78 17.60 -8.91 31.36
CA HIS F 78 17.13 -8.30 32.61
C HIS F 78 16.20 -7.14 32.35
N SER F 79 15.81 -6.97 31.09
CA SER F 79 14.95 -5.86 30.70
C SER F 79 14.52 -6.05 29.25
N VAL F 80 13.48 -5.32 28.87
CA VAL F 80 13.02 -5.32 27.48
C VAL F 80 14.16 -4.88 26.55
N GLU F 81 14.81 -3.79 26.94
CA GLU F 81 15.97 -3.27 26.23
C GLU F 81 16.99 -4.38 25.93
N GLU F 82 17.38 -5.15 26.94
CA GLU F 82 18.35 -6.23 26.75
C GLU F 82 17.84 -7.30 25.82
N VAL F 83 16.54 -7.62 25.91
CA VAL F 83 15.96 -8.60 25.01
C VAL F 83 16.06 -8.11 23.57
N PHE F 84 15.72 -6.85 23.33
CA PHE F 84 15.73 -6.33 21.97
C PHE F 84 17.17 -6.26 21.46
N GLU F 85 18.11 -6.00 22.37
CA GLU F 85 19.53 -6.02 22.00
C GLU F 85 19.93 -7.43 21.57
N LEU F 86 19.67 -8.39 22.44
CA LEU F 86 19.94 -9.80 22.15
C LEU F 86 19.34 -10.25 20.84
N CYS F 87 18.11 -9.84 20.54
CA CYS F 87 17.41 -10.32 19.34
C CYS F 87 17.54 -9.34 18.18
N LYS F 88 18.57 -8.51 18.28
CA LYS F 88 18.93 -7.49 17.32
C LYS F 88 18.61 -7.89 15.89
N ASN F 89 19.02 -9.10 15.51
CA ASN F 89 18.95 -9.52 14.11
C ASN F 89 17.80 -10.48 13.79
N GLU F 90 16.97 -10.79 14.78
CA GLU F 90 15.91 -11.81 14.60
C GLU F 90 14.76 -11.30 13.73
N GLU F 91 14.20 -12.20 12.90
CA GLU F 91 13.00 -11.88 12.09
C GLU F 91 11.72 -11.86 12.93
N GLU F 92 11.68 -12.69 13.97
CA GLU F 92 10.49 -12.83 14.81
C GLU F 92 10.85 -13.50 16.14
N ILE F 93 10.30 -12.97 17.24
CA ILE F 93 10.48 -13.56 18.56
C ILE F 93 9.12 -13.85 19.22
N PHE F 94 9.11 -14.83 20.12
CA PHE F 94 7.88 -15.28 20.74
C PHE F 94 7.90 -15.05 22.24
N ILE F 95 7.11 -14.10 22.70
CA ILE F 95 6.93 -13.89 24.13
C ILE F 95 6.10 -15.05 24.65
N PHE F 96 6.75 -15.89 25.46
CA PHE F 96 6.19 -17.18 25.81
C PHE F 96 5.46 -17.14 27.12
N GLY F 97 5.46 -15.99 27.76
CA GLY F 97 4.60 -15.82 28.91
C GLY F 97 5.27 -15.70 30.25
N GLY F 98 4.39 -15.80 31.25
CA GLY F 98 4.48 -15.05 32.46
C GLY F 98 3.53 -13.89 32.14
N ALA F 99 2.45 -13.77 32.89
CA ALA F 99 1.53 -12.64 32.73
C ALA F 99 2.32 -11.32 32.70
N GLN F 100 3.25 -11.18 33.64
CA GLN F 100 4.04 -9.96 33.77
C GLN F 100 4.92 -9.74 32.55
N ILE F 101 5.44 -10.84 31.98
CA ILE F 101 6.24 -10.75 30.78
C ILE F 101 5.41 -10.28 29.59
N TYR F 102 4.16 -10.73 29.50
CA TYR F 102 3.28 -10.23 28.45
C TYR F 102 3.10 -8.72 28.64
N ASP F 103 2.89 -8.28 29.88
CA ASP F 103 2.71 -6.86 30.16
C ASP F 103 3.91 -6.03 29.73
N LEU F 104 5.12 -6.53 29.98
CA LEU F 104 6.32 -5.82 29.57
C LEU F 104 6.41 -5.61 28.08
N PHE F 105 5.95 -6.58 27.29
CA PHE F 105 6.11 -6.49 25.84
C PHE F 105 4.89 -5.96 25.09
N LEU F 106 3.83 -5.68 25.82
CA LEU F 106 2.59 -5.18 25.28
C LEU F 106 2.78 -3.95 24.36
N PRO F 107 3.67 -3.01 24.73
CA PRO F 107 3.80 -1.83 23.86
C PRO F 107 4.42 -2.15 22.51
N TYR F 108 4.95 -3.36 22.34
CA TYR F 108 5.73 -3.66 21.15
C TYR F 108 5.12 -4.78 20.32
N VAL F 109 4.07 -5.38 20.83
CA VAL F 109 3.55 -6.59 20.21
C VAL F 109 3.00 -6.34 18.82
N ASP F 110 3.30 -7.25 17.89
CA ASP F 110 2.86 -7.11 16.51
C ASP F 110 1.92 -8.21 16.06
N LYS F 111 1.99 -9.36 16.74
CA LYS F 111 1.30 -10.54 16.26
C LYS F 111 0.87 -11.39 17.45
N LEU F 112 -0.32 -11.95 17.38
CA LEU F 112 -0.85 -12.75 18.49
C LEU F 112 -1.16 -14.17 18.06
N TYR F 113 -0.50 -15.13 18.68
CA TYR F 113 -0.81 -16.56 18.47
C TYR F 113 -1.50 -17.06 19.74
N ILE F 114 -2.82 -17.20 19.66
CA ILE F 114 -3.60 -17.46 20.84
C ILE F 114 -4.39 -18.74 20.66
N THR F 115 -4.12 -19.73 21.51
CA THR F 115 -4.93 -20.94 21.57
C THR F 115 -6.04 -20.74 22.60
N LYS F 116 -7.29 -20.86 22.17
CA LYS F 116 -8.42 -20.67 23.06
C LYS F 116 -9.05 -22.02 23.41
N ILE F 117 -8.95 -22.41 24.67
CA ILE F 117 -9.49 -23.68 25.11
C ILE F 117 -10.88 -23.46 25.66
N HIS F 118 -11.86 -24.14 25.06
CA HIS F 118 -13.28 -23.98 25.39
C HIS F 118 -13.70 -24.71 26.66
N HIS F 119 -13.12 -24.30 27.78
CA HIS F 119 -13.42 -24.92 29.08
C HIS F 119 -12.99 -23.95 30.17
N ALA F 120 -13.56 -24.12 31.36
CA ALA F 120 -13.25 -23.25 32.49
C ALA F 120 -12.47 -24.01 33.55
N PHE F 121 -11.17 -23.73 33.66
CA PHE F 121 -10.33 -24.40 34.64
C PHE F 121 -10.21 -23.58 35.92
N GLU F 122 -9.62 -24.17 36.96
CA GLU F 122 -9.20 -23.39 38.13
C GLU F 122 -7.77 -22.88 37.89
N GLY F 123 -7.62 -21.56 37.89
CA GLY F 123 -6.31 -20.97 37.65
C GLY F 123 -6.03 -19.80 38.56
N ASP F 124 -4.77 -19.37 38.60
CA ASP F 124 -4.38 -18.26 39.45
C ASP F 124 -3.62 -17.16 38.70
N THR F 125 -3.39 -17.38 37.41
CA THR F 125 -2.70 -16.40 36.59
C THR F 125 -3.38 -16.28 35.22
N PHE F 126 -3.40 -15.07 34.68
CA PHE F 126 -4.25 -14.77 33.53
C PHE F 126 -3.58 -14.01 32.41
N PHE F 127 -4.05 -14.22 31.20
CA PHE F 127 -3.58 -13.47 30.05
C PHE F 127 -4.25 -12.10 30.13
N PRO F 128 -3.46 -11.04 30.27
CA PRO F 128 -4.02 -9.70 30.45
C PRO F 128 -5.03 -9.36 29.35
N GLU F 129 -6.04 -8.57 29.70
CA GLU F 129 -7.04 -8.11 28.74
C GLU F 129 -6.40 -7.40 27.57
N MET F 130 -7.02 -7.50 26.40
CA MET F 130 -6.54 -6.75 25.24
C MET F 130 -7.72 -6.25 24.43
N ASP F 131 -7.59 -5.01 23.94
CA ASP F 131 -8.59 -4.44 23.04
C ASP F 131 -8.42 -5.07 21.66
N MET F 132 -9.29 -6.03 21.32
CA MET F 132 -9.13 -6.80 20.10
C MET F 132 -9.65 -6.07 18.86
N THR F 133 -10.27 -4.91 19.05
CA THR F 133 -10.72 -4.12 17.91
C THR F 133 -9.55 -3.54 17.12
N ASN F 134 -8.37 -3.56 17.73
CA ASN F 134 -7.16 -3.19 17.03
C ASN F 134 -6.53 -4.34 16.26
N TRP F 135 -7.11 -5.53 16.41
CA TRP F 135 -6.54 -6.73 15.83
C TRP F 135 -7.41 -7.39 14.78
N LYS F 136 -6.76 -8.08 13.85
CA LYS F 136 -7.45 -8.73 12.75
C LYS F 136 -7.04 -10.20 12.67
N GLU F 137 -8.03 -11.11 12.64
CA GLU F 137 -7.73 -12.53 12.54
C GLU F 137 -7.21 -12.86 11.15
N VAL F 138 -6.05 -13.47 11.07
CA VAL F 138 -5.53 -13.91 9.77
C VAL F 138 -5.49 -15.41 9.58
N PHE F 139 -5.69 -16.15 10.68
CA PHE F 139 -5.74 -17.60 10.61
C PHE F 139 -6.49 -18.18 11.80
N VAL F 140 -7.23 -19.26 11.55
CA VAL F 140 -7.89 -19.99 12.60
C VAL F 140 -7.87 -21.48 12.25
N GLU F 141 -7.83 -22.33 13.26
CA GLU F 141 -7.86 -23.78 13.06
C GLU F 141 -8.30 -24.50 14.33
N LYS F 142 -9.25 -25.40 14.18
CA LYS F 142 -9.69 -26.23 15.29
C LYS F 142 -8.58 -27.20 15.63
N GLY F 143 -8.21 -27.24 16.91
CA GLY F 143 -7.21 -28.16 17.41
C GLY F 143 -7.73 -29.58 17.42
N LEU F 144 -6.81 -30.54 17.56
CA LEU F 144 -7.13 -31.96 17.57
C LEU F 144 -7.64 -32.35 18.96
N THR F 145 -8.90 -32.76 19.03
CA THR F 145 -9.50 -33.27 20.27
C THR F 145 -9.64 -34.79 20.20
N ASP F 146 -9.02 -35.49 21.14
CA ASP F 146 -9.04 -36.95 21.18
C ASP F 146 -8.67 -37.48 22.58
N GLU F 147 -8.35 -38.77 22.66
CA GLU F 147 -8.05 -39.42 23.95
C GLU F 147 -6.97 -38.68 24.75
N LYS F 148 -5.91 -38.28 24.05
CA LYS F 148 -4.78 -37.60 24.66
C LYS F 148 -4.97 -36.07 24.77
N ASN F 149 -5.99 -35.54 24.08
CA ASN F 149 -6.26 -34.10 24.11
C ASN F 149 -7.75 -33.87 24.35
N PRO F 150 -8.15 -33.96 25.62
CA PRO F 150 -9.58 -34.14 25.93
C PRO F 150 -10.46 -32.93 25.56
N TYR F 151 -9.96 -31.71 25.53
CA TYR F 151 -10.86 -30.57 25.33
C TYR F 151 -11.03 -30.11 23.90
N THR F 152 -12.03 -29.26 23.68
CA THR F 152 -12.16 -28.54 22.42
C THR F 152 -11.33 -27.24 22.45
N TYR F 153 -10.54 -27.00 21.41
CA TYR F 153 -9.69 -25.83 21.41
C TYR F 153 -9.36 -25.39 20.00
N TYR F 154 -8.95 -24.14 19.86
CA TYR F 154 -8.77 -23.53 18.55
C TYR F 154 -7.54 -22.65 18.52
N TYR F 155 -6.69 -22.82 17.51
CA TYR F 155 -5.61 -21.88 17.29
C TYR F 155 -6.12 -20.63 16.56
N HIS F 156 -5.78 -19.46 17.08
CA HIS F 156 -6.06 -18.19 16.42
C HIS F 156 -4.78 -17.41 16.24
N VAL F 157 -4.62 -16.82 15.07
CA VAL F 157 -3.53 -15.84 14.85
C VAL F 157 -4.08 -14.44 14.52
N TYR F 158 -3.49 -13.42 15.12
CA TYR F 158 -3.95 -12.05 14.94
C TYR F 158 -2.78 -11.13 14.60
N GLU F 159 -3.03 -10.17 13.71
CA GLU F 159 -2.09 -9.10 13.41
C GLU F 159 -2.70 -7.72 13.69
N LYS F 160 -1.87 -6.72 13.91
CA LYS F 160 -2.39 -5.37 14.12
C LYS F 160 -3.11 -4.90 12.85
N GLN F 161 -4.17 -4.14 13.04
CA GLN F 161 -4.94 -3.70 11.89
C GLN F 161 -4.68 -2.26 11.50
N GLN F 162 -4.79 -1.98 10.21
CA GLN F 162 -5.00 -0.61 9.67
C GLN F 162 -3.94 0.43 10.11
N LEU F 163 -4.29 1.70 10.35
CA LEU F 163 -5.64 2.27 10.23
C LEU F 163 -5.90 2.96 8.88
N VAL F 164 -7.14 3.36 8.68
CA VAL F 164 -7.52 4.15 7.53
C VAL F 164 -7.68 5.57 8.05
N PRO F 165 -6.94 6.53 7.45
CA PRO F 165 -6.99 7.96 7.84
C PRO F 165 -8.37 8.60 7.66
N ARG F 166 -8.69 9.57 8.52
CA ARG F 166 -9.95 10.31 8.47
C ARG F 166 -10.11 11.14 7.19
N MET G 1 31.21 31.12 9.35
CA MET G 1 31.13 29.67 9.20
C MET G 1 30.94 29.01 10.55
N ILE G 2 29.86 28.23 10.67
CA ILE G 2 29.56 27.54 11.92
C ILE G 2 30.26 26.20 11.97
N VAL G 3 31.11 26.03 12.97
CA VAL G 3 31.83 24.78 13.14
C VAL G 3 31.10 23.93 14.19
N SER G 4 30.52 22.83 13.74
CA SER G 4 29.69 22.02 14.60
C SER G 4 30.25 20.63 14.87
N PHE G 5 30.24 20.21 16.14
CA PHE G 5 30.57 18.84 16.48
C PHE G 5 29.31 17.98 16.36
N MET G 6 29.41 16.85 15.67
CA MET G 6 28.31 15.90 15.61
C MET G 6 28.81 14.63 16.29
N VAL G 7 28.19 14.27 17.39
CA VAL G 7 28.69 13.11 18.11
C VAL G 7 27.59 12.29 18.77
N ALA G 8 27.83 10.98 18.82
CA ALA G 8 26.96 10.11 19.61
C ALA G 8 27.86 9.39 20.61
N MET G 9 27.48 9.40 21.88
CA MET G 9 28.35 8.84 22.92
C MET G 9 27.55 8.27 24.09
N ASP G 10 28.17 7.38 24.85
CA ASP G 10 27.47 6.78 25.97
C ASP G 10 27.71 7.52 27.31
N GLU G 11 27.37 6.87 28.41
CA GLU G 11 27.42 7.53 29.72
C GLU G 11 28.83 7.89 30.11
N ASN G 12 29.81 7.20 29.53
CA ASN G 12 31.22 7.46 29.81
C ASN G 12 31.97 8.05 28.62
N ARG G 13 31.21 8.59 27.67
CA ARG G 13 31.78 9.30 26.53
C ARG G 13 32.41 8.36 25.52
N VAL G 14 32.08 7.08 25.60
CA VAL G 14 32.53 6.17 24.59
C VAL G 14 31.93 6.56 23.24
N ILE G 15 32.77 6.63 22.21
CA ILE G 15 32.28 6.91 20.87
C ILE G 15 32.68 5.82 19.87
N GLY G 16 33.38 4.81 20.35
CA GLY G 16 33.81 3.72 19.49
C GLY G 16 34.39 2.54 20.24
N LYS G 17 34.33 1.38 19.60
CA LYS G 17 34.95 0.16 20.08
C LYS G 17 35.57 -0.53 18.87
N ASP G 18 36.89 -0.70 18.91
CA ASP G 18 37.72 -1.03 17.74
C ASP G 18 37.12 -0.65 16.40
N ASN G 19 37.07 0.65 16.15
CA ASN G 19 36.61 1.24 14.89
C ASN G 19 35.10 1.47 14.78
N ASN G 20 34.29 0.54 15.31
CA ASN G 20 32.85 0.62 15.09
C ASN G 20 32.05 1.16 16.28
N LEU G 21 30.74 1.35 16.06
CA LEU G 21 29.83 1.77 17.13
C LEU G 21 29.42 0.57 17.96
N PRO G 22 29.56 0.67 19.29
CA PRO G 22 29.20 -0.43 20.19
C PRO G 22 27.69 -0.70 20.16
N TRP G 23 26.94 0.25 19.62
CA TRP G 23 25.49 0.14 19.59
C TRP G 23 24.98 0.20 18.15
N ARG G 24 23.74 -0.22 17.96
CA ARG G 24 23.13 -0.10 16.65
C ARG G 24 21.81 0.63 16.77
N LEU G 25 21.81 1.90 16.38
CA LEU G 25 20.62 2.73 16.49
C LEU G 25 20.34 3.39 15.15
N PRO G 26 19.67 2.66 14.24
CA PRO G 26 19.32 3.17 12.91
C PRO G 26 18.66 4.53 12.99
N SER G 27 17.78 4.70 13.97
CA SER G 27 17.08 5.97 14.14
C SER G 27 18.02 7.14 14.45
N GLU G 28 19.04 6.89 15.26
CA GLU G 28 20.09 7.88 15.55
C GLU G 28 20.77 8.33 14.26
N LEU G 29 21.20 7.34 13.47
CA LEU G 29 21.85 7.62 12.19
C LEU G 29 20.95 8.39 11.22
N GLN G 30 19.66 8.14 11.27
CA GLN G 30 18.71 8.89 10.46
C GLN G 30 18.65 10.35 10.93
N TYR G 31 18.80 10.56 12.22
CA TYR G 31 18.89 11.91 12.76
C TYR G 31 20.16 12.59 12.23
N VAL G 32 21.27 11.86 12.24
CA VAL G 32 22.51 12.40 11.70
C VAL G 32 22.29 12.83 10.26
N LYS G 33 21.67 11.95 9.47
CA LYS G 33 21.45 12.24 8.06
C LYS G 33 20.58 13.48 7.85
N LYS G 34 19.49 13.56 8.61
CA LYS G 34 18.59 14.70 8.51
C LYS G 34 19.29 15.99 8.89
N THR G 35 20.06 15.97 9.96
CA THR G 35 20.69 17.17 10.50
C THR G 35 21.82 17.72 9.61
N THR G 36 22.61 16.82 9.04
CA THR G 36 23.79 17.19 8.25
C THR G 36 23.52 17.37 6.76
N MET G 37 22.26 17.35 6.36
CA MET G 37 21.90 17.43 4.95
C MET G 37 22.33 18.75 4.32
N GLY G 38 23.11 18.66 3.24
CA GLY G 38 23.57 19.83 2.54
C GLY G 38 24.72 20.56 3.21
N HIS G 39 25.41 19.87 4.11
CA HIS G 39 26.56 20.44 4.82
C HIS G 39 27.70 19.44 4.81
N PRO G 40 28.93 19.96 4.81
CA PRO G 40 30.12 19.08 4.75
C PRO G 40 30.25 18.22 5.99
N LEU G 41 30.68 16.99 5.81
CA LEU G 41 31.03 16.11 6.92
C LEU G 41 32.53 16.04 6.98
N ILE G 42 33.10 16.40 8.13
CA ILE G 42 34.54 16.34 8.29
C ILE G 42 34.91 15.16 9.17
N MET G 43 35.69 14.23 8.65
CA MET G 43 36.06 13.06 9.46
C MET G 43 37.50 12.59 9.26
N GLY G 44 38.05 11.95 10.29
CA GLY G 44 39.37 11.36 10.17
C GLY G 44 39.33 10.13 9.27
N ARG G 45 40.51 9.69 8.83
CA ARG G 45 40.58 8.54 7.94
C ARG G 45 39.99 7.29 8.58
N LYS G 46 40.45 6.95 9.79
CA LYS G 46 39.94 5.77 10.50
C LYS G 46 38.41 5.80 10.57
N ASN G 47 37.88 6.96 10.94
CA ASN G 47 36.44 7.14 11.08
C ASN G 47 35.75 6.88 9.75
N TYR G 48 36.31 7.41 8.67
CA TYR G 48 35.70 7.22 7.36
C TYR G 48 35.74 5.75 6.95
N GLU G 49 36.82 5.07 7.28
CA GLU G 49 36.96 3.69 6.88
C GLU G 49 36.03 2.79 7.70
N ALA G 50 35.72 3.22 8.93
CA ALA G 50 34.79 2.48 9.78
C ALA G 50 33.38 2.52 9.19
N ILE G 51 33.07 3.61 8.49
CA ILE G 51 31.76 3.79 7.89
C ILE G 51 31.64 3.08 6.55
N GLY G 52 32.76 2.93 5.85
CA GLY G 52 32.80 2.12 4.64
C GLY G 52 32.57 2.84 3.33
N ARG G 53 31.63 3.78 3.30
CA ARG G 53 31.27 4.42 2.04
C ARG G 53 31.10 5.93 2.22
N PRO G 54 31.23 6.69 1.11
CA PRO G 54 30.86 8.11 1.18
C PRO G 54 29.38 8.23 1.51
N LEU G 55 29.06 9.06 2.49
CA LEU G 55 27.67 9.31 2.81
C LEU G 55 27.10 10.27 1.77
N PRO G 56 26.18 9.76 0.96
CA PRO G 56 25.63 10.50 -0.19
C PRO G 56 24.97 11.81 0.22
N GLY G 57 24.98 12.79 -0.68
CA GLY G 57 24.31 14.06 -0.46
C GLY G 57 25.11 15.09 0.34
N ARG G 58 26.35 14.76 0.67
CA ARG G 58 27.21 15.70 1.40
C ARG G 58 28.63 15.70 0.86
N ARG G 59 29.31 16.84 0.99
CA ARG G 59 30.76 16.86 0.80
C ARG G 59 31.35 16.04 1.92
N ASN G 60 31.96 14.92 1.56
CA ASN G 60 32.70 14.14 2.53
C ASN G 60 34.15 14.58 2.46
N ILE G 61 34.63 15.19 3.54
CA ILE G 61 36.01 15.65 3.60
C ILE G 61 36.78 14.81 4.61
N ILE G 62 37.79 14.10 4.12
CA ILE G 62 38.57 13.22 4.98
C ILE G 62 39.86 13.89 5.40
N VAL G 63 40.15 13.85 6.70
CA VAL G 63 41.30 14.54 7.24
C VAL G 63 42.40 13.55 7.57
N THR G 64 43.55 13.70 6.91
CA THR G 64 44.69 12.80 7.13
C THR G 64 46.02 13.53 6.85
N ARG G 65 47.04 13.18 7.63
CA ARG G 65 48.37 13.71 7.45
C ARG G 65 49.01 13.20 6.16
N ASN G 66 48.53 12.05 5.68
CA ASN G 66 49.08 11.39 4.51
C ASN G 66 48.77 12.14 3.20
N GLU G 67 49.80 12.78 2.63
CA GLU G 67 49.64 13.60 1.43
C GLU G 67 49.23 12.80 0.19
N GLY G 68 49.45 11.47 0.25
CA GLY G 68 49.14 10.61 -0.87
C GLY G 68 47.74 10.03 -0.84
N TYR G 69 47.10 10.14 0.31
CA TYR G 69 45.77 9.55 0.49
C TYR G 69 44.73 10.13 -0.46
N HIS G 70 44.04 9.25 -1.19
CA HIS G 70 42.91 9.65 -2.02
C HIS G 70 41.80 8.60 -1.95
N VAL G 71 40.56 9.06 -2.11
CA VAL G 71 39.44 8.14 -2.20
C VAL G 71 38.29 8.74 -3.01
N GLU G 72 37.81 7.98 -3.98
CA GLU G 72 36.82 8.46 -4.93
C GLU G 72 35.55 8.96 -4.24
N GLY G 73 35.04 10.09 -4.71
CA GLY G 73 33.82 10.66 -4.15
C GLY G 73 34.04 11.47 -2.88
N CYS G 74 35.30 11.54 -2.44
CA CYS G 74 35.66 12.31 -1.24
C CYS G 74 36.75 13.33 -1.53
N GLU G 75 36.73 14.44 -0.79
CA GLU G 75 37.87 15.35 -0.81
C GLU G 75 38.77 15.04 0.36
N VAL G 76 40.04 15.41 0.24
CA VAL G 76 40.99 15.13 1.31
C VAL G 76 41.70 16.41 1.77
N ALA G 77 41.74 16.62 3.07
CA ALA G 77 42.46 17.72 3.69
C ALA G 77 43.51 17.15 4.62
N HIS G 78 44.56 17.93 4.89
CA HIS G 78 45.70 17.44 5.65
C HIS G 78 45.95 18.29 6.88
N SER G 79 45.06 19.22 7.12
CA SER G 79 45.20 20.14 8.26
C SER G 79 43.91 20.92 8.45
N VAL G 80 43.77 21.53 9.62
CA VAL G 80 42.64 22.39 9.91
C VAL G 80 42.58 23.54 8.88
N GLU G 81 43.73 24.14 8.63
CA GLU G 81 43.85 25.21 7.67
C GLU G 81 43.24 24.77 6.32
N GLU G 82 43.60 23.59 5.85
CA GLU G 82 43.09 23.12 4.56
C GLU G 82 41.58 22.91 4.60
N VAL G 83 41.08 22.40 5.71
CA VAL G 83 39.64 22.21 5.87
C VAL G 83 38.93 23.56 5.77
N PHE G 84 39.44 24.56 6.48
CA PHE G 84 38.79 25.87 6.46
C PHE G 84 38.86 26.49 5.06
N GLU G 85 39.97 26.23 4.37
CA GLU G 85 40.10 26.70 2.99
C GLU G 85 39.04 26.04 2.12
N LEU G 86 38.98 24.71 2.17
CA LEU G 86 37.98 23.94 1.43
C LEU G 86 36.53 24.37 1.70
N CYS G 87 36.25 24.71 2.95
CA CYS G 87 34.89 25.07 3.35
C CYS G 87 34.72 26.57 3.45
N LYS G 88 35.59 27.26 2.74
CA LYS G 88 35.61 28.72 2.59
C LYS G 88 34.24 29.36 2.61
N ASN G 89 33.33 28.82 1.80
CA ASN G 89 32.04 29.45 1.58
C ASN G 89 30.87 28.78 2.33
N GLU G 90 31.17 27.74 3.11
CA GLU G 90 30.12 26.97 3.78
C GLU G 90 29.47 27.72 4.94
N GLU G 91 28.17 27.48 5.11
CA GLU G 91 27.41 28.09 6.18
C GLU G 91 27.66 27.34 7.50
N GLU G 92 27.81 26.02 7.40
CA GLU G 92 28.01 25.18 8.58
C GLU G 92 28.68 23.88 8.18
N ILE G 93 29.62 23.43 9.01
CA ILE G 93 30.26 22.13 8.80
C ILE G 93 30.17 21.26 10.05
N PHE G 94 30.22 19.95 9.86
CA PHE G 94 30.06 19.01 10.94
C PHE G 94 31.28 18.14 11.11
N ILE G 95 32.00 18.37 12.20
CA ILE G 95 33.13 17.53 12.56
C ILE G 95 32.55 16.23 13.03
N PHE G 96 32.82 15.18 12.26
CA PHE G 96 32.10 13.91 12.41
C PHE G 96 32.86 12.93 13.25
N GLY G 97 34.03 13.34 13.71
CA GLY G 97 34.72 12.52 14.69
C GLY G 97 35.94 11.78 14.23
N GLY G 98 36.35 10.89 15.13
CA GLY G 98 37.74 10.61 15.41
C GLY G 98 37.97 11.51 16.62
N ALA G 99 38.25 10.92 17.77
CA ALA G 99 38.58 11.69 18.97
C ALA G 99 39.61 12.77 18.65
N GLN G 100 40.65 12.39 17.92
CA GLN G 100 41.73 13.30 17.55
C GLN G 100 41.24 14.43 16.67
N ILE G 101 40.31 14.13 15.77
CA ILE G 101 39.71 15.13 14.90
C ILE G 101 38.91 16.17 15.72
N TYR G 102 38.21 15.70 16.75
CA TYR G 102 37.50 16.63 17.62
C TYR G 102 38.50 17.54 18.30
N ASP G 103 39.60 16.96 18.79
CA ASP G 103 40.64 17.75 19.43
C ASP G 103 41.20 18.85 18.51
N LEU G 104 41.42 18.52 17.24
CA LEU G 104 41.93 19.51 16.30
C LEU G 104 41.00 20.70 16.11
N PHE G 105 39.69 20.46 16.18
CA PHE G 105 38.73 21.53 15.89
C PHE G 105 38.17 22.20 17.14
N LEU G 106 38.58 21.71 18.29
CA LEU G 106 38.15 22.25 19.57
C LEU G 106 38.26 23.78 19.70
N PRO G 107 39.35 24.38 19.16
CA PRO G 107 39.50 25.82 19.35
C PRO G 107 38.52 26.62 18.52
N TYR G 108 37.82 25.95 17.61
CA TYR G 108 36.98 26.66 16.64
C TYR G 108 35.51 26.30 16.76
N VAL G 109 35.18 25.39 17.66
CA VAL G 109 33.83 24.85 17.69
C VAL G 109 32.81 25.90 18.15
N ASP G 110 31.67 25.93 17.47
CA ASP G 110 30.61 26.89 17.77
C ASP G 110 29.33 26.26 18.23
N LYS G 111 29.13 25.00 17.88
CA LYS G 111 27.85 24.34 18.13
C LYS G 111 28.08 22.86 18.40
N LEU G 112 27.33 22.31 19.35
CA LEU G 112 27.48 20.91 19.70
C LEU G 112 26.19 20.13 19.48
N TYR G 113 26.25 19.11 18.63
CA TYR G 113 25.13 18.18 18.46
C TYR G 113 25.53 16.87 19.07
N ILE G 114 25.01 16.60 20.26
CA ILE G 114 25.48 15.47 21.05
C ILE G 114 24.32 14.54 21.39
N THR G 115 24.41 13.30 20.92
CA THR G 115 23.46 12.26 21.28
C THR G 115 24.03 11.52 22.48
N LYS G 116 23.28 11.53 23.58
CA LYS G 116 23.71 10.88 24.81
C LYS G 116 22.94 9.57 25.00
N ILE G 117 23.65 8.46 24.92
CA ILE G 117 23.03 7.16 25.08
C ILE G 117 23.15 6.72 26.54
N HIS G 118 22.00 6.43 27.15
CA HIS G 118 21.94 6.10 28.56
C HIS G 118 22.31 4.65 28.88
N HIS G 119 23.55 4.28 28.59
CA HIS G 119 24.02 2.92 28.83
C HIS G 119 25.54 2.95 28.85
N ALA G 120 26.14 1.94 29.46
CA ALA G 120 27.60 1.85 29.55
C ALA G 120 28.12 0.70 28.69
N PHE G 121 28.72 1.03 27.56
CA PHE G 121 29.25 0.02 26.65
C PHE G 121 30.72 -0.24 26.90
N GLU G 122 31.27 -1.26 26.24
CA GLU G 122 32.71 -1.45 26.21
C GLU G 122 33.29 -0.68 25.04
N GLY G 123 34.15 0.29 25.32
CA GLY G 123 34.73 1.12 24.27
C GLY G 123 36.23 1.38 24.45
N ASP G 124 36.88 1.83 23.39
CA ASP G 124 38.31 2.14 23.47
C ASP G 124 38.66 3.57 23.01
N THR G 125 37.65 4.32 22.58
CA THR G 125 37.88 5.70 22.18
C THR G 125 36.75 6.60 22.72
N PHE G 126 37.09 7.85 23.06
CA PHE G 126 36.20 8.71 23.84
C PHE G 126 36.06 10.12 23.31
N PHE G 127 34.89 10.70 23.55
CA PHE G 127 34.67 12.10 23.23
C PHE G 127 35.35 12.92 24.30
N PRO G 128 36.34 13.74 23.91
CA PRO G 128 37.15 14.51 24.87
C PRO G 128 36.29 15.33 25.83
N GLU G 129 36.76 15.47 27.06
CA GLU G 129 36.07 16.29 28.06
C GLU G 129 35.83 17.71 27.56
N MET G 130 34.72 18.31 27.97
CA MET G 130 34.46 19.70 27.65
C MET G 130 33.83 20.40 28.84
N ASP G 131 34.28 21.62 29.08
CA ASP G 131 33.70 22.47 30.11
C ASP G 131 32.35 22.99 29.61
N MET G 132 31.27 22.40 30.09
CA MET G 132 29.94 22.70 29.57
C MET G 132 29.34 23.97 30.15
N THR G 133 30.01 24.58 31.12
CA THR G 133 29.51 25.84 31.67
C THR G 133 29.64 26.98 30.65
N ASN G 134 30.42 26.75 29.60
CA ASN G 134 30.52 27.71 28.50
C ASN G 134 29.39 27.52 27.47
N TRP G 135 28.60 26.46 27.66
CA TRP G 135 27.62 26.07 26.67
C TRP G 135 26.18 26.15 27.17
N LYS G 136 25.26 26.43 26.26
CA LYS G 136 23.85 26.56 26.58
C LYS G 136 22.98 25.64 25.72
N GLU G 137 22.13 24.86 26.36
CA GLU G 137 21.26 23.95 25.62
C GLU G 137 20.15 24.72 24.91
N VAL G 138 20.06 24.55 23.59
CA VAL G 138 19.01 25.21 22.82
C VAL G 138 17.95 24.23 22.30
N PHE G 139 18.25 22.94 22.35
CA PHE G 139 17.28 21.93 21.94
C PHE G 139 17.59 20.60 22.56
N VAL G 140 16.54 19.87 22.91
CA VAL G 140 16.66 18.51 23.41
C VAL G 140 15.48 17.68 22.88
N GLU G 141 15.70 16.38 22.70
CA GLU G 141 14.63 15.50 22.26
C GLU G 141 14.98 14.04 22.58
N LYS G 142 14.03 13.34 23.20
CA LYS G 142 14.23 11.92 23.46
C LYS G 142 14.19 11.16 22.15
N GLY G 143 15.20 10.33 21.94
CA GLY G 143 15.28 9.50 20.75
C GLY G 143 14.25 8.39 20.77
N LEU G 144 14.01 7.80 19.61
CA LEU G 144 13.07 6.69 19.48
C LEU G 144 13.71 5.40 20.00
N THR G 145 13.11 4.83 21.04
CA THR G 145 13.55 3.54 21.57
C THR G 145 12.51 2.47 21.22
N ASP G 146 12.94 1.42 20.53
CA ASP G 146 12.03 0.34 20.11
C ASP G 146 12.82 -0.92 19.77
N GLU G 147 12.18 -1.86 19.07
CA GLU G 147 12.81 -3.14 18.70
C GLU G 147 14.15 -2.95 17.99
N LYS G 148 14.19 -2.05 17.01
CA LYS G 148 15.39 -1.78 16.22
C LYS G 148 16.37 -0.78 16.88
N ASN G 149 15.94 -0.12 17.94
CA ASN G 149 16.77 0.87 18.65
C ASN G 149 16.65 0.64 20.14
N PRO G 150 17.38 -0.34 20.65
CA PRO G 150 17.10 -0.93 21.97
C PRO G 150 17.29 0.05 23.12
N TYR G 151 18.28 0.92 23.00
CA TYR G 151 18.69 1.75 24.12
C TYR G 151 17.89 3.04 24.25
N THR G 152 17.93 3.66 25.42
CA THR G 152 17.38 4.99 25.61
C THR G 152 18.48 6.02 25.31
N TYR G 153 18.12 7.09 24.62
CA TYR G 153 19.11 8.10 24.21
C TYR G 153 18.42 9.41 23.81
N TYR G 154 19.10 10.53 24.02
CA TYR G 154 18.54 11.86 23.79
C TYR G 154 19.43 12.72 22.88
N TYR G 155 18.81 13.50 22.01
CA TYR G 155 19.51 14.45 21.16
C TYR G 155 19.63 15.79 21.90
N HIS G 156 20.85 16.29 21.99
CA HIS G 156 21.09 17.60 22.62
C HIS G 156 21.74 18.55 21.63
N VAL G 157 21.27 19.79 21.58
CA VAL G 157 22.03 20.81 20.86
C VAL G 157 22.41 21.99 21.76
N TYR G 158 23.68 22.38 21.67
CA TYR G 158 24.23 23.45 22.48
C TYR G 158 24.87 24.55 21.63
N GLU G 159 24.79 25.79 22.12
CA GLU G 159 25.41 26.96 21.49
C GLU G 159 26.24 27.68 22.53
N LYS G 160 27.21 28.48 22.09
CA LYS G 160 28.04 29.23 23.03
C LYS G 160 27.18 30.03 23.98
N GLN G 161 27.44 29.86 25.28
CA GLN G 161 26.86 30.74 26.27
C GLN G 161 27.28 32.20 25.97
N GLN G 162 26.30 33.07 25.75
CA GLN G 162 26.59 34.50 25.59
C GLN G 162 26.80 35.10 26.97
N LEU G 163 27.93 35.78 27.18
CA LEU G 163 28.24 36.30 28.50
C LEU G 163 27.74 37.74 28.66
N VAL G 164 27.16 38.02 29.82
CA VAL G 164 26.79 39.38 30.18
C VAL G 164 28.02 40.03 30.80
N PRO G 165 28.33 41.27 30.38
CA PRO G 165 29.49 42.00 30.89
C PRO G 165 29.31 42.45 32.34
N ARG G 166 30.42 42.55 33.08
CA ARG G 166 30.41 42.96 34.49
C ARG G 166 29.93 44.41 34.68
N MET H 1 -26.34 -42.79 2.91
CA MET H 1 -26.07 -41.61 2.11
C MET H 1 -26.07 -40.33 2.95
N ILE H 2 -25.11 -39.46 2.63
CA ILE H 2 -24.93 -38.21 3.35
C ILE H 2 -25.59 -37.06 2.60
N VAL H 3 -26.57 -36.43 3.25
CA VAL H 3 -27.22 -35.26 2.67
C VAL H 3 -26.56 -33.99 3.22
N SER H 4 -25.89 -33.24 2.34
CA SER H 4 -25.14 -32.07 2.77
C SER H 4 -25.68 -30.75 2.21
N PHE H 5 -25.78 -29.74 3.08
CA PHE H 5 -26.09 -28.41 2.61
C PHE H 5 -24.79 -27.71 2.23
N MET H 6 -24.76 -27.09 1.06
CA MET H 6 -23.61 -26.28 0.66
C MET H 6 -24.12 -24.86 0.53
N VAL H 7 -23.61 -23.96 1.35
CA VAL H 7 -24.14 -22.60 1.30
C VAL H 7 -23.08 -21.53 1.56
N ALA H 8 -23.23 -20.41 0.88
CA ALA H 8 -22.48 -19.22 1.23
C ALA H 8 -23.47 -18.12 1.61
N MET H 9 -23.26 -17.51 2.77
CA MET H 9 -24.19 -16.50 3.24
C MET H 9 -23.51 -15.38 4.03
N ASP H 10 -24.17 -14.24 4.13
CA ASP H 10 -23.58 -13.11 4.86
C ASP H 10 -24.00 -13.08 6.33
N GLU H 11 -23.74 -11.96 7.01
CA GLU H 11 -24.01 -11.82 8.44
C GLU H 11 -25.48 -11.95 8.79
N ASN H 12 -26.35 -11.69 7.82
CA ASN H 12 -27.78 -11.80 8.02
C ASN H 12 -28.41 -12.93 7.20
N ARG H 13 -27.57 -13.89 6.80
CA ARG H 13 -28.03 -15.09 6.10
C ARG H 13 -28.48 -14.82 4.68
N VAL H 14 -28.13 -13.66 4.14
CA VAL H 14 -28.39 -13.40 2.74
C VAL H 14 -27.65 -14.41 1.86
N ILE H 15 -28.35 -15.01 0.92
CA ILE H 15 -27.72 -15.95 0.00
C ILE H 15 -27.94 -15.52 -1.44
N GLY H 16 -28.64 -14.40 -1.64
CA GLY H 16 -28.94 -13.94 -2.98
C GLY H 16 -29.56 -12.56 -3.05
N LYS H 17 -29.39 -11.92 -4.19
CA LYS H 17 -30.02 -10.64 -4.48
C LYS H 17 -30.35 -10.61 -5.97
N ASP H 18 -31.58 -10.30 -6.33
CA ASP H 18 -31.92 -10.17 -7.75
C ASP H 18 -31.38 -11.33 -8.59
N ASN H 19 -31.50 -12.55 -8.07
CA ASN H 19 -31.10 -13.74 -8.81
C ASN H 19 -29.60 -13.86 -9.08
N ASN H 20 -28.79 -13.34 -8.17
CA ASN H 20 -27.35 -13.55 -8.22
C ASN H 20 -26.71 -13.40 -6.83
N LEU H 21 -25.40 -13.62 -6.75
CA LEU H 21 -24.66 -13.42 -5.51
C LEU H 21 -24.29 -11.95 -5.37
N PRO H 22 -24.59 -11.36 -4.20
CA PRO H 22 -24.27 -9.94 -3.96
C PRO H 22 -22.76 -9.71 -3.92
N TRP H 23 -22.00 -10.79 -3.81
CA TRP H 23 -20.54 -10.68 -3.72
C TRP H 23 -19.87 -11.47 -4.83
N ARG H 24 -18.60 -11.19 -5.07
CA ARG H 24 -17.86 -11.96 -6.04
C ARG H 24 -16.59 -12.49 -5.39
N LEU H 25 -16.62 -13.78 -5.06
CA LEU H 25 -15.48 -14.39 -4.40
C LEU H 25 -15.07 -15.65 -5.17
N PRO H 26 -14.27 -15.48 -6.23
CA PRO H 26 -13.78 -16.57 -7.08
C PRO H 26 -13.20 -17.70 -6.23
N SER H 27 -12.43 -17.33 -5.21
CA SER H 27 -11.82 -18.33 -4.36
C SER H 27 -12.86 -19.19 -3.61
N GLU H 28 -13.94 -18.55 -3.16
CA GLU H 28 -15.03 -19.27 -2.50
C GLU H 28 -15.61 -20.32 -3.44
N LEU H 29 -15.85 -19.94 -4.70
CA LEU H 29 -16.42 -20.84 -5.69
C LEU H 29 -15.47 -22.00 -5.99
N GLN H 30 -14.17 -21.72 -5.92
CA GLN H 30 -13.16 -22.75 -6.12
C GLN H 30 -13.23 -23.75 -4.97
N TYR H 31 -13.55 -23.26 -3.77
CA TYR H 31 -13.75 -24.15 -2.63
C TYR H 31 -14.94 -25.05 -2.89
N VAL H 32 -16.02 -24.47 -3.41
CA VAL H 32 -17.22 -25.22 -3.74
C VAL H 32 -16.87 -26.32 -4.73
N LYS H 33 -16.11 -25.95 -5.76
CA LYS H 33 -15.74 -26.91 -6.79
C LYS H 33 -14.92 -28.06 -6.21
N LYS H 34 -13.94 -27.73 -5.38
CA LYS H 34 -13.08 -28.73 -4.77
C LYS H 34 -13.89 -29.66 -3.86
N THR H 35 -14.78 -29.09 -3.06
CA THR H 35 -15.53 -29.86 -2.06
C THR H 35 -16.57 -30.81 -2.69
N THR H 36 -17.22 -30.35 -3.77
CA THR H 36 -18.32 -31.11 -4.35
C THR H 36 -17.90 -32.02 -5.50
N MET H 37 -16.58 -32.17 -5.70
CA MET H 37 -16.06 -32.94 -6.82
C MET H 37 -16.47 -34.43 -6.74
N GLY H 38 -17.16 -34.90 -7.77
CA GLY H 38 -17.58 -36.28 -7.84
C GLY H 38 -18.83 -36.60 -7.04
N HIS H 39 -19.57 -35.55 -6.68
CA HIS H 39 -20.82 -35.73 -5.96
C HIS H 39 -21.90 -34.89 -6.65
N PRO H 40 -23.14 -35.36 -6.57
CA PRO H 40 -24.27 -34.67 -7.20
C PRO H 40 -24.49 -33.30 -6.58
N LEU H 41 -24.82 -32.32 -7.42
CA LEU H 41 -25.29 -31.02 -6.99
C LEU H 41 -26.79 -30.95 -7.13
N ILE H 42 -27.50 -30.67 -6.06
CA ILE H 42 -28.95 -30.56 -6.13
C ILE H 42 -29.38 -29.12 -6.02
N MET H 43 -30.03 -28.59 -7.05
CA MET H 43 -30.44 -27.19 -7.00
C MET H 43 -31.82 -26.92 -7.60
N GLY H 44 -32.50 -25.89 -7.09
CA GLY H 44 -33.75 -25.45 -7.69
C GLY H 44 -33.49 -24.93 -9.10
N ARG H 45 -34.51 -24.96 -9.96
CA ARG H 45 -34.36 -24.51 -11.34
C ARG H 45 -33.87 -23.06 -11.38
N LYS H 46 -34.53 -22.20 -10.62
CA LYS H 46 -34.10 -20.80 -10.47
C LYS H 46 -32.60 -20.74 -10.24
N ASN H 47 -32.17 -21.22 -9.07
CA ASN H 47 -30.75 -21.29 -8.71
C ASN H 47 -29.88 -21.75 -9.86
N TYR H 48 -30.33 -22.78 -10.57
CA TYR H 48 -29.57 -23.27 -11.70
C TYR H 48 -29.48 -22.23 -12.81
N GLU H 49 -30.58 -21.51 -13.04
CA GLU H 49 -30.60 -20.51 -14.10
C GLU H 49 -29.73 -19.30 -13.76
N ALA H 50 -29.61 -19.02 -12.47
CA ALA H 50 -28.74 -17.92 -12.00
C ALA H 50 -27.27 -18.23 -12.29
N ILE H 51 -26.92 -19.51 -12.32
CA ILE H 51 -25.55 -19.95 -12.55
C ILE H 51 -25.24 -20.03 -14.05
N GLY H 52 -26.28 -20.27 -14.85
CA GLY H 52 -26.20 -20.20 -16.30
C GLY H 52 -25.72 -21.46 -16.99
N ARG H 53 -24.63 -22.00 -16.46
CA ARG H 53 -23.94 -23.14 -17.05
C ARG H 53 -24.22 -24.38 -16.23
N PRO H 54 -23.64 -25.49 -16.64
CA PRO H 54 -23.64 -26.70 -15.81
C PRO H 54 -22.28 -26.81 -15.15
N LEU H 55 -22.28 -27.26 -13.90
CA LEU H 55 -21.04 -27.47 -13.18
C LEU H 55 -20.40 -28.76 -13.67
N PRO H 56 -19.53 -28.64 -14.68
CA PRO H 56 -18.88 -29.79 -15.29
C PRO H 56 -18.13 -30.63 -14.26
N GLY H 57 -18.31 -31.94 -14.33
CA GLY H 57 -17.67 -32.86 -13.41
C GLY H 57 -18.59 -33.39 -12.31
N ARG H 58 -19.86 -32.97 -12.35
CA ARG H 58 -20.85 -33.42 -11.36
C ARG H 58 -22.19 -33.71 -12.01
N ARG H 59 -22.96 -34.62 -11.41
CA ARG H 59 -24.36 -34.78 -11.73
C ARG H 59 -25.09 -33.52 -11.26
N ASN H 60 -25.64 -32.73 -12.19
CA ASN H 60 -26.27 -31.45 -11.82
C ASN H 60 -27.81 -31.45 -11.75
N ILE H 61 -28.36 -32.12 -10.73
CA ILE H 61 -29.79 -32.43 -10.64
C ILE H 61 -30.63 -31.22 -10.30
N ILE H 62 -31.53 -30.86 -11.22
CA ILE H 62 -32.40 -29.70 -11.04
C ILE H 62 -33.76 -30.11 -10.50
N VAL H 63 -34.20 -29.43 -9.44
CA VAL H 63 -35.46 -29.75 -8.77
C VAL H 63 -36.53 -28.74 -9.16
N THR H 64 -37.59 -29.23 -9.81
CA THR H 64 -38.71 -28.36 -10.20
C THR H 64 -40.02 -29.13 -10.25
N ARG H 65 -41.11 -28.44 -9.91
CA ARG H 65 -42.44 -29.04 -9.92
C ARG H 65 -42.92 -29.30 -11.34
N ASN H 66 -42.33 -28.55 -12.28
CA ASN H 66 -42.69 -28.59 -13.70
C ASN H 66 -42.29 -29.91 -14.38
N CYS H 74 -28.20 -32.02 -17.78
CA CYS H 74 -28.72 -32.07 -16.42
C CYS H 74 -29.83 -33.11 -16.29
N GLU H 75 -29.96 -33.68 -15.09
CA GLU H 75 -31.13 -34.50 -14.78
C GLU H 75 -32.16 -33.63 -14.06
N VAL H 76 -33.42 -34.03 -14.14
CA VAL H 76 -34.48 -33.28 -13.49
C VAL H 76 -35.29 -34.15 -12.51
N ALA H 77 -35.48 -33.64 -11.30
CA ALA H 77 -36.32 -34.30 -10.31
C ALA H 77 -37.46 -33.37 -9.94
N HIS H 78 -38.57 -33.93 -9.47
CA HIS H 78 -39.77 -33.14 -9.21
C HIS H 78 -40.22 -33.27 -7.75
N SER H 79 -39.39 -33.91 -6.94
CA SER H 79 -39.71 -34.11 -5.54
C SER H 79 -38.49 -34.65 -4.80
N VAL H 80 -38.56 -34.61 -3.47
CA VAL H 80 -37.51 -35.16 -2.63
C VAL H 80 -37.36 -36.67 -2.92
N GLU H 81 -38.48 -37.38 -2.95
CA GLU H 81 -38.44 -38.82 -3.24
C GLU H 81 -37.74 -39.11 -4.57
N GLU H 82 -38.01 -38.30 -5.59
CA GLU H 82 -37.33 -38.51 -6.88
C GLU H 82 -35.83 -38.27 -6.76
N VAL H 83 -35.45 -37.24 -6.01
CA VAL H 83 -34.03 -36.96 -5.79
C VAL H 83 -33.36 -38.13 -5.09
N PHE H 84 -34.01 -38.66 -4.04
CA PHE H 84 -33.44 -39.77 -3.29
C PHE H 84 -33.38 -41.04 -4.15
N GLU H 85 -34.36 -41.18 -5.05
CA GLU H 85 -34.35 -42.29 -5.99
C GLU H 85 -33.16 -42.15 -6.94
N LEU H 86 -33.04 -40.99 -7.56
CA LEU H 86 -31.93 -40.72 -8.47
C LEU H 86 -30.54 -40.94 -7.82
N CYS H 87 -30.40 -40.56 -6.56
CA CYS H 87 -29.12 -40.64 -5.88
C CYS H 87 -29.05 -41.88 -4.97
N GLU H 90 -25.49 -42.95 -4.20
CA GLU H 90 -24.49 -41.92 -3.92
C GLU H 90 -24.04 -41.96 -2.46
N GLU H 91 -22.77 -41.63 -2.22
CA GLU H 91 -22.26 -41.60 -0.85
C GLU H 91 -22.51 -40.25 -0.18
N GLU H 92 -22.65 -39.20 -1.00
CA GLU H 92 -22.93 -37.85 -0.50
C GLU H 92 -23.49 -36.95 -1.60
N ILE H 93 -24.53 -36.19 -1.27
CA ILE H 93 -25.08 -35.21 -2.19
C ILE H 93 -25.09 -33.81 -1.55
N PHE H 94 -25.08 -32.79 -2.40
CA PHE H 94 -24.95 -31.42 -1.93
C PHE H 94 -26.15 -30.63 -2.37
N ILE H 95 -26.99 -30.28 -1.41
CA ILE H 95 -28.10 -29.39 -1.66
C ILE H 95 -27.54 -27.99 -1.88
N PHE H 96 -27.65 -27.48 -3.10
CA PHE H 96 -26.88 -26.31 -3.53
C PHE H 96 -27.70 -25.06 -3.44
N GLY H 97 -28.94 -25.21 -3.02
CA GLY H 97 -29.71 -24.04 -2.69
C GLY H 97 -30.85 -23.67 -3.59
N GLY H 98 -31.31 -22.45 -3.34
CA GLY H 98 -32.71 -22.09 -3.41
C GLY H 98 -33.13 -22.24 -1.95
N ALA H 99 -33.50 -21.13 -1.32
CA ALA H 99 -34.03 -21.17 0.04
C ALA H 99 -35.02 -22.30 0.20
N GLN H 100 -35.93 -22.41 -0.77
CA GLN H 100 -37.04 -23.38 -0.71
C GLN H 100 -36.52 -24.80 -0.81
N ILE H 101 -35.49 -25.00 -1.63
CA ILE H 101 -34.82 -26.28 -1.76
C ILE H 101 -34.14 -26.69 -0.45
N TYR H 102 -33.53 -25.75 0.27
CA TYR H 102 -32.99 -26.07 1.59
C TYR H 102 -34.11 -26.55 2.48
N ASP H 103 -35.25 -25.87 2.46
CA ASP H 103 -36.39 -26.21 3.32
C ASP H 103 -36.90 -27.63 3.03
N LEU H 104 -36.94 -27.99 1.75
CA LEU H 104 -37.37 -29.34 1.39
C LEU H 104 -36.48 -30.41 1.97
N PHE H 105 -35.18 -30.16 2.05
CA PHE H 105 -34.25 -31.21 2.48
C PHE H 105 -33.83 -31.12 3.93
N LEU H 106 -34.36 -30.11 4.62
CA LEU H 106 -34.09 -29.91 6.04
C LEU H 106 -34.30 -31.18 6.90
N PRO H 107 -35.37 -31.95 6.64
CA PRO H 107 -35.61 -33.09 7.54
C PRO H 107 -34.54 -34.18 7.40
N TYR H 108 -33.71 -34.09 6.36
CA TYR H 108 -32.83 -35.19 6.03
C TYR H 108 -31.37 -34.78 6.13
N VAL H 109 -31.12 -33.52 6.46
CA VAL H 109 -29.75 -33.01 6.35
C VAL H 109 -28.83 -33.65 7.38
N ASP H 110 -27.62 -34.01 6.96
CA ASP H 110 -26.66 -34.64 7.86
C ASP H 110 -25.41 -33.81 8.10
N LYS H 111 -25.11 -32.92 7.17
CA LYS H 111 -23.84 -32.21 7.22
C LYS H 111 -24.02 -30.81 6.64
N LEU H 112 -23.40 -29.82 7.29
CA LEU H 112 -23.49 -28.44 6.83
C LEU H 112 -22.15 -27.88 6.40
N TYR H 113 -22.07 -27.44 5.14
CA TYR H 113 -20.89 -26.70 4.64
C TYR H 113 -21.30 -25.25 4.44
N ILE H 114 -20.96 -24.40 5.41
CA ILE H 114 -21.45 -23.04 5.41
C ILE H 114 -20.30 -22.06 5.34
N THR H 115 -20.27 -21.24 4.28
CA THR H 115 -19.32 -20.15 4.20
C THR H 115 -20.01 -18.93 4.79
N LYS H 116 -19.40 -18.37 5.83
CA LYS H 116 -19.91 -17.16 6.46
C LYS H 116 -19.08 -15.92 6.01
N ILE H 117 -19.72 -15.02 5.28
CA ILE H 117 -19.07 -13.79 4.83
C ILE H 117 -19.34 -12.66 5.84
N HIS H 118 -18.26 -12.10 6.36
CA HIS H 118 -18.35 -11.08 7.40
C HIS H 118 -18.66 -9.69 6.86
N HIS H 119 -19.86 -9.52 6.33
CA HIS H 119 -20.29 -8.26 5.75
C HIS H 119 -21.80 -8.29 5.59
N ALA H 120 -22.43 -7.13 5.52
CA ALA H 120 -23.88 -7.04 5.37
C ALA H 120 -24.26 -6.52 3.99
N PHE H 121 -24.76 -7.41 3.12
CA PHE H 121 -25.12 -7.03 1.77
C PHE H 121 -26.60 -6.72 1.67
N GLU H 122 -27.00 -6.25 0.50
CA GLU H 122 -28.38 -6.10 0.13
C GLU H 122 -28.84 -7.43 -0.45
N GLY H 123 -29.84 -8.05 0.15
CA GLY H 123 -30.34 -9.32 -0.36
C GLY H 123 -31.85 -9.48 -0.26
N ASP H 124 -32.39 -10.45 -1.00
CA ASP H 124 -33.83 -10.67 -0.99
C ASP H 124 -34.18 -12.14 -0.68
N THR H 125 -33.17 -12.98 -0.54
CA THR H 125 -33.41 -14.38 -0.21
C THR H 125 -32.40 -14.86 0.83
N PHE H 126 -32.83 -15.75 1.71
CA PHE H 126 -32.07 -16.06 2.93
C PHE H 126 -31.92 -17.53 3.24
N PHE H 127 -30.81 -17.88 3.87
CA PHE H 127 -30.63 -19.23 4.38
C PHE H 127 -31.50 -19.39 5.63
N PRO H 128 -32.46 -20.32 5.59
CA PRO H 128 -33.43 -20.47 6.69
C PRO H 128 -32.71 -20.65 8.03
N GLU H 129 -33.31 -20.14 9.09
CA GLU H 129 -32.78 -20.33 10.44
C GLU H 129 -32.56 -21.81 10.76
N MET H 130 -31.57 -22.09 11.60
CA MET H 130 -31.35 -23.46 12.05
C MET H 130 -30.91 -23.44 13.50
N ASP H 131 -31.41 -24.40 14.26
CA ASP H 131 -30.99 -24.58 15.65
C ASP H 131 -29.62 -25.24 15.67
N MET H 132 -28.58 -24.44 15.90
CA MET H 132 -27.21 -24.95 15.78
C MET H 132 -26.76 -25.75 17.01
N THR H 133 -27.58 -25.77 18.06
CA THR H 133 -27.21 -26.54 19.25
C THR H 133 -27.25 -28.04 18.95
N ASN H 134 -27.90 -28.40 17.85
CA ASN H 134 -27.92 -29.77 17.37
C ASN H 134 -26.70 -30.10 16.49
N TRP H 135 -25.83 -29.11 16.31
CA TRP H 135 -24.71 -29.25 15.37
C TRP H 135 -23.35 -29.02 16.01
N LYS H 136 -22.34 -29.71 15.48
CA LYS H 136 -20.99 -29.65 16.00
C LYS H 136 -20.00 -29.27 14.90
N GLU H 137 -19.19 -28.25 15.16
CA GLU H 137 -18.19 -27.84 14.18
C GLU H 137 -17.03 -28.82 14.13
N VAL H 138 -16.75 -29.36 12.96
CA VAL H 138 -15.65 -30.30 12.80
C VAL H 138 -14.51 -29.70 12.00
N PHE H 139 -14.76 -28.58 11.31
CA PHE H 139 -13.70 -27.92 10.54
C PHE H 139 -14.01 -26.45 10.34
N VAL H 140 -12.96 -25.63 10.39
CA VAL H 140 -13.09 -24.21 10.10
C VAL H 140 -11.83 -23.73 9.40
N GLU H 141 -12.00 -22.77 8.50
CA GLU H 141 -10.85 -22.21 7.79
C GLU H 141 -11.16 -20.82 7.27
N LYS H 142 -10.24 -19.89 7.53
CA LYS H 142 -10.38 -18.54 7.02
C LYS H 142 -10.14 -18.56 5.53
N GLY H 143 -11.10 -18.00 4.79
CA GLY H 143 -11.00 -17.89 3.34
C GLY H 143 -9.92 -16.91 2.93
N LEU H 144 -9.52 -16.97 1.67
CA LEU H 144 -8.52 -16.08 1.12
C LEU H 144 -9.14 -14.73 0.77
N THR H 145 -8.68 -13.69 1.45
CA THR H 145 -9.10 -12.32 1.18
C THR H 145 -7.97 -11.58 0.46
N ASP H 146 -8.25 -11.03 -0.71
CA ASP H 146 -7.26 -10.31 -1.52
C ASP H 146 -7.95 -9.44 -2.57
N GLU H 147 -7.19 -8.97 -3.57
CA GLU H 147 -7.72 -8.09 -4.60
C GLU H 147 -8.97 -8.62 -5.29
N LYS H 148 -8.93 -9.89 -5.66
CA LYS H 148 -10.06 -10.55 -6.32
C LYS H 148 -11.15 -11.06 -5.37
N ASN H 149 -10.85 -11.14 -4.07
CA ASN H 149 -11.81 -11.60 -3.05
C ASN H 149 -11.85 -10.62 -1.88
N PRO H 150 -12.58 -9.53 -2.07
CA PRO H 150 -12.43 -8.35 -1.23
C PRO H 150 -12.84 -8.60 0.21
N TYR H 151 -13.90 -9.37 0.38
CA TYR H 151 -14.51 -9.57 1.69
C TYR H 151 -13.79 -10.60 2.56
N THR H 152 -14.03 -10.51 3.86
CA THR H 152 -13.53 -11.49 4.80
C THR H 152 -14.59 -12.59 4.96
N TYR H 153 -14.14 -13.85 4.93
CA TYR H 153 -15.06 -14.99 4.98
C TYR H 153 -14.43 -16.30 5.50
N TYR H 154 -15.28 -17.19 5.97
CA TYR H 154 -14.82 -18.41 6.63
C TYR H 154 -15.60 -19.66 6.20
N TYR H 155 -14.87 -20.72 5.88
CA TYR H 155 -15.50 -21.99 5.66
C TYR H 155 -15.78 -22.68 7.00
N HIS H 156 -17.03 -23.12 7.19
CA HIS H 156 -17.40 -23.92 8.37
C HIS H 156 -18.01 -25.21 7.91
N VAL H 157 -17.65 -26.29 8.58
CA VAL H 157 -18.28 -27.58 8.35
C VAL H 157 -18.87 -28.08 9.67
N TYR H 158 -20.12 -28.51 9.63
CA TYR H 158 -20.79 -29.00 10.82
C TYR H 158 -21.33 -30.40 10.61
N GLU H 159 -21.40 -31.17 11.68
CA GLU H 159 -22.05 -32.48 11.66
C GLU H 159 -22.98 -32.62 12.87
N LYS H 160 -23.86 -33.60 12.81
CA LYS H 160 -24.79 -33.83 13.90
C LYS H 160 -24.00 -33.99 15.19
N GLN H 161 -24.46 -33.33 16.25
CA GLN H 161 -23.97 -33.66 17.57
C GLN H 161 -24.55 -35.05 17.89
N GLN H 162 -23.73 -35.94 18.45
CA GLN H 162 -24.22 -37.25 18.85
C GLN H 162 -24.91 -37.12 20.20
N LEU H 163 -26.00 -37.85 20.38
CA LEU H 163 -26.82 -37.70 21.58
C LEU H 163 -26.17 -38.45 22.74
N VAL H 164 -26.01 -37.76 23.86
CA VAL H 164 -25.54 -38.40 25.09
C VAL H 164 -26.77 -38.75 25.94
N PRO H 165 -27.10 -40.05 26.03
CA PRO H 165 -28.36 -40.42 26.70
C PRO H 165 -28.40 -39.94 28.13
N ARG H 166 -29.60 -39.70 28.65
CA ARG H 166 -29.77 -39.33 30.05
C ARG H 166 -29.96 -40.60 30.86
#